data_3DZF
#
_entry.id   3DZF
#
_cell.length_a   41.746
_cell.length_b   96.156
_cell.length_c   103.605
_cell.angle_alpha   79.48
_cell.angle_beta   82.72
_cell.angle_gamma   86.78
#
_symmetry.space_group_name_H-M   'P 1'
#
loop_
_entity.id
_entity.type
_entity.pdbx_description
1 polymer 'ADP-ribosyl cyclase 1'
2 non-polymer 2-deoxy-2-fluoro-5-O-phosphono-alpha-D-arabinofuranose
3 water water
#
_entity_poly.entity_id   1
_entity_poly.type   'polypeptide(L)'
_entity_poly.pdbx_seq_one_letter_code
;KREAEARWRQTWSGPGTTKRFPETVLARCVKYTEIHPEMRHVDCQSVWDAFKGAFISKHPCDITEEDYQPLMKLGTQTVP
CNKILLWSRIKDLAHQFTQVQRDMFTLEDTLLGYLADDLTWCGEFDTSKINYQSCPDWRKDCSNNPVSVFWKTVSRRFAE
AACDVVHVMLDGSRSKIFDKDSTFGSVEVHNLQPEKVQTLEAWVIHGGREDSRDLCQDPTIKELESIISKRNIQFSCKNI
YRPDKFLQCVKNPEDSSCTSEI
;
_entity_poly.pdbx_strand_id   A,B,C,D,E,F
#
loop_
_chem_comp.id
_chem_comp.type
_chem_comp.name
_chem_comp.formula
RF5 D-saccharide, alpha linking 2-deoxy-2-fluoro-5-O-phosphono-alpha-D-arabinofuranose 'C5 H10 F O7 P'
#
# COMPACT_ATOMS: atom_id res chain seq x y z
N ARG A 7 -49.62 -5.24 25.85
CA ARG A 7 -49.07 -4.06 26.57
C ARG A 7 -48.44 -3.04 25.62
N TRP A 8 -48.68 -1.79 26.01
CA TRP A 8 -48.23 -0.63 25.28
C TRP A 8 -46.95 -0.12 25.88
N ARG A 9 -46.74 -0.44 27.16
CA ARG A 9 -45.31 -0.22 27.80
C ARG A 9 -44.45 -1.38 28.44
N GLN A 10 -43.26 -1.68 27.89
CA GLN A 10 -42.47 -2.80 28.39
C GLN A 10 -41.81 -2.59 29.77
N THR A 11 -41.49 -3.69 30.44
CA THR A 11 -40.90 -3.69 31.77
C THR A 11 -39.55 -3.13 31.65
N TRP A 12 -38.80 -3.59 30.63
CA TRP A 12 -37.40 -3.20 30.48
C TRP A 12 -37.19 -2.31 29.25
N SER A 13 -36.01 -1.72 29.17
CA SER A 13 -35.67 -0.77 28.14
C SER A 13 -35.02 -1.34 26.88
N GLY A 14 -34.62 -2.62 26.89
CA GLY A 14 -33.81 -3.09 25.78
C GLY A 14 -34.64 -4.00 24.88
N PRO A 15 -34.12 -4.36 23.69
CA PRO A 15 -34.90 -5.36 22.91
C PRO A 15 -35.20 -6.66 23.70
N GLY A 16 -36.34 -7.25 23.41
CA GLY A 16 -36.77 -8.51 24.02
C GLY A 16 -36.04 -9.71 23.40
N THR A 17 -36.29 -10.87 23.98
CA THR A 17 -35.60 -12.06 23.55
C THR A 17 -35.86 -12.28 22.06
N THR A 18 -34.84 -12.58 21.26
CA THR A 18 -35.04 -12.80 19.84
C THR A 18 -36.19 -13.81 19.54
N LYS A 19 -37.06 -13.51 18.58
CA LYS A 19 -38.10 -14.48 18.31
C LYS A 19 -37.49 -15.83 17.98
N ARG A 20 -38.10 -16.88 18.49
CA ARG A 20 -37.67 -18.25 18.16
C ARG A 20 -36.32 -18.58 18.71
N PHE A 21 -35.88 -17.81 19.69
CA PHE A 21 -34.58 -17.99 20.34
C PHE A 21 -34.21 -19.42 20.64
N PRO A 22 -35.10 -20.18 21.26
CA PRO A 22 -34.62 -21.54 21.66
C PRO A 22 -34.40 -22.44 20.42
N GLU A 23 -35.25 -22.26 19.43
CA GLU A 23 -35.04 -23.00 18.19
C GLU A 23 -33.71 -22.59 17.53
N THR A 24 -33.39 -21.30 17.53
CA THR A 24 -32.24 -20.82 16.85
C THR A 24 -31.03 -21.37 17.58
N VAL A 25 -31.04 -21.30 18.91
CA VAL A 25 -29.88 -21.75 19.67
C VAL A 25 -29.69 -23.19 19.35
N LEU A 26 -30.77 -23.91 19.37
CA LEU A 26 -30.72 -25.33 19.11
C LEU A 26 -30.21 -25.69 17.70
N ALA A 27 -30.70 -25.04 16.66
CA ALA A 27 -30.26 -25.34 15.30
C ALA A 27 -28.81 -24.89 15.12
N ARG A 28 -28.42 -23.86 15.85
CA ARG A 28 -27.00 -23.45 15.89
C ARG A 28 -26.07 -24.49 16.38
N CYS A 29 -26.40 -25.06 17.50
CA CYS A 29 -25.59 -26.06 18.10
C CYS A 29 -25.51 -27.27 17.18
N VAL A 30 -26.66 -27.80 16.73
CA VAL A 30 -26.61 -29.00 15.93
C VAL A 30 -25.69 -28.71 14.75
N LYS A 31 -25.91 -27.56 14.12
CA LYS A 31 -25.09 -27.19 13.02
C LYS A 31 -23.65 -27.06 13.41
N TYR A 32 -23.36 -26.43 14.55
CA TYR A 32 -21.95 -26.26 14.87
C TYR A 32 -21.23 -27.58 15.02
N THR A 33 -21.84 -28.49 15.76
CA THR A 33 -21.18 -29.70 16.21
C THR A 33 -21.19 -30.76 15.12
N GLU A 34 -21.89 -30.48 14.02
CA GLU A 34 -21.79 -31.34 12.83
C GLU A 34 -20.58 -30.97 12.00
N ILE A 35 -20.34 -29.69 11.90
CA ILE A 35 -19.20 -29.15 11.21
C ILE A 35 -17.85 -29.35 11.94
N HIS A 36 -17.82 -29.09 13.24
CA HIS A 36 -16.62 -29.26 14.05
C HIS A 36 -16.43 -30.64 14.71
N PRO A 37 -15.51 -31.45 14.15
CA PRO A 37 -15.38 -32.76 14.75
C PRO A 37 -14.92 -32.72 16.23
N GLU A 38 -14.27 -31.65 16.69
CA GLU A 38 -13.88 -31.68 18.10
C GLU A 38 -15.12 -31.65 19.02
N MET A 39 -16.12 -30.88 18.65
CA MET A 39 -17.36 -30.80 19.42
C MET A 39 -18.45 -31.86 19.15
N ARG A 40 -18.08 -33.00 18.53
CA ARG A 40 -19.07 -34.10 18.30
C ARG A 40 -19.63 -34.75 19.56
N HIS A 41 -18.87 -34.74 20.64
CA HIS A 41 -19.34 -35.38 21.88
C HIS A 41 -20.48 -34.54 22.51
N VAL A 42 -20.70 -33.32 22.01
CA VAL A 42 -21.75 -32.42 22.58
C VAL A 42 -23.22 -32.80 22.26
N ASP A 43 -24.00 -32.87 23.33
CA ASP A 43 -25.42 -33.19 23.31
C ASP A 43 -26.17 -31.87 23.23
N CYS A 44 -26.69 -31.52 22.08
CA CYS A 44 -27.25 -30.19 21.90
C CYS A 44 -28.47 -29.87 22.80
N GLN A 45 -29.23 -30.91 23.18
CA GLN A 45 -30.33 -30.70 24.11
C GLN A 45 -29.83 -30.37 25.50
N SER A 46 -28.76 -31.04 25.92
CA SER A 46 -28.06 -30.67 27.13
C SER A 46 -27.55 -29.20 27.10
N VAL A 47 -27.01 -28.79 25.97
CA VAL A 47 -26.48 -27.43 25.89
C VAL A 47 -27.64 -26.46 26.16
N TRP A 48 -28.73 -26.65 25.43
CA TRP A 48 -29.86 -25.74 25.49
C TRP A 48 -30.34 -25.76 26.92
N ASP A 49 -30.42 -26.92 27.54
CA ASP A 49 -30.96 -26.94 28.91
C ASP A 49 -30.04 -26.20 29.85
N ALA A 50 -28.74 -26.28 29.64
CA ALA A 50 -27.82 -25.57 30.48
C ALA A 50 -27.91 -24.06 30.23
N PHE A 51 -28.02 -23.67 28.96
CA PHE A 51 -28.21 -22.29 28.60
C PHE A 51 -29.46 -21.74 29.31
N LYS A 52 -30.63 -22.38 29.06
CA LYS A 52 -31.91 -22.02 29.72
C LYS A 52 -31.73 -21.88 31.20
N GLY A 53 -31.08 -22.86 31.78
CA GLY A 53 -31.00 -22.93 33.21
C GLY A 53 -30.29 -21.71 33.72
N ALA A 54 -29.43 -21.07 32.91
CA ALA A 54 -28.68 -19.88 33.37
C ALA A 54 -29.56 -18.65 33.65
N PHE A 55 -30.71 -18.58 32.99
CA PHE A 55 -31.48 -17.35 33.10
C PHE A 55 -32.98 -17.54 33.31
N ILE A 56 -33.50 -18.72 33.04
CA ILE A 56 -34.95 -18.96 33.22
C ILE A 56 -35.31 -18.95 34.68
N SER A 57 -36.47 -18.39 35.06
CA SER A 57 -36.85 -18.18 36.49
C SER A 57 -35.91 -17.42 37.44
N LYS A 58 -35.01 -16.62 36.87
CA LYS A 58 -34.02 -15.83 37.60
C LYS A 58 -34.39 -14.39 37.29
N HIS A 59 -34.14 -13.45 38.18
CA HIS A 59 -34.41 -12.05 37.87
C HIS A 59 -33.33 -11.67 36.89
N PRO A 60 -33.67 -10.98 35.81
CA PRO A 60 -32.75 -10.68 34.73
C PRO A 60 -31.74 -9.50 35.08
N CYS A 61 -31.85 -8.95 36.29
CA CYS A 61 -30.81 -8.09 36.86
C CYS A 61 -29.99 -8.77 37.96
N ASP A 62 -30.18 -10.07 38.18
CA ASP A 62 -29.32 -10.70 39.17
C ASP A 62 -28.69 -11.96 38.62
N ILE A 63 -28.14 -11.91 37.41
CA ILE A 63 -27.46 -13.00 36.81
C ILE A 63 -26.03 -12.92 37.25
N THR A 64 -25.48 -14.09 37.59
CA THR A 64 -24.05 -14.16 37.92
C THR A 64 -23.35 -15.03 36.92
N GLU A 65 -22.05 -14.92 36.89
CA GLU A 65 -21.25 -15.91 36.14
C GLU A 65 -21.42 -17.32 36.66
N GLU A 66 -21.73 -17.51 37.92
CA GLU A 66 -22.01 -18.89 38.28
C GLU A 66 -23.17 -19.46 37.54
N ASP A 67 -24.20 -18.66 37.32
CA ASP A 67 -25.41 -19.16 36.60
C ASP A 67 -25.03 -19.76 35.26
N TYR A 68 -23.90 -19.38 34.71
CA TYR A 68 -23.54 -19.87 33.36
C TYR A 68 -22.55 -20.99 33.39
N GLN A 69 -22.16 -21.40 34.59
CA GLN A 69 -21.13 -22.41 34.71
C GLN A 69 -21.48 -23.71 34.01
N PRO A 70 -22.75 -24.19 34.17
CA PRO A 70 -23.09 -25.42 33.50
C PRO A 70 -22.97 -25.34 31.95
N LEU A 71 -23.36 -24.21 31.38
CA LEU A 71 -23.26 -24.01 29.93
C LEU A 71 -21.77 -23.95 29.61
N MET A 72 -20.98 -23.22 30.39
CA MET A 72 -19.52 -23.14 30.14
C MET A 72 -18.89 -24.54 30.19
N LYS A 73 -19.29 -25.34 31.18
CA LYS A 73 -18.73 -26.67 31.26
C LYS A 73 -19.04 -27.57 30.04
N LEU A 74 -20.29 -27.67 29.63
CA LEU A 74 -20.67 -28.37 28.41
C LEU A 74 -19.98 -27.81 27.12
N GLY A 75 -19.68 -26.53 27.06
CA GLY A 75 -19.13 -25.97 25.77
C GLY A 75 -17.65 -25.69 25.81
N THR A 76 -16.98 -26.29 26.81
CA THR A 76 -15.54 -26.46 26.95
C THR A 76 -14.97 -26.86 25.60
N GLN A 77 -14.03 -26.07 25.08
CA GLN A 77 -13.52 -26.31 23.75
C GLN A 77 -12.05 -25.87 23.76
N THR A 78 -11.13 -26.68 23.25
CA THR A 78 -9.75 -26.14 23.06
C THR A 78 -9.69 -25.52 21.66
N VAL A 79 -9.24 -24.30 21.57
CA VAL A 79 -9.00 -23.69 20.26
C VAL A 79 -7.52 -23.40 20.22
N PRO A 80 -6.92 -23.44 19.02
CA PRO A 80 -5.48 -23.24 18.96
C PRO A 80 -5.12 -21.92 19.65
N CYS A 81 -4.38 -21.98 20.72
CA CYS A 81 -4.23 -20.76 21.56
C CYS A 81 -3.48 -19.61 20.86
N ASN A 82 -2.63 -19.99 19.89
CA ASN A 82 -1.82 -18.99 19.16
C ASN A 82 -2.46 -18.35 17.92
N LYS A 83 -3.74 -18.65 17.65
CA LYS A 83 -4.42 -18.13 16.47
C LYS A 83 -5.68 -17.35 16.86
N ILE A 84 -5.67 -16.61 17.98
CA ILE A 84 -6.88 -15.96 18.45
C ILE A 84 -6.93 -14.56 17.83
N LEU A 85 -8.08 -14.24 17.21
CA LEU A 85 -8.44 -12.91 16.75
C LEU A 85 -9.51 -12.28 17.66
N LEU A 86 -9.10 -11.26 18.41
CA LEU A 86 -10.09 -10.48 19.13
C LEU A 86 -10.62 -9.36 18.26
N TRP A 87 -11.71 -8.74 18.71
CA TRP A 87 -12.19 -7.59 18.01
C TRP A 87 -12.89 -6.64 18.97
N SER A 88 -13.00 -5.37 18.62
CA SER A 88 -13.78 -4.50 19.46
C SER A 88 -14.71 -3.67 18.59
N ARG A 89 -15.99 -3.68 18.88
CA ARG A 89 -16.91 -2.88 18.04
C ARG A 89 -17.05 -3.47 16.60
N ILE A 90 -15.94 -3.72 15.89
CA ILE A 90 -15.89 -4.10 14.47
C ILE A 90 -15.85 -5.64 14.10
N LYS A 91 -16.93 -6.33 14.44
CA LYS A 91 -16.93 -7.76 14.17
C LYS A 91 -17.11 -8.28 12.75
N ASP A 92 -17.81 -7.56 11.86
CA ASP A 92 -18.11 -8.11 10.51
C ASP A 92 -16.85 -8.40 9.72
N LEU A 93 -15.92 -7.44 9.63
CA LEU A 93 -14.63 -7.76 8.99
C LEU A 93 -13.91 -8.95 9.67
N ALA A 94 -13.91 -8.98 10.99
CA ALA A 94 -13.21 -10.07 11.71
C ALA A 94 -13.74 -11.44 11.30
N HIS A 95 -15.07 -11.57 11.25
CA HIS A 95 -15.72 -12.77 10.77
C HIS A 95 -15.48 -13.05 9.31
N GLN A 96 -15.49 -12.02 8.47
CA GLN A 96 -15.22 -12.26 7.07
C GLN A 96 -13.86 -12.74 6.87
N PHE A 97 -12.95 -12.16 7.63
CA PHE A 97 -11.55 -12.62 7.56
C PHE A 97 -11.40 -14.10 7.98
N THR A 98 -11.91 -14.49 9.16
CA THR A 98 -11.72 -15.87 9.60
C THR A 98 -12.39 -16.93 8.69
N GLN A 99 -13.40 -16.53 7.93
CA GLN A 99 -13.95 -17.49 7.08
C GLN A 99 -13.18 -17.73 5.82
N VAL A 100 -12.13 -16.95 5.52
CA VAL A 100 -11.45 -17.11 4.27
C VAL A 100 -10.61 -18.39 4.17
N GLN A 101 -9.76 -18.59 5.17
CA GLN A 101 -9.09 -19.90 5.31
C GLN A 101 -8.74 -20.24 6.76
N ARG A 102 -9.55 -19.81 7.69
CA ARG A 102 -9.34 -20.13 9.09
C ARG A 102 -7.93 -19.79 9.51
N ASP A 103 -7.51 -18.57 9.20
CA ASP A 103 -6.13 -18.12 9.57
C ASP A 103 -6.15 -17.83 11.10
N MET A 104 -7.34 -17.53 11.63
CA MET A 104 -7.50 -17.34 13.02
C MET A 104 -8.91 -17.71 13.53
N PHE A 105 -9.17 -17.49 14.82
CA PHE A 105 -10.44 -17.88 15.46
C PHE A 105 -10.92 -16.76 16.28
N THR A 106 -12.15 -16.29 16.01
CA THR A 106 -12.73 -15.25 16.85
C THR A 106 -13.60 -15.98 17.86
N LEU A 107 -14.08 -15.27 18.87
CA LEU A 107 -14.88 -15.98 19.85
C LEU A 107 -16.14 -16.59 19.18
N GLU A 108 -16.70 -15.95 18.14
CA GLU A 108 -17.88 -16.47 17.43
C GLU A 108 -17.58 -17.72 16.60
N ASP A 109 -16.31 -18.16 16.57
CA ASP A 109 -15.92 -19.42 15.90
C ASP A 109 -15.79 -20.55 16.93
N THR A 110 -15.95 -20.23 18.20
CA THR A 110 -16.17 -21.24 19.24
C THR A 110 -17.71 -21.54 19.35
N LEU A 111 -18.05 -22.68 19.92
CA LEU A 111 -19.45 -23.07 20.04
C LEU A 111 -20.23 -22.01 20.80
N LEU A 112 -19.80 -21.71 22.02
CA LEU A 112 -20.61 -20.81 22.82
C LEU A 112 -20.75 -19.50 22.09
N GLY A 113 -19.68 -19.06 21.47
CA GLY A 113 -19.84 -17.78 20.81
C GLY A 113 -20.77 -17.83 19.63
N TYR A 114 -20.67 -18.92 18.87
CA TYR A 114 -21.45 -19.06 17.67
C TYR A 114 -22.93 -19.16 18.05
N LEU A 115 -23.24 -19.84 19.17
CA LEU A 115 -24.71 -19.96 19.67
C LEU A 115 -25.35 -18.61 19.88
N ALA A 116 -24.58 -17.67 20.42
CA ALA A 116 -25.14 -16.47 21.00
C ALA A 116 -25.00 -15.25 20.14
N ASP A 117 -24.11 -15.29 19.14
CA ASP A 117 -23.91 -14.10 18.29
C ASP A 117 -25.23 -13.51 17.74
N ASP A 118 -25.39 -12.22 17.94
CA ASP A 118 -26.51 -11.47 17.44
C ASP A 118 -27.82 -11.77 18.11
N LEU A 119 -27.84 -12.47 19.21
CA LEU A 119 -29.14 -12.83 19.83
C LEU A 119 -29.33 -12.00 21.09
N THR A 120 -30.58 -11.84 21.56
CA THR A 120 -30.84 -11.26 22.91
C THR A 120 -31.69 -12.25 23.63
N TRP A 121 -31.73 -12.19 24.96
CA TRP A 121 -32.52 -13.21 25.69
C TRP A 121 -32.59 -12.89 27.16
N CYS A 122 -33.76 -13.15 27.78
CA CYS A 122 -33.86 -12.99 29.21
C CYS A 122 -35.07 -13.72 29.66
N GLY A 123 -35.14 -13.90 30.98
CA GLY A 123 -36.24 -14.61 31.65
C GLY A 123 -36.88 -13.62 32.60
N GLU A 124 -37.88 -14.04 33.38
CA GLU A 124 -38.48 -13.16 34.40
C GLU A 124 -38.47 -13.85 35.72
N PHE A 125 -38.51 -13.07 36.79
CA PHE A 125 -38.29 -13.70 38.07
C PHE A 125 -39.46 -14.61 38.45
N ASP A 126 -40.67 -14.12 38.37
CA ASP A 126 -41.76 -14.92 38.93
C ASP A 126 -42.30 -16.03 38.02
N THR A 127 -41.62 -16.33 36.93
CA THR A 127 -42.19 -17.17 35.91
C THR A 127 -41.03 -17.97 35.46
N SER A 128 -41.29 -19.03 34.72
CA SER A 128 -40.21 -19.79 34.14
C SER A 128 -40.38 -19.81 32.64
N LYS A 129 -41.00 -18.76 32.09
CA LYS A 129 -40.97 -18.45 30.66
C LYS A 129 -39.85 -17.45 30.27
N ILE A 130 -39.73 -17.29 28.97
CA ILE A 130 -38.76 -16.42 28.31
C ILE A 130 -39.53 -15.15 27.96
N ASN A 131 -38.88 -14.01 28.08
CA ASN A 131 -39.45 -12.70 27.83
C ASN A 131 -39.09 -12.18 26.45
N TYR A 132 -40.04 -12.30 25.54
CA TYR A 132 -39.94 -11.83 24.18
C TYR A 132 -40.34 -10.40 24.04
N GLN A 133 -40.87 -9.81 25.13
CA GLN A 133 -41.39 -8.43 25.10
C GLN A 133 -40.26 -7.43 25.32
N SER A 134 -39.45 -7.59 26.37
CA SER A 134 -38.35 -6.67 26.60
C SER A 134 -37.26 -7.33 27.46
N CYS A 135 -36.03 -6.82 27.43
CA CYS A 135 -34.88 -7.36 28.24
C CYS A 135 -34.03 -6.24 28.77
N PRO A 136 -33.27 -6.50 29.88
CA PRO A 136 -32.61 -5.31 30.43
C PRO A 136 -31.54 -4.73 29.53
N ASP A 137 -31.55 -3.39 29.36
CA ASP A 137 -30.43 -2.68 28.74
C ASP A 137 -29.27 -2.53 29.74
N TRP A 138 -28.08 -2.96 29.36
CA TRP A 138 -26.90 -2.83 30.22
C TRP A 138 -26.76 -1.45 30.84
N ARG A 139 -27.19 -0.41 30.13
CA ARG A 139 -26.98 0.97 30.58
C ARG A 139 -28.15 1.47 31.37
N LYS A 140 -29.34 1.56 30.76
CA LYS A 140 -30.54 2.01 31.51
C LYS A 140 -30.97 1.08 32.66
N ASP A 141 -30.70 -0.21 32.54
CA ASP A 141 -31.37 -1.11 33.44
C ASP A 141 -30.48 -1.74 34.47
N CYS A 142 -29.57 -2.60 34.03
CA CYS A 142 -28.68 -3.18 34.96
C CYS A 142 -27.63 -3.86 34.14
N SER A 143 -26.43 -4.00 34.70
CA SER A 143 -25.36 -4.66 33.96
C SER A 143 -25.34 -6.17 34.21
N ASN A 144 -26.02 -6.62 35.24
CA ASN A 144 -25.94 -8.05 35.53
C ASN A 144 -27.05 -8.80 34.82
N ASN A 145 -27.22 -8.54 33.54
CA ASN A 145 -28.31 -9.21 32.85
C ASN A 145 -27.82 -10.47 32.09
N PRO A 146 -28.74 -11.29 31.60
CA PRO A 146 -28.35 -12.53 30.98
C PRO A 146 -27.33 -12.36 29.82
N VAL A 147 -27.55 -11.42 28.91
CA VAL A 147 -26.63 -11.33 27.76
C VAL A 147 -25.22 -10.81 28.19
N SER A 148 -25.17 -9.70 28.93
CA SER A 148 -23.90 -9.08 29.30
C SER A 148 -23.02 -10.00 30.15
N VAL A 149 -23.67 -10.72 31.07
CA VAL A 149 -22.98 -11.65 31.92
C VAL A 149 -22.52 -12.87 31.13
N PHE A 150 -23.30 -13.27 30.13
CA PHE A 150 -22.81 -14.32 29.27
C PHE A 150 -21.51 -13.87 28.57
N TRP A 151 -21.51 -12.73 27.82
CA TRP A 151 -20.37 -12.34 26.99
C TRP A 151 -19.18 -12.10 27.90
N LYS A 152 -19.45 -11.58 29.10
CA LYS A 152 -18.39 -11.31 30.03
C LYS A 152 -17.72 -12.59 30.50
N THR A 153 -18.50 -13.59 30.82
CA THR A 153 -17.96 -14.80 31.34
C THR A 153 -17.27 -15.60 30.23
N VAL A 154 -17.91 -15.68 29.05
CA VAL A 154 -17.28 -16.50 28.03
C VAL A 154 -16.08 -15.81 27.44
N SER A 155 -16.07 -14.47 27.34
CA SER A 155 -14.95 -13.75 26.74
C SER A 155 -13.74 -13.75 27.66
N ARG A 156 -13.99 -13.70 28.97
CA ARG A 156 -12.93 -13.76 29.97
C ARG A 156 -12.20 -15.08 29.77
N ARG A 157 -12.94 -16.18 29.72
CA ARG A 157 -12.29 -17.51 29.50
C ARG A 157 -11.54 -17.63 28.18
N PHE A 158 -12.09 -17.07 27.12
CA PHE A 158 -11.45 -17.14 25.79
C PHE A 158 -10.10 -16.40 25.84
N ALA A 159 -10.12 -15.19 26.41
CA ALA A 159 -8.92 -14.34 26.57
C ALA A 159 -7.89 -15.06 27.42
N GLU A 160 -8.30 -15.80 28.45
CA GLU A 160 -7.37 -16.44 29.35
C GLU A 160 -6.71 -17.63 28.66
N ALA A 161 -7.34 -18.17 27.63
CA ALA A 161 -6.71 -19.31 26.96
C ALA A 161 -5.70 -18.86 25.89
N ALA A 162 -5.62 -17.57 25.58
CA ALA A 162 -4.79 -17.10 24.41
C ALA A 162 -3.33 -17.19 24.81
N CYS A 163 -2.47 -17.57 23.88
CA CYS A 163 -1.01 -17.54 24.05
C CYS A 163 -0.32 -16.93 22.81
N ASP A 164 0.99 -16.69 22.92
CA ASP A 164 1.84 -16.26 21.80
C ASP A 164 1.42 -14.93 21.26
N VAL A 165 1.13 -14.83 19.97
CA VAL A 165 0.72 -13.50 19.37
C VAL A 165 -0.82 -13.54 19.26
N VAL A 166 -1.50 -12.62 19.94
CA VAL A 166 -2.94 -12.56 19.91
C VAL A 166 -3.21 -11.36 19.05
N HIS A 167 -4.20 -11.42 18.16
CA HIS A 167 -4.43 -10.22 17.32
C HIS A 167 -5.73 -9.53 17.75
N VAL A 168 -5.85 -8.24 17.44
CA VAL A 168 -7.13 -7.65 17.70
C VAL A 168 -7.43 -6.70 16.58
N MET A 169 -8.61 -6.86 16.01
CA MET A 169 -9.09 -5.85 15.06
C MET A 169 -9.86 -4.67 15.76
N LEU A 170 -9.51 -3.41 15.47
CA LEU A 170 -10.17 -2.19 16.08
C LEU A 170 -10.80 -1.31 15.01
N ASP A 171 -11.77 -0.48 15.41
CA ASP A 171 -12.59 0.33 14.49
C ASP A 171 -11.97 1.70 14.41
N GLY A 172 -11.10 1.92 13.43
CA GLY A 172 -10.42 3.18 13.32
C GLY A 172 -11.27 4.37 12.91
N SER A 173 -12.58 4.16 12.76
CA SER A 173 -13.43 5.26 12.32
C SER A 173 -14.04 5.87 13.58
N ARG A 174 -13.89 5.19 14.71
CA ARG A 174 -14.35 5.72 16.00
C ARG A 174 -13.43 6.80 16.46
N SER A 175 -13.93 7.67 17.34
CA SER A 175 -13.10 8.67 17.98
C SER A 175 -12.22 7.97 19.01
N LYS A 176 -12.72 6.89 19.62
CA LYS A 176 -11.90 6.00 20.47
C LYS A 176 -11.56 4.66 19.78
N ILE A 177 -10.44 4.61 19.08
CA ILE A 177 -10.10 3.43 18.33
C ILE A 177 -9.93 2.25 19.29
N PHE A 178 -9.14 2.46 20.35
CA PHE A 178 -9.19 1.58 21.55
C PHE A 178 -10.01 2.32 22.63
N ASP A 179 -11.06 1.65 23.07
CA ASP A 179 -11.93 2.17 24.07
C ASP A 179 -11.86 1.35 25.34
N LYS A 180 -11.19 1.90 26.37
CA LYS A 180 -11.17 1.30 27.72
C LYS A 180 -12.46 0.80 28.28
N ASP A 181 -13.58 1.32 27.85
CA ASP A 181 -14.86 0.94 28.47
C ASP A 181 -15.67 -0.08 27.68
N SER A 182 -15.17 -0.55 26.55
CA SER A 182 -15.74 -1.62 25.77
C SER A 182 -15.43 -2.90 26.50
N THR A 183 -16.06 -3.98 26.13
CA THR A 183 -15.75 -5.24 26.72
C THR A 183 -14.31 -5.63 26.42
N PHE A 184 -13.83 -5.42 25.18
CA PHE A 184 -12.43 -5.76 24.92
C PHE A 184 -11.59 -5.00 25.96
N GLY A 185 -11.91 -3.73 26.17
CA GLY A 185 -11.04 -2.86 26.92
C GLY A 185 -11.14 -3.18 28.40
N SER A 186 -12.27 -3.61 28.83
CA SER A 186 -12.45 -3.81 30.24
C SER A 186 -12.38 -5.28 30.68
N VAL A 187 -12.48 -6.21 29.78
CA VAL A 187 -12.49 -7.58 30.20
C VAL A 187 -11.33 -8.35 29.49
N GLU A 188 -11.41 -8.42 28.18
CA GLU A 188 -10.47 -9.26 27.46
C GLU A 188 -9.04 -8.80 27.70
N VAL A 189 -8.81 -7.51 27.62
CA VAL A 189 -7.44 -7.08 27.65
C VAL A 189 -6.79 -7.36 29.03
N HIS A 190 -7.60 -7.44 30.11
CA HIS A 190 -7.12 -7.62 31.47
C HIS A 190 -7.14 -9.05 31.86
N ASN A 191 -7.48 -9.89 30.90
CA ASN A 191 -7.41 -11.37 31.06
C ASN A 191 -6.47 -12.10 30.10
N LEU A 192 -5.71 -11.35 29.33
CA LEU A 192 -4.60 -11.92 28.61
C LEU A 192 -3.50 -12.19 29.65
N GLN A 193 -3.01 -13.41 29.64
CA GLN A 193 -2.12 -13.89 30.68
C GLN A 193 -0.68 -13.54 30.42
N PRO A 194 0.00 -12.83 31.37
CA PRO A 194 1.39 -12.46 31.19
C PRO A 194 2.32 -13.65 30.99
N GLU A 195 1.95 -14.80 31.56
CA GLU A 195 2.81 -15.98 31.43
C GLU A 195 2.75 -16.56 29.98
N LYS A 196 1.68 -16.30 29.23
CA LYS A 196 1.46 -16.95 27.93
C LYS A 196 1.51 -16.03 26.70
N VAL A 197 1.02 -14.80 26.86
CA VAL A 197 0.83 -13.94 25.73
C VAL A 197 2.13 -13.09 25.47
N GLN A 198 2.65 -13.26 24.28
CA GLN A 198 3.89 -12.65 23.95
C GLN A 198 3.62 -11.24 23.41
N THR A 199 2.63 -11.11 22.52
CA THR A 199 2.38 -9.83 21.81
C THR A 199 0.91 -9.66 21.60
N LEU A 200 0.42 -8.42 21.65
CA LEU A 200 -0.88 -8.13 21.21
C LEU A 200 -0.67 -7.29 19.98
N GLU A 201 -1.17 -7.74 18.82
CA GLU A 201 -0.97 -6.94 17.65
C GLU A 201 -2.34 -6.47 17.21
N ALA A 202 -2.53 -5.14 17.04
CA ALA A 202 -3.84 -4.60 16.79
C ALA A 202 -3.84 -4.34 15.30
N TRP A 203 -4.97 -4.53 14.65
CA TRP A 203 -5.07 -4.16 13.24
C TRP A 203 -6.15 -3.08 13.23
N VAL A 204 -5.79 -1.87 12.86
CA VAL A 204 -6.71 -0.74 12.97
C VAL A 204 -7.37 -0.56 11.61
N ILE A 205 -8.65 -0.84 11.57
CA ILE A 205 -9.38 -0.90 10.30
C ILE A 205 -9.88 0.49 10.00
N HIS A 206 -9.32 1.14 8.98
CA HIS A 206 -9.84 2.41 8.47
C HIS A 206 -11.20 2.29 7.83
N GLY A 207 -11.90 3.42 7.85
CA GLY A 207 -13.25 3.55 7.34
C GLY A 207 -13.10 4.49 6.17
N GLY A 208 -13.04 5.79 6.47
CA GLY A 208 -12.92 6.86 5.46
C GLY A 208 -11.89 6.78 4.32
N ARG A 209 -12.02 7.72 3.38
CA ARG A 209 -11.38 7.63 2.07
C ARG A 209 -9.85 7.70 2.01
N GLU A 210 -9.26 6.84 1.19
CA GLU A 210 -7.86 6.97 0.70
C GLU A 210 -6.79 7.27 1.78
N ASP A 211 -6.24 8.50 1.66
CA ASP A 211 -4.99 8.97 2.36
C ASP A 211 -5.05 9.25 3.90
N SER A 212 -5.51 8.27 4.64
CA SER A 212 -5.75 8.39 6.06
C SER A 212 -4.43 8.53 6.89
N ARG A 213 -4.57 8.92 8.15
CA ARG A 213 -3.42 8.99 9.05
C ARG A 213 -2.88 7.58 9.32
N ASP A 214 -1.69 7.51 9.88
CA ASP A 214 -1.22 6.29 10.50
C ASP A 214 -1.87 6.24 11.86
N LEU A 215 -2.97 5.51 11.92
CA LEU A 215 -3.86 5.55 13.04
C LEU A 215 -3.23 4.77 14.18
N CYS A 216 -2.11 4.15 13.91
CA CYS A 216 -1.33 3.46 14.97
C CYS A 216 -0.62 4.40 15.95
N GLN A 217 -0.58 5.70 15.62
CA GLN A 217 0.06 6.68 16.51
C GLN A 217 -1.01 7.43 17.27
N ASP A 218 -2.26 7.01 17.09
CA ASP A 218 -3.38 7.57 17.85
C ASP A 218 -3.13 7.44 19.35
N PRO A 219 -3.42 8.50 20.13
CA PRO A 219 -3.37 8.47 21.59
C PRO A 219 -3.99 7.22 22.22
N THR A 220 -5.25 6.87 21.94
CA THR A 220 -5.86 5.66 22.52
C THR A 220 -5.14 4.35 22.18
N ILE A 221 -4.47 4.35 21.03
CA ILE A 221 -3.64 3.23 20.72
C ILE A 221 -2.38 3.28 21.58
N LYS A 222 -1.79 4.46 21.74
CA LYS A 222 -0.71 4.53 22.70
C LYS A 222 -1.16 4.06 24.12
N GLU A 223 -2.38 4.32 24.52
CA GLU A 223 -2.82 3.98 25.86
C GLU A 223 -2.94 2.43 25.94
N LEU A 224 -3.50 1.82 24.91
CA LEU A 224 -3.53 0.37 24.88
C LEU A 224 -2.13 -0.20 25.03
N GLU A 225 -1.16 0.32 24.29
CA GLU A 225 0.22 -0.24 24.27
C GLU A 225 0.78 -0.23 25.68
N SER A 226 0.53 0.89 26.32
CA SER A 226 1.09 1.13 27.61
C SER A 226 0.33 0.33 28.69
N ILE A 227 -0.95 0.09 28.52
CA ILE A 227 -1.64 -0.76 29.48
C ILE A 227 -1.13 -2.20 29.39
N ILE A 228 -1.02 -2.72 28.16
CA ILE A 228 -0.50 -4.06 28.04
C ILE A 228 0.97 -4.20 28.38
N SER A 229 1.82 -3.15 28.22
CA SER A 229 3.22 -3.31 28.56
C SER A 229 3.29 -3.59 30.03
N LYS A 230 2.44 -2.84 30.72
CA LYS A 230 2.51 -2.86 32.12
C LYS A 230 1.84 -4.09 32.61
N ARG A 231 1.53 -5.06 31.68
CA ARG A 231 1.32 -6.49 31.94
C ARG A 231 2.43 -7.38 31.38
N ASN A 232 3.57 -6.82 30.92
CA ASN A 232 4.64 -7.64 30.36
C ASN A 232 4.37 -8.31 29.01
N ILE A 233 3.55 -7.66 28.19
CA ILE A 233 3.19 -8.18 26.89
C ILE A 233 3.61 -7.14 25.82
N GLN A 234 4.29 -7.58 24.78
CA GLN A 234 4.72 -6.64 23.71
C GLN A 234 3.55 -6.09 22.88
N PHE A 235 3.73 -4.98 22.17
CA PHE A 235 2.65 -4.45 21.36
C PHE A 235 3.11 -4.22 19.93
N SER A 236 2.23 -4.51 18.99
CA SER A 236 2.49 -4.26 17.58
C SER A 236 1.20 -3.73 17.00
N CYS A 237 1.29 -2.97 15.93
CA CYS A 237 0.05 -2.45 15.36
C CYS A 237 0.23 -2.27 13.87
N LYS A 238 -0.86 -2.50 13.15
CA LYS A 238 -0.83 -2.34 11.73
C LYS A 238 -2.05 -1.57 11.29
N ASN A 239 -1.88 -0.75 10.25
CA ASN A 239 -3.05 -0.12 9.65
C ASN A 239 -3.66 -1.02 8.62
N ILE A 240 -4.96 -1.19 8.64
CA ILE A 240 -5.54 -1.71 7.42
C ILE A 240 -6.25 -0.58 6.69
N TYR A 241 -5.57 0.03 5.74
CA TYR A 241 -6.13 1.19 5.01
C TYR A 241 -7.37 0.91 4.18
N ARG A 242 -7.37 -0.20 3.45
CA ARG A 242 -8.49 -0.58 2.61
C ARG A 242 -8.96 -2.00 2.99
N PRO A 243 -10.00 -2.14 3.84
CA PRO A 243 -10.34 -3.50 4.24
C PRO A 243 -10.80 -4.34 3.08
N ASP A 244 -11.35 -3.68 2.04
CA ASP A 244 -11.76 -4.34 0.81
C ASP A 244 -10.59 -5.07 0.20
N LYS A 245 -9.51 -4.35 -0.05
CA LYS A 245 -8.38 -4.97 -0.70
C LYS A 245 -7.64 -5.96 0.23
N PHE A 246 -7.73 -5.73 1.53
CA PHE A 246 -7.19 -6.67 2.57
C PHE A 246 -7.87 -8.03 2.47
N LEU A 247 -9.19 -8.07 2.50
CA LEU A 247 -9.90 -9.34 2.35
C LEU A 247 -9.53 -9.98 1.03
N GLN A 248 -9.42 -9.17 -0.01
CA GLN A 248 -9.09 -9.69 -1.32
C GLN A 248 -7.68 -10.28 -1.34
N CYS A 249 -6.73 -9.65 -0.68
CA CYS A 249 -5.38 -10.20 -0.57
C CYS A 249 -5.40 -11.54 0.24
N VAL A 250 -6.20 -11.55 1.28
CA VAL A 250 -6.39 -12.76 2.12
C VAL A 250 -6.90 -13.91 1.21
N LYS A 251 -7.98 -13.65 0.45
CA LYS A 251 -8.51 -14.65 -0.50
C LYS A 251 -7.53 -15.03 -1.62
N ASN A 252 -6.95 -14.03 -2.26
CA ASN A 252 -6.08 -14.22 -3.42
C ASN A 252 -4.76 -13.50 -3.19
N PRO A 253 -3.92 -14.07 -2.32
CA PRO A 253 -2.69 -13.54 -1.74
C PRO A 253 -1.65 -13.53 -2.82
N GLU A 254 -2.18 -13.77 -4.02
CA GLU A 254 -1.45 -14.12 -5.25
C GLU A 254 -0.47 -13.11 -5.78
N ASP A 255 -0.09 -12.11 -4.99
CA ASP A 255 0.78 -11.04 -5.40
C ASP A 255 0.08 -10.07 -6.33
N SER A 256 -1.24 -9.92 -6.19
CA SER A 256 -1.92 -8.95 -7.06
C SER A 256 -1.23 -7.61 -6.85
N SER A 257 -1.14 -7.23 -5.59
CA SER A 257 -0.13 -6.31 -5.07
C SER A 257 -0.31 -6.38 -3.57
N CYS A 258 -0.20 -7.60 -3.05
CA CYS A 258 -0.67 -7.95 -1.73
C CYS A 258 0.47 -8.05 -0.76
N ARG B 7 -4.01 21.43 23.90
CA ARG B 7 -3.28 22.53 24.60
C ARG B 7 -2.53 23.47 23.64
N TRP B 8 -2.59 24.74 23.99
CA TRP B 8 -1.91 25.83 23.33
C TRP B 8 -0.88 26.27 24.35
N ARG B 9 -0.50 25.29 25.19
CA ARG B 9 0.54 25.42 26.23
C ARG B 9 0.95 24.01 26.61
N GLN B 10 2.16 23.63 26.24
CA GLN B 10 2.69 22.31 26.56
C GLN B 10 3.28 22.25 27.97
N THR B 11 3.37 21.07 28.57
CA THR B 11 4.04 21.01 29.85
C THR B 11 5.41 21.60 29.69
N TRP B 12 6.13 21.20 28.63
CA TRP B 12 7.57 21.54 28.52
C TRP B 12 7.86 22.41 27.31
N SER B 13 9.09 22.93 27.21
CA SER B 13 9.43 23.85 26.10
C SER B 13 10.15 23.19 24.89
N GLY B 14 10.49 21.92 24.99
CA GLY B 14 11.21 21.28 23.90
C GLY B 14 10.27 20.39 23.11
N PRO B 15 10.69 19.97 21.91
CA PRO B 15 9.80 19.06 21.14
C PRO B 15 9.54 17.78 21.91
N GLY B 16 8.41 17.14 21.67
CA GLY B 16 8.07 15.90 22.35
C GLY B 16 8.77 14.69 21.73
N THR B 17 8.56 13.51 22.27
CA THR B 17 9.26 12.35 21.73
C THR B 17 9.01 12.19 20.26
N THR B 18 10.06 11.92 19.49
CA THR B 18 9.91 11.82 18.05
C THR B 18 8.78 10.82 17.71
N LYS B 19 7.87 11.14 16.79
CA LYS B 19 6.83 10.20 16.53
C LYS B 19 7.47 8.86 16.13
N ARG B 20 6.85 7.75 16.54
CA ARG B 20 7.38 6.42 16.24
C ARG B 20 8.73 6.14 16.84
N PHE B 21 9.08 6.87 17.88
CA PHE B 21 10.34 6.61 18.60
C PHE B 21 10.63 5.18 18.87
N PRO B 22 9.73 4.46 19.50
CA PRO B 22 10.09 3.04 19.78
C PRO B 22 10.43 2.11 18.58
N GLU B 23 9.57 2.16 17.57
CA GLU B 23 9.78 1.38 16.37
C GLU B 23 11.08 1.83 15.72
N THR B 24 11.30 3.13 15.62
CA THR B 24 12.56 3.63 15.05
C THR B 24 13.79 3.11 15.77
N VAL B 25 13.81 3.23 17.09
CA VAL B 25 14.97 2.77 17.85
C VAL B 25 15.22 1.27 17.63
N LEU B 26 14.15 0.49 17.73
CA LEU B 26 14.26 -0.93 17.47
C LEU B 26 14.76 -1.25 16.02
N ALA B 27 14.24 -0.58 15.01
CA ALA B 27 14.68 -0.84 13.65
C ALA B 27 16.16 -0.40 13.45
N ARG B 28 16.55 0.73 14.04
CA ARG B 28 17.96 1.17 14.03
C ARG B 28 18.88 0.10 14.62
N CYS B 29 18.45 -0.51 15.71
CA CYS B 29 19.27 -1.51 16.36
C CYS B 29 19.38 -2.73 15.46
N VAL B 30 18.27 -3.18 14.88
CA VAL B 30 18.27 -4.37 14.00
C VAL B 30 19.23 -4.09 12.88
N LYS B 31 19.05 -2.93 12.26
CA LYS B 31 19.91 -2.58 11.15
C LYS B 31 21.36 -2.57 11.56
N TYR B 32 21.65 -1.93 12.65
CA TYR B 32 23.05 -1.77 13.00
C TYR B 32 23.72 -3.10 13.23
N THR B 33 22.99 -3.98 13.91
CA THR B 33 23.61 -5.20 14.34
C THR B 33 23.68 -6.18 13.23
N GLU B 34 22.98 -5.90 12.14
CA GLU B 34 23.08 -6.74 10.97
C GLU B 34 24.30 -6.32 10.13
N ILE B 35 24.60 -5.04 10.12
CA ILE B 35 25.72 -4.52 9.35
C ILE B 35 27.10 -4.71 10.04
N HIS B 36 27.12 -4.44 11.34
CA HIS B 36 28.31 -4.64 12.18
C HIS B 36 28.48 -5.98 12.87
N PRO B 37 29.37 -6.83 12.33
CA PRO B 37 29.42 -8.14 12.91
C PRO B 37 29.90 -8.14 14.35
N GLU B 38 30.58 -7.07 14.80
CA GLU B 38 31.05 -7.04 16.19
C GLU B 38 29.86 -6.94 17.17
N MET B 39 28.72 -6.49 16.67
CA MET B 39 27.55 -6.29 17.51
C MET B 39 26.42 -7.25 17.22
N ARG B 40 26.72 -8.30 16.46
CA ARG B 40 25.81 -9.42 16.21
C ARG B 40 25.20 -10.08 17.45
N HIS B 41 25.90 -10.08 18.58
CA HIS B 41 25.44 -10.80 19.78
C HIS B 41 24.33 -9.98 20.49
N VAL B 42 24.06 -8.78 20.01
CA VAL B 42 23.10 -7.88 20.68
C VAL B 42 21.64 -8.29 20.45
N ASP B 43 20.85 -8.29 21.51
CA ASP B 43 19.42 -8.62 21.42
C ASP B 43 18.66 -7.30 21.36
N CYS B 44 18.04 -6.96 20.24
CA CYS B 44 17.58 -5.58 20.08
C CYS B 44 16.39 -5.23 20.97
N GLN B 45 15.57 -6.22 21.30
CA GLN B 45 14.45 -6.00 22.20
C GLN B 45 14.94 -5.70 23.63
N SER B 46 15.95 -6.46 24.07
CA SER B 46 16.67 -6.13 25.30
C SER B 46 17.23 -4.70 25.27
N VAL B 47 17.75 -4.29 24.12
CA VAL B 47 18.36 -2.94 24.04
C VAL B 47 17.22 -1.94 24.24
N TRP B 48 16.08 -2.21 23.59
CA TRP B 48 14.96 -1.29 23.64
C TRP B 48 14.45 -1.19 25.04
N ASP B 49 14.29 -2.34 25.70
CA ASP B 49 13.75 -2.32 27.06
C ASP B 49 14.71 -1.62 28.00
N ALA B 50 16.02 -1.78 27.81
CA ALA B 50 16.97 -1.13 28.67
C ALA B 50 16.88 0.41 28.47
N PHE B 51 16.71 0.82 27.23
CA PHE B 51 16.60 2.20 26.84
C PHE B 51 15.36 2.83 27.46
N LYS B 52 14.21 2.17 27.24
CA LYS B 52 12.96 2.58 27.86
C LYS B 52 13.06 2.66 29.33
N GLY B 53 13.62 1.61 29.92
CA GLY B 53 13.77 1.59 31.34
C GLY B 53 14.49 2.78 31.89
N ALA B 54 15.32 3.47 31.08
CA ALA B 54 16.12 4.60 31.59
C ALA B 54 15.28 5.82 31.89
N PHE B 55 14.17 5.94 31.18
CA PHE B 55 13.36 7.17 31.29
C PHE B 55 11.84 7.02 31.47
N ILE B 56 11.26 5.84 31.22
CA ILE B 56 9.80 5.59 31.47
C ILE B 56 9.50 5.60 32.94
N SER B 57 8.38 6.22 33.33
CA SER B 57 7.96 6.43 34.73
C SER B 57 8.99 7.11 35.62
N LYS B 58 9.84 7.91 34.99
CA LYS B 58 10.82 8.71 35.66
C LYS B 58 10.43 10.17 35.36
N HIS B 59 10.61 11.06 36.30
CA HIS B 59 10.43 12.49 36.04
C HIS B 59 11.52 12.89 35.05
N PRO B 60 11.15 13.56 33.94
CA PRO B 60 12.13 13.91 32.90
C PRO B 60 13.09 15.06 33.27
N CYS B 61 12.97 15.61 34.48
CA CYS B 61 14.04 16.51 34.96
C CYS B 61 14.89 15.86 36.06
N ASP B 62 14.74 14.57 36.23
CA ASP B 62 15.57 13.91 37.26
C ASP B 62 16.15 12.63 36.74
N ILE B 63 16.72 12.69 35.54
CA ILE B 63 17.40 11.57 34.94
C ILE B 63 18.86 11.54 35.38
N THR B 64 19.34 10.32 35.68
CA THR B 64 20.74 10.16 36.02
C THR B 64 21.49 9.23 35.07
N GLU B 65 22.81 9.32 35.11
CA GLU B 65 23.69 8.38 34.36
C GLU B 65 23.42 6.96 34.80
N GLU B 66 23.06 6.77 36.07
CA GLU B 66 22.82 5.44 36.50
C GLU B 66 21.66 4.93 35.72
N ASP B 67 20.65 5.77 35.50
CA ASP B 67 19.46 5.31 34.72
C ASP B 67 19.84 4.66 33.39
N TYR B 68 20.95 5.06 32.82
CA TYR B 68 21.33 4.52 31.51
C TYR B 68 22.34 3.39 31.61
N GLN B 69 22.64 2.95 32.83
CA GLN B 69 23.69 1.96 32.98
C GLN B 69 23.28 0.63 32.32
N PRO B 70 21.99 0.24 32.43
CA PRO B 70 21.60 -1.00 31.76
C PRO B 70 21.79 -0.92 30.22
N LEU B 71 21.45 0.20 29.63
CA LEU B 71 21.65 0.37 28.21
C LEU B 71 23.14 0.42 27.88
N MET B 72 23.94 1.04 28.75
CA MET B 72 25.36 1.17 28.45
C MET B 72 25.97 -0.22 28.44
N LYS B 73 25.61 -1.02 29.38
CA LYS B 73 26.15 -2.39 29.43
C LYS B 73 25.76 -3.15 28.17
N LEU B 74 24.50 -3.10 27.74
CA LEU B 74 24.13 -3.82 26.53
C LEU B 74 24.84 -3.28 25.28
N GLY B 75 25.08 -1.97 25.21
CA GLY B 75 25.70 -1.35 24.02
C GLY B 75 27.20 -1.26 24.14
N THR B 76 27.81 -1.95 25.10
CA THR B 76 29.28 -1.99 25.24
C THR B 76 29.93 -2.37 23.91
N GLN B 77 30.96 -1.63 23.49
CA GLN B 77 31.43 -1.85 22.15
C GLN B 77 32.85 -1.38 22.05
N THR B 78 33.76 -2.18 21.51
CA THR B 78 35.11 -1.62 21.23
C THR B 78 35.22 -0.96 19.83
N VAL B 79 35.63 0.30 19.74
CA VAL B 79 35.90 0.90 18.41
C VAL B 79 37.40 1.19 18.37
N PRO B 80 37.98 1.21 17.17
CA PRO B 80 39.44 1.29 17.13
C PRO B 80 39.85 2.59 17.81
N CYS B 81 40.61 2.53 18.88
CA CYS B 81 40.72 3.69 19.78
C CYS B 81 41.52 4.80 19.17
N ASN B 82 42.39 4.44 18.21
CA ASN B 82 43.19 5.47 17.54
C ASN B 82 42.55 6.08 16.26
N LYS B 83 41.28 5.81 15.95
CA LYS B 83 40.63 6.31 14.73
C LYS B 83 39.37 7.11 15.08
N ILE B 84 39.37 7.77 16.23
CA ILE B 84 38.16 8.49 16.58
C ILE B 84 38.12 9.91 16.02
N LEU B 85 36.94 10.24 15.46
CA LEU B 85 36.58 11.60 15.06
C LEU B 85 35.46 12.15 15.96
N LEU B 86 35.83 13.11 16.79
CA LEU B 86 34.86 13.96 17.52
C LEU B 86 34.37 15.08 16.60
N TRP B 87 33.26 15.73 16.93
CA TRP B 87 32.87 16.90 16.23
C TRP B 87 32.12 17.81 17.25
N SER B 88 32.01 19.06 16.92
CA SER B 88 31.25 19.94 17.78
C SER B 88 30.39 20.78 16.83
N ARG B 89 29.10 20.90 17.08
CA ARG B 89 28.18 21.64 16.19
C ARG B 89 28.01 21.07 14.80
N ILE B 90 29.09 20.62 14.17
CA ILE B 90 29.14 20.26 12.75
C ILE B 90 29.18 18.73 12.34
N LYS B 91 28.07 18.04 12.60
CA LYS B 91 28.07 16.61 12.37
C LYS B 91 27.86 16.17 10.95
N ASP B 92 27.25 16.95 10.06
CA ASP B 92 27.07 16.43 8.70
C ASP B 92 28.32 16.06 7.94
N LEU B 93 29.32 16.92 7.95
CA LEU B 93 30.50 16.63 7.20
C LEU B 93 31.22 15.47 7.87
N ALA B 94 31.28 15.47 9.20
CA ALA B 94 31.90 14.34 9.95
C ALA B 94 31.30 13.03 9.49
N HIS B 95 29.97 12.94 9.50
CA HIS B 95 29.30 11.77 8.94
C HIS B 95 29.54 11.48 7.48
N GLN B 96 29.44 12.46 6.59
CA GLN B 96 29.79 12.14 5.21
C GLN B 96 31.20 11.68 5.07
N PHE B 97 32.07 12.30 5.85
CA PHE B 97 33.47 11.93 5.71
C PHE B 97 33.64 10.45 6.18
N THR B 98 33.11 10.07 7.36
CA THR B 98 33.31 8.68 7.79
C THR B 98 32.65 7.62 6.89
N GLN B 99 31.64 8.08 6.13
CA GLN B 99 30.89 7.25 5.29
C GLN B 99 31.73 6.81 4.10
N VAL B 100 32.81 7.52 3.77
CA VAL B 100 33.49 7.30 2.49
C VAL B 100 34.31 6.00 2.45
N GLN B 101 35.19 5.85 3.41
CA GLN B 101 35.85 4.57 3.55
C GLN B 101 36.26 4.28 4.95
N ARG B 102 35.51 4.79 5.89
CA ARG B 102 35.65 4.42 7.25
C ARG B 102 37.05 4.73 7.71
N ASP B 103 37.51 5.95 7.35
CA ASP B 103 38.86 6.43 7.71
C ASP B 103 38.81 6.66 9.25
N MET B 104 37.60 6.78 9.81
CA MET B 104 37.48 7.16 11.19
C MET B 104 36.06 6.82 11.72
N PHE B 105 35.83 6.96 13.03
CA PHE B 105 34.57 6.60 13.65
C PHE B 105 34.11 7.75 14.50
N THR B 106 32.91 8.24 14.23
CA THR B 106 32.24 9.14 15.16
C THR B 106 31.40 8.40 16.16
N LEU B 107 30.86 9.17 17.10
CA LEU B 107 30.01 8.52 18.10
C LEU B 107 28.79 7.87 17.46
N GLU B 108 28.27 8.49 16.41
CA GLU B 108 27.16 7.91 15.66
C GLU B 108 27.45 6.64 14.83
N ASP B 109 28.71 6.20 14.78
CA ASP B 109 29.05 4.95 14.15
C ASP B 109 29.12 3.87 15.20
N THR B 110 28.95 4.21 16.47
CA THR B 110 28.73 3.18 17.52
C THR B 110 27.21 2.85 17.60
N LEU B 111 26.87 1.65 18.00
CA LEU B 111 25.49 1.34 18.24
C LEU B 111 24.71 2.43 18.95
N LEU B 112 25.08 2.76 20.18
CA LEU B 112 24.27 3.65 20.97
C LEU B 112 24.12 5.02 20.28
N GLY B 113 25.21 5.51 19.64
CA GLY B 113 25.08 6.82 19.01
C GLY B 113 24.21 6.75 17.80
N TYR B 114 24.30 5.64 17.08
CA TYR B 114 23.48 5.49 15.94
C TYR B 114 22.00 5.38 16.33
N LEU B 115 21.70 4.73 17.47
CA LEU B 115 20.21 4.48 17.89
C LEU B 115 19.58 5.82 18.13
N ALA B 116 20.37 6.71 18.71
CA ALA B 116 19.84 7.99 19.29
C ALA B 116 19.92 9.18 18.39
N ASP B 117 20.85 9.17 17.43
CA ASP B 117 21.03 10.36 16.59
C ASP B 117 19.75 10.98 16.03
N ASP B 118 19.60 12.30 16.23
CA ASP B 118 18.48 13.09 15.74
C ASP B 118 17.14 12.83 16.39
N LEU B 119 17.10 12.01 17.45
CA LEU B 119 15.85 11.63 18.12
C LEU B 119 15.71 12.44 19.42
N THR B 120 14.48 12.65 19.88
CA THR B 120 14.15 13.29 21.16
C THR B 120 13.26 12.30 21.87
N TRP B 121 13.21 12.31 23.20
CA TRP B 121 12.35 11.35 23.86
C TRP B 121 12.28 11.79 25.29
N CYS B 122 11.12 11.57 25.91
CA CYS B 122 11.01 11.61 27.35
C CYS B 122 9.72 10.89 27.74
N GLY B 123 9.62 10.64 29.05
CA GLY B 123 8.47 10.04 29.69
C GLY B 123 7.91 11.05 30.71
N GLU B 124 7.07 10.54 31.61
CA GLU B 124 6.23 11.27 32.54
C GLU B 124 6.42 10.69 33.89
N PHE B 125 6.35 11.52 34.91
CA PHE B 125 6.60 11.04 36.24
C PHE B 125 5.44 10.26 36.76
N ASP B 126 4.24 10.57 36.29
CA ASP B 126 3.05 10.01 36.96
C ASP B 126 2.42 8.85 36.19
N THR B 127 3.17 8.22 35.31
CA THR B 127 2.51 7.30 34.43
C THR B 127 3.58 6.65 33.69
N SER B 128 3.28 5.50 33.08
CA SER B 128 4.35 4.76 32.46
C SER B 128 4.41 4.94 30.96
N LYS B 129 3.79 5.98 30.43
CA LYS B 129 3.86 6.28 29.01
C LYS B 129 5.00 7.27 28.65
N ILE B 130 5.16 7.39 27.34
CA ILE B 130 6.05 8.23 26.62
C ILE B 130 5.30 9.50 26.19
N ASN B 131 5.98 10.65 26.24
CA ASN B 131 5.39 11.94 26.03
C ASN B 131 5.76 12.43 24.66
N TYR B 132 4.81 12.33 23.74
CA TYR B 132 4.98 12.79 22.39
C TYR B 132 4.56 14.20 22.27
N GLN B 133 4.02 14.81 23.33
CA GLN B 133 3.59 16.23 23.28
C GLN B 133 4.71 17.26 23.53
N SER B 134 5.54 17.05 24.56
CA SER B 134 6.69 17.93 24.78
C SER B 134 7.71 17.26 25.66
N CYS B 135 8.96 17.74 25.62
CA CYS B 135 10.06 17.21 26.45
C CYS B 135 10.91 18.37 26.99
N PRO B 136 11.64 18.14 28.12
CA PRO B 136 12.32 19.29 28.74
C PRO B 136 13.39 19.83 27.84
N ASP B 137 13.39 21.17 27.67
CA ASP B 137 14.49 21.85 27.00
C ASP B 137 15.63 22.01 28.00
N TRP B 138 16.84 21.67 27.58
CA TRP B 138 18.02 21.76 28.41
C TRP B 138 18.20 23.10 29.09
N ARG B 139 17.91 24.18 28.36
CA ARG B 139 18.04 25.55 28.90
C ARG B 139 16.85 25.95 29.71
N LYS B 140 15.68 26.02 29.04
CA LYS B 140 14.45 26.52 29.71
C LYS B 140 13.99 25.63 30.83
N ASP B 141 14.20 24.32 30.68
CA ASP B 141 13.55 23.42 31.59
C ASP B 141 14.46 22.81 32.64
N CYS B 142 15.40 21.97 32.21
CA CYS B 142 16.32 21.35 33.13
C CYS B 142 17.37 20.61 32.34
N SER B 143 18.54 20.50 32.91
CA SER B 143 19.63 19.80 32.21
C SER B 143 19.64 18.28 32.42
N ASN B 144 18.97 17.82 33.46
CA ASN B 144 18.97 16.35 33.78
C ASN B 144 17.82 15.63 33.09
N ASN B 145 17.66 15.92 31.81
CA ASN B 145 16.58 15.35 31.04
C ASN B 145 17.06 14.09 30.23
N PRO B 146 16.10 13.29 29.74
CA PRO B 146 16.52 12.02 29.19
C PRO B 146 17.56 12.16 28.05
N VAL B 147 17.36 13.11 27.15
CA VAL B 147 18.26 13.21 26.01
C VAL B 147 19.60 13.75 26.43
N SER B 148 19.64 14.85 27.16
CA SER B 148 20.95 15.44 27.50
C SER B 148 21.86 14.54 28.33
N VAL B 149 21.24 13.80 29.27
CA VAL B 149 21.94 12.85 30.14
C VAL B 149 22.46 11.63 29.32
N PHE B 150 21.67 11.17 28.36
CA PHE B 150 22.13 10.10 27.54
C PHE B 150 23.41 10.54 26.80
N TRP B 151 23.40 11.72 26.13
CA TRP B 151 24.55 12.13 25.32
C TRP B 151 25.78 12.34 26.17
N LYS B 152 25.54 12.92 27.33
CA LYS B 152 26.62 13.21 28.26
C LYS B 152 27.23 11.91 28.66
N THR B 153 26.41 10.92 28.98
CA THR B 153 26.93 9.66 29.44
C THR B 153 27.64 8.86 28.35
N VAL B 154 27.03 8.75 27.18
CA VAL B 154 27.67 7.91 26.17
C VAL B 154 28.88 8.62 25.60
N SER B 155 28.88 9.94 25.54
CA SER B 155 30.04 10.72 25.00
C SER B 155 31.26 10.68 25.89
N ARG B 156 31.01 10.67 27.18
CA ARG B 156 32.07 10.56 28.16
C ARG B 156 32.76 9.22 27.96
N ARG B 157 31.99 8.14 27.79
CA ARG B 157 32.63 6.81 27.64
C ARG B 157 33.42 6.75 26.36
N PHE B 158 32.86 7.35 25.31
CA PHE B 158 33.46 7.37 23.97
C PHE B 158 34.81 8.11 24.06
N ALA B 159 34.83 9.28 24.73
CA ALA B 159 36.05 10.08 24.85
C ALA B 159 37.09 9.31 25.65
N GLU B 160 36.62 8.64 26.70
CA GLU B 160 37.48 7.86 27.57
C GLU B 160 38.15 6.67 26.88
N ALA B 161 37.56 6.18 25.81
CA ALA B 161 38.13 5.05 25.04
C ALA B 161 39.20 5.51 24.04
N ALA B 162 39.28 6.79 23.75
CA ALA B 162 40.16 7.27 22.70
C ALA B 162 41.64 7.17 23.05
N CYS B 163 42.48 6.94 22.04
CA CYS B 163 43.91 6.86 22.32
C CYS B 163 44.65 7.48 21.09
N ASP B 164 45.96 7.62 21.24
CA ASP B 164 46.83 8.02 20.13
C ASP B 164 46.41 9.35 19.62
N VAL B 165 46.16 9.50 18.31
CA VAL B 165 45.71 10.82 17.73
C VAL B 165 44.18 10.87 17.57
N VAL B 166 43.56 11.84 18.25
CA VAL B 166 42.17 11.98 18.20
C VAL B 166 41.89 13.17 17.31
N HIS B 167 40.87 13.12 16.46
CA HIS B 167 40.60 14.25 15.57
C HIS B 167 39.32 14.87 16.01
N VAL B 168 39.15 16.15 15.70
CA VAL B 168 37.87 16.74 15.99
C VAL B 168 37.54 17.70 14.85
N MET B 169 36.37 17.61 14.27
CA MET B 169 35.93 18.69 13.36
C MET B 169 35.20 19.84 14.08
N LEU B 170 35.57 21.08 13.81
CA LEU B 170 34.94 22.20 14.46
C LEU B 170 34.31 23.11 13.41
N ASP B 171 33.30 23.90 13.80
CA ASP B 171 32.58 24.73 12.84
C ASP B 171 33.25 26.08 12.75
N GLY B 172 34.02 26.30 11.68
CA GLY B 172 34.74 27.53 11.52
C GLY B 172 33.84 28.72 11.24
N SER B 173 32.56 28.49 10.98
CA SER B 173 31.71 29.65 10.65
C SER B 173 31.07 30.20 11.91
N ARG B 174 31.33 29.60 13.07
CA ARG B 174 30.66 30.00 14.33
C ARG B 174 31.44 31.08 14.97
N SER B 175 30.86 31.81 15.91
CA SER B 175 31.65 32.89 16.46
C SER B 175 32.60 32.37 17.51
N LYS B 176 32.31 31.20 18.01
CA LYS B 176 33.20 30.46 18.89
C LYS B 176 33.54 29.11 18.24
N ILE B 177 34.64 29.04 17.50
CA ILE B 177 34.98 27.82 16.81
C ILE B 177 35.11 26.64 17.78
N PHE B 178 35.85 26.91 18.85
CA PHE B 178 35.79 26.05 20.04
C PHE B 178 34.99 26.82 21.07
N ASP B 179 33.88 26.19 21.45
CA ASP B 179 32.94 26.61 22.46
C ASP B 179 33.06 25.76 23.73
N LYS B 180 33.63 26.39 24.77
CA LYS B 180 33.82 25.77 26.07
C LYS B 180 32.52 25.24 26.58
N ASP B 181 31.41 25.80 26.16
CA ASP B 181 30.13 25.39 26.75
C ASP B 181 29.38 24.39 25.91
N SER B 182 29.98 23.89 24.83
CA SER B 182 29.36 22.91 23.99
C SER B 182 29.56 21.61 24.71
N THR B 183 28.97 20.54 24.22
CA THR B 183 29.19 19.25 24.89
C THR B 183 30.64 18.88 24.66
N PHE B 184 31.16 19.17 23.49
CA PHE B 184 32.57 18.82 23.22
C PHE B 184 33.46 19.49 24.27
N GLY B 185 33.21 20.78 24.43
CA GLY B 185 33.97 21.66 25.33
C GLY B 185 33.89 21.31 26.79
N SER B 186 32.76 20.72 27.19
CA SER B 186 32.53 20.55 28.61
C SER B 186 32.58 19.09 29.02
N VAL B 187 32.44 18.18 28.09
CA VAL B 187 32.40 16.79 28.42
C VAL B 187 33.63 16.12 27.72
N GLU B 188 33.61 16.04 26.40
CA GLU B 188 34.62 15.16 25.73
C GLU B 188 35.99 15.61 25.92
N VAL B 189 36.28 16.88 25.69
CA VAL B 189 37.64 17.37 25.92
C VAL B 189 38.22 17.04 27.34
N HIS B 190 37.36 16.98 28.37
CA HIS B 190 37.78 16.76 29.71
C HIS B 190 37.77 15.31 30.09
N ASN B 191 37.46 14.45 29.11
CA ASN B 191 37.48 12.96 29.31
C ASN B 191 38.42 12.17 28.38
N LEU B 192 39.21 12.89 27.62
CA LEU B 192 40.38 12.37 26.97
C LEU B 192 41.49 12.02 27.93
N GLN B 193 42.00 10.80 27.81
CA GLN B 193 42.90 10.33 28.85
C GLN B 193 44.29 10.61 28.55
N PRO B 194 44.96 11.37 29.45
CA PRO B 194 46.35 11.78 29.25
C PRO B 194 47.27 10.57 29.16
N GLU B 195 46.90 9.46 29.78
CA GLU B 195 47.71 8.21 29.72
C GLU B 195 47.76 7.62 28.29
N LYS B 196 46.67 7.84 27.56
CA LYS B 196 46.38 7.22 26.28
C LYS B 196 46.49 8.15 25.06
N VAL B 197 46.05 9.40 25.21
CA VAL B 197 45.90 10.30 24.05
C VAL B 197 47.15 11.10 23.86
N GLN B 198 47.66 11.00 22.66
CA GLN B 198 48.93 11.64 22.35
C GLN B 198 48.68 13.04 21.83
N THR B 199 47.68 13.21 20.94
CA THR B 199 47.54 14.47 20.19
C THR B 199 46.04 14.61 19.93
N LEU B 200 45.48 15.81 20.06
CA LEU B 200 44.14 16.12 19.47
C LEU B 200 44.37 17.06 18.29
N GLU B 201 43.85 16.72 17.12
CA GLU B 201 44.03 17.51 15.93
C GLU B 201 42.71 18.03 15.51
N ALA B 202 42.59 19.32 15.46
CA ALA B 202 41.30 19.87 15.11
C ALA B 202 41.31 20.09 13.67
N TRP B 203 40.17 19.89 13.03
CA TRP B 203 40.02 20.31 11.66
C TRP B 203 38.97 21.36 11.63
N VAL B 204 39.40 22.57 11.30
CA VAL B 204 38.48 23.65 11.36
C VAL B 204 37.82 23.78 10.03
N ILE B 205 36.52 23.57 10.01
CA ILE B 205 35.78 23.60 8.76
C ILE B 205 35.29 24.99 8.40
N HIS B 206 35.70 25.50 7.25
CA HIS B 206 35.27 26.78 6.72
C HIS B 206 33.87 26.73 6.07
N GLY B 207 33.16 27.87 6.04
CA GLY B 207 31.83 28.02 5.42
C GLY B 207 31.78 28.95 4.22
N GLY B 208 31.81 30.27 4.48
CA GLY B 208 31.55 31.26 3.43
C GLY B 208 32.46 31.31 2.20
N ARG B 209 32.38 32.41 1.44
CA ARG B 209 33.00 32.47 0.11
C ARG B 209 34.54 32.35 0.08
N GLU B 210 35.07 32.12 -1.12
CA GLU B 210 36.51 31.93 -1.36
C GLU B 210 37.50 32.07 -0.18
N ASP B 211 38.19 33.22 -0.13
CA ASP B 211 39.55 33.37 0.48
C ASP B 211 39.64 33.73 2.01
N SER B 212 39.54 32.73 2.90
CA SER B 212 39.42 33.02 4.32
C SER B 212 40.74 33.01 5.13
N ARG B 213 40.61 33.44 6.39
CA ARG B 213 41.68 33.37 7.37
C ARG B 213 42.16 31.96 7.74
N ASP B 214 43.38 31.88 8.21
CA ASP B 214 43.86 30.71 8.96
C ASP B 214 43.22 30.68 10.37
N LEU B 215 42.09 29.99 10.41
CA LEU B 215 41.31 29.96 11.60
C LEU B 215 41.97 29.12 12.70
N CYS B 216 43.05 28.44 12.37
CA CYS B 216 43.75 27.73 13.41
C CYS B 216 44.40 28.72 14.40
N GLN B 217 44.47 30.00 14.00
CA GLN B 217 45.07 31.04 14.84
C GLN B 217 44.00 31.77 15.66
N ASP B 218 42.76 31.30 15.59
CA ASP B 218 41.66 32.00 16.28
C ASP B 218 41.91 31.90 17.79
N PRO B 219 41.50 32.90 18.57
CA PRO B 219 41.61 32.82 20.02
C PRO B 219 40.98 31.59 20.67
N THR B 220 39.77 31.21 20.32
CA THR B 220 39.21 30.01 20.94
C THR B 220 39.93 28.74 20.53
N ILE B 221 40.59 28.72 19.38
CA ILE B 221 41.48 27.61 19.09
C ILE B 221 42.73 27.62 20.00
N LYS B 222 43.29 28.79 20.25
CA LYS B 222 44.43 28.91 21.18
C LYS B 222 43.98 28.52 22.60
N GLU B 223 42.78 28.86 22.95
CA GLU B 223 42.21 28.42 24.20
C GLU B 223 42.20 26.88 24.32
N LEU B 224 41.60 26.24 23.32
CA LEU B 224 41.56 24.75 23.23
C LEU B 224 42.96 24.18 23.39
N GLU B 225 43.89 24.75 22.66
CA GLU B 225 45.28 24.32 22.68
C GLU B 225 45.84 24.28 24.08
N SER B 226 45.66 25.42 24.74
CA SER B 226 46.26 25.59 26.01
C SER B 226 45.48 24.78 27.09
N ILE B 227 44.19 24.55 26.92
CA ILE B 227 43.47 23.61 27.79
C ILE B 227 43.93 22.13 27.71
N ILE B 228 44.06 21.64 26.49
CA ILE B 228 44.56 20.28 26.30
C ILE B 228 46.04 20.09 26.63
N SER B 229 46.88 21.07 26.37
CA SER B 229 48.27 21.04 26.80
C SER B 229 48.34 20.74 28.25
N LYS B 230 47.46 21.34 29.01
CA LYS B 230 47.55 21.16 30.44
C LYS B 230 47.10 19.74 30.86
N ARG B 231 46.44 19.00 29.97
CA ARG B 231 46.19 17.62 30.25
C ARG B 231 47.37 16.82 29.76
N ASN B 232 48.48 17.48 29.41
CA ASN B 232 49.59 16.80 28.77
C ASN B 232 49.30 16.13 27.41
N ILE B 233 48.38 16.70 26.66
CA ILE B 233 48.04 16.20 25.33
C ILE B 233 48.49 17.28 24.29
N GLN B 234 49.20 16.88 23.23
CA GLN B 234 49.62 17.75 22.17
C GLN B 234 48.52 18.24 21.24
N PHE B 235 48.76 19.32 20.54
CA PHE B 235 47.73 19.87 19.74
C PHE B 235 48.21 20.22 18.37
N SER B 236 47.32 20.05 17.42
CA SER B 236 47.59 20.26 16.05
C SER B 236 46.29 20.77 15.45
N CYS B 237 46.39 21.55 14.39
CA CYS B 237 45.16 22.07 13.80
C CYS B 237 45.33 22.23 12.34
N LYS B 238 44.22 22.14 11.61
CA LYS B 238 44.22 22.17 10.16
C LYS B 238 42.98 22.88 9.71
N ASN B 239 43.11 23.69 8.67
CA ASN B 239 41.94 24.32 8.06
C ASN B 239 41.43 23.48 6.96
N ILE B 240 40.14 23.20 6.94
CA ILE B 240 39.54 22.65 5.73
C ILE B 240 38.82 23.82 5.03
N TYR B 241 39.49 24.43 4.08
CA TYR B 241 39.03 25.67 3.41
C TYR B 241 37.80 25.45 2.54
N ARG B 242 37.73 24.26 1.94
CA ARG B 242 36.64 23.95 1.06
C ARG B 242 36.22 22.54 1.37
N PRO B 243 35.17 22.33 2.17
CA PRO B 243 34.67 21.00 2.55
C PRO B 243 34.30 20.17 1.32
N ASP B 244 33.77 20.83 0.26
CA ASP B 244 33.43 20.11 -0.95
C ASP B 244 34.65 19.48 -1.60
N LYS B 245 35.75 20.21 -1.68
CA LYS B 245 36.91 19.64 -2.33
C LYS B 245 37.58 18.64 -1.37
N PHE B 246 37.27 18.75 -0.08
CA PHE B 246 37.88 17.85 0.90
C PHE B 246 37.27 16.48 0.69
N LEU B 247 35.95 16.44 0.61
CA LEU B 247 35.21 15.20 0.44
C LEU B 247 35.51 14.56 -0.91
N GLN B 248 35.62 15.37 -1.96
CA GLN B 248 35.96 14.86 -3.25
C GLN B 248 37.32 14.22 -3.21
N CYS B 249 38.27 14.84 -2.55
CA CYS B 249 39.59 14.24 -2.38
C CYS B 249 39.61 13.01 -1.44
N VAL B 250 38.71 12.98 -0.47
CA VAL B 250 38.47 11.77 0.31
C VAL B 250 37.92 10.65 -0.64
N LYS B 251 36.94 10.98 -1.48
CA LYS B 251 36.36 9.96 -2.36
C LYS B 251 37.36 9.55 -3.44
N ASN B 252 37.85 10.54 -4.16
CA ASN B 252 38.76 10.31 -5.26
C ASN B 252 40.17 10.73 -4.92
N PRO B 253 40.81 9.93 -4.07
CA PRO B 253 41.96 10.39 -3.30
C PRO B 253 43.20 10.60 -4.10
N GLU B 254 43.80 11.77 -3.91
CA GLU B 254 45.11 12.07 -4.50
C GLU B 254 45.12 12.05 -6.02
N ASP B 255 44.03 11.58 -6.60
CA ASP B 255 43.93 11.42 -8.01
C ASP B 255 44.06 12.81 -8.63
N SER B 256 43.20 13.74 -8.24
CA SER B 256 43.33 15.08 -8.81
C SER B 256 44.39 15.91 -8.09
N SER B 257 44.43 17.20 -8.44
CA SER B 257 44.85 18.29 -7.56
C SER B 257 44.57 18.09 -6.05
N CYS B 258 44.67 16.86 -5.55
CA CYS B 258 44.48 16.72 -4.11
C CYS B 258 45.79 16.71 -3.36
N ARG C 7 0.84 -8.79 8.80
CA ARG C 7 0.53 -10.05 8.01
C ARG C 7 -0.29 -11.11 8.78
N TRP C 8 -1.18 -11.78 8.04
CA TRP C 8 -2.40 -12.35 8.60
C TRP C 8 -2.36 -13.88 8.61
N ARG C 9 -1.23 -14.43 8.20
CA ARG C 9 -1.14 -15.83 8.05
C ARG C 9 0.03 -16.36 8.88
N GLN C 10 -0.13 -17.55 9.39
CA GLN C 10 0.89 -18.19 10.20
C GLN C 10 1.43 -19.40 9.47
N THR C 11 2.67 -19.72 9.72
CA THR C 11 3.33 -20.66 8.87
C THR C 11 2.88 -22.02 9.24
N TRP C 12 2.66 -22.24 10.56
CA TRP C 12 2.48 -23.57 11.05
C TRP C 12 1.19 -23.71 11.92
N SER C 13 0.89 -24.95 12.24
CA SER C 13 -0.27 -25.39 13.07
C SER C 13 -0.10 -25.39 14.54
N GLY C 14 1.13 -25.66 15.02
CA GLY C 14 1.30 -25.75 16.43
C GLY C 14 1.66 -24.42 17.10
N PRO C 15 1.61 -24.38 18.44
CA PRO C 15 1.97 -23.20 19.23
C PRO C 15 3.39 -22.69 18.81
N GLY C 16 3.60 -21.38 18.83
CA GLY C 16 4.93 -20.81 18.54
C GLY C 16 5.89 -20.89 19.71
N THR C 17 7.08 -20.35 19.52
CA THR C 17 8.04 -20.32 20.56
C THR C 17 7.51 -19.67 21.85
N THR C 18 7.80 -20.30 22.99
CA THR C 18 7.31 -19.77 24.27
C THR C 18 7.80 -18.36 24.42
N LYS C 19 6.97 -17.50 24.96
CA LYS C 19 7.33 -16.08 25.04
C LYS C 19 8.63 -15.96 25.88
N ARG C 20 9.52 -15.04 25.48
CA ARG C 20 10.74 -14.76 26.25
C ARG C 20 11.59 -16.03 26.40
N PHE C 21 11.54 -16.88 25.38
CA PHE C 21 12.28 -18.15 25.39
C PHE C 21 13.81 -18.03 25.65
N PRO C 22 14.50 -17.12 24.96
CA PRO C 22 15.92 -16.89 25.21
C PRO C 22 16.17 -16.45 26.63
N GLU C 23 15.38 -15.48 27.13
CA GLU C 23 15.51 -15.08 28.53
C GLU C 23 15.26 -16.31 29.45
N THR C 24 14.31 -17.18 29.11
CA THR C 24 13.96 -18.31 29.97
C THR C 24 14.99 -19.40 30.05
N VAL C 25 15.50 -19.83 28.89
CA VAL C 25 16.57 -20.83 28.81
C VAL C 25 17.84 -20.39 29.57
N LEU C 26 18.29 -19.15 29.39
CA LEU C 26 19.38 -18.61 30.22
C LEU C 26 19.06 -18.56 31.70
N ALA C 27 17.86 -18.10 32.11
CA ALA C 27 17.54 -18.05 33.57
C ALA C 27 17.52 -19.47 34.12
N ARG C 28 16.99 -20.38 33.30
CA ARG C 28 16.86 -21.77 33.71
C ARG C 28 18.23 -22.34 33.83
N CYS C 29 19.16 -21.87 33.00
CA CYS C 29 20.52 -22.43 32.99
C CYS C 29 21.21 -21.94 34.22
N VAL C 30 21.01 -20.64 34.51
CA VAL C 30 21.63 -20.07 35.72
C VAL C 30 21.04 -20.66 36.99
N LYS C 31 19.74 -20.89 37.03
CA LYS C 31 19.06 -21.52 38.17
C LYS C 31 19.63 -22.93 38.38
N TYR C 32 19.61 -23.72 37.33
CA TYR C 32 20.17 -25.08 37.32
C TYR C 32 21.58 -25.14 37.89
N THR C 33 22.44 -24.18 37.53
CA THR C 33 23.81 -24.25 38.06
C THR C 33 23.95 -23.75 39.49
N GLU C 34 23.01 -22.93 39.98
CA GLU C 34 23.02 -22.56 41.41
C GLU C 34 22.70 -23.82 42.23
N ILE C 35 21.62 -24.47 41.84
CA ILE C 35 21.13 -25.65 42.52
C ILE C 35 22.10 -26.80 42.36
N HIS C 36 22.90 -26.79 41.31
CA HIS C 36 23.77 -27.94 40.97
C HIS C 36 25.18 -27.47 40.80
N PRO C 37 25.91 -27.28 41.90
CA PRO C 37 27.21 -26.65 41.82
C PRO C 37 28.14 -27.39 40.87
N GLU C 38 27.91 -28.68 40.69
CA GLU C 38 28.83 -29.55 39.92
C GLU C 38 28.76 -29.23 38.40
N MET C 39 27.84 -28.34 38.01
CA MET C 39 27.71 -27.93 36.63
C MET C 39 28.03 -26.42 36.45
N ARG C 40 28.67 -25.82 37.46
CA ARG C 40 28.82 -24.38 37.46
C ARG C 40 29.86 -23.95 36.45
N HIS C 41 30.53 -24.92 35.84
CA HIS C 41 31.60 -24.63 34.90
C HIS C 41 30.96 -24.13 33.62
N VAL C 42 29.71 -24.53 33.42
CA VAL C 42 28.90 -24.20 32.23
C VAL C 42 28.84 -22.67 32.04
N ASP C 43 29.11 -22.24 30.81
CA ASP C 43 28.96 -20.84 30.46
C ASP C 43 27.51 -20.65 29.91
N CYS C 44 26.63 -20.09 30.72
CA CYS C 44 25.28 -20.10 30.29
C CYS C 44 25.03 -19.37 28.96
N GLN C 45 25.79 -18.31 28.68
CA GLN C 45 25.62 -17.55 27.47
C GLN C 45 26.02 -18.44 26.31
N SER C 46 27.12 -19.20 26.47
CA SER C 46 27.49 -20.21 25.50
C SER C 46 26.42 -21.22 25.30
N VAL C 47 25.78 -21.62 26.39
CA VAL C 47 24.79 -22.72 26.25
C VAL C 47 23.61 -22.23 25.41
N TRP C 48 23.11 -21.03 25.72
CA TRP C 48 22.03 -20.43 24.90
C TRP C 48 22.43 -20.29 23.38
N ASP C 49 23.61 -19.76 23.12
CA ASP C 49 24.07 -19.59 21.74
C ASP C 49 24.12 -20.94 21.01
N ALA C 50 24.51 -22.01 21.68
CA ALA C 50 24.54 -23.29 21.00
C ALA C 50 23.10 -23.82 20.82
N PHE C 51 22.21 -23.56 21.80
CA PHE C 51 20.81 -23.95 21.66
C PHE C 51 20.21 -23.21 20.49
N LYS C 52 20.21 -21.87 20.56
CA LYS C 52 19.85 -21.01 19.40
C LYS C 52 20.43 -21.49 18.02
N GLY C 53 21.72 -21.72 18.01
CA GLY C 53 22.40 -22.08 16.78
C GLY C 53 21.95 -23.44 16.22
N ALA C 54 21.39 -24.31 17.04
CA ALA C 54 20.76 -25.55 16.57
C ALA C 54 19.52 -25.38 15.61
N PHE C 55 18.74 -24.32 15.76
CA PHE C 55 17.49 -24.26 15.04
C PHE C 55 17.35 -22.91 14.34
N ILE C 56 18.12 -21.94 14.76
CA ILE C 56 18.04 -20.59 14.13
C ILE C 56 18.36 -20.59 12.63
N SER C 57 17.62 -19.84 11.81
CA SER C 57 17.93 -19.69 10.40
C SER C 57 17.96 -21.05 9.77
N LYS C 58 17.22 -22.03 10.30
CA LYS C 58 17.17 -23.36 9.71
C LYS C 58 15.70 -23.72 9.51
N HIS C 59 15.43 -24.55 8.51
CA HIS C 59 14.02 -24.92 8.20
C HIS C 59 13.60 -25.87 9.29
N PRO C 60 12.54 -25.51 10.01
CA PRO C 60 12.12 -26.35 11.11
C PRO C 60 11.69 -27.78 10.76
N CYS C 61 11.59 -28.12 9.50
CA CYS C 61 11.19 -29.49 9.19
C CYS C 61 12.43 -30.27 8.84
N ASP C 62 13.60 -29.63 8.84
CA ASP C 62 14.78 -30.26 8.29
C ASP C 62 15.85 -30.35 9.40
N ILE C 63 15.42 -30.28 10.63
CA ILE C 63 16.36 -30.25 11.79
C ILE C 63 16.87 -31.69 11.99
N THR C 64 18.14 -31.90 12.40
CA THR C 64 18.61 -33.25 12.68
C THR C 64 19.35 -33.34 14.04
N GLU C 65 19.48 -34.53 14.57
CA GLU C 65 20.31 -34.71 15.72
C GLU C 65 21.63 -33.87 15.64
N GLU C 66 22.27 -33.91 14.49
CA GLU C 66 23.53 -33.22 14.33
C GLU C 66 23.40 -31.75 14.63
N ASP C 67 22.25 -31.16 14.36
CA ASP C 67 22.10 -29.74 14.69
C ASP C 67 22.32 -29.50 16.19
N TYR C 68 21.97 -30.47 17.02
CA TYR C 68 22.07 -30.27 18.45
C TYR C 68 23.39 -30.72 19.10
N GLN C 69 24.34 -31.14 18.27
CA GLN C 69 25.60 -31.64 18.79
C GLN C 69 26.40 -30.60 19.61
N PRO C 70 26.51 -29.35 19.14
CA PRO C 70 27.17 -28.38 19.99
C PRO C 70 26.45 -28.22 21.34
N LEU C 71 25.13 -28.11 21.37
CA LEU C 71 24.44 -28.10 22.66
C LEU C 71 24.74 -29.34 23.56
N MET C 72 24.70 -30.57 23.02
CA MET C 72 24.93 -31.79 23.82
C MET C 72 26.32 -31.75 24.39
N LYS C 73 27.25 -31.29 23.60
CA LYS C 73 28.60 -31.16 24.07
C LYS C 73 28.70 -30.22 25.26
N LEU C 74 28.16 -29.03 25.14
CA LEU C 74 28.27 -28.07 26.22
C LEU C 74 27.44 -28.58 27.38
N GLY C 75 26.41 -29.36 27.11
CA GLY C 75 25.54 -29.84 28.21
C GLY C 75 25.94 -31.18 28.81
N THR C 76 27.10 -31.71 28.39
CA THR C 76 27.58 -33.05 28.84
C THR C 76 27.48 -33.15 30.37
N GLN C 77 26.95 -34.25 30.88
CA GLN C 77 26.71 -34.38 32.31
C GLN C 77 26.53 -35.84 32.62
N THR C 78 27.29 -36.35 33.58
CA THR C 78 27.22 -37.74 34.00
C THR C 78 26.33 -37.84 35.26
N VAL C 79 25.16 -38.43 35.10
CA VAL C 79 24.39 -38.83 36.27
C VAL C 79 24.64 -40.30 36.48
N PRO C 80 24.49 -40.76 37.72
CA PRO C 80 24.68 -42.18 38.04
C PRO C 80 23.76 -43.03 37.17
N CYS C 81 24.33 -43.90 36.36
CA CYS C 81 23.52 -44.64 35.38
C CYS C 81 22.50 -45.64 35.95
N ASN C 82 22.75 -46.15 37.16
CA ASN C 82 21.81 -47.09 37.79
C ASN C 82 20.67 -46.37 38.56
N LYS C 83 20.54 -45.06 38.38
CA LYS C 83 19.60 -44.24 39.16
C LYS C 83 18.57 -43.52 38.29
N ILE C 84 18.15 -44.15 37.21
CA ILE C 84 17.41 -43.44 36.12
C ILE C 84 15.93 -43.83 36.14
N LEU C 85 15.08 -42.81 36.04
CA LEU C 85 13.63 -43.00 36.10
C LEU C 85 13.17 -42.38 34.84
N LEU C 86 12.72 -43.21 33.91
CA LEU C 86 12.11 -42.78 32.71
C LEU C 86 10.62 -42.72 33.03
N TRP C 87 9.86 -42.13 32.11
CA TRP C 87 8.39 -42.07 32.27
C TRP C 87 7.77 -42.03 30.87
N SER C 88 6.50 -42.39 30.77
CA SER C 88 5.76 -42.11 29.53
C SER C 88 4.38 -41.57 29.88
N ARG C 89 4.09 -40.33 29.46
CA ARG C 89 2.73 -39.80 29.58
C ARG C 89 2.37 -39.44 31.01
N ILE C 90 3.35 -39.31 31.91
CA ILE C 90 3.04 -39.18 33.36
C ILE C 90 4.20 -38.55 34.09
N LYS C 91 4.65 -37.42 33.59
CA LYS C 91 5.88 -36.85 34.03
C LYS C 91 5.74 -36.13 35.35
N ASP C 92 4.55 -35.60 35.66
CA ASP C 92 4.39 -34.93 36.98
C ASP C 92 4.74 -35.74 38.22
N LEU C 93 4.13 -36.92 38.36
CA LEU C 93 4.46 -37.84 39.44
C LEU C 93 5.98 -38.19 39.42
N ALA C 94 6.50 -38.43 38.23
CA ALA C 94 7.90 -38.79 38.14
C ALA C 94 8.79 -37.70 38.70
N HIS C 95 8.47 -36.44 38.39
CA HIS C 95 9.26 -35.32 38.92
C HIS C 95 9.09 -35.13 40.38
N GLN C 96 7.87 -35.37 40.89
CA GLN C 96 7.60 -35.27 42.31
C GLN C 96 8.44 -36.35 43.01
N PHE C 97 8.42 -37.55 42.45
CA PHE C 97 9.18 -38.70 43.06
C PHE C 97 10.65 -38.32 43.19
N THR C 98 11.26 -37.80 42.12
CA THR C 98 12.69 -37.42 42.17
C THR C 98 13.02 -36.20 43.06
N GLN C 99 12.05 -35.33 43.30
CA GLN C 99 12.28 -34.25 44.25
C GLN C 99 12.25 -34.75 45.69
N VAL C 100 11.73 -35.96 45.91
CA VAL C 100 11.72 -36.62 47.20
C VAL C 100 12.87 -37.61 47.24
N GLN C 101 12.90 -38.51 46.28
CA GLN C 101 14.04 -39.41 46.18
C GLN C 101 15.15 -38.67 45.44
N ARG C 102 15.84 -37.78 46.15
CA ARG C 102 16.84 -36.86 45.56
C ARG C 102 17.99 -37.62 44.90
N ASP C 103 17.79 -38.92 44.83
CA ASP C 103 18.75 -39.92 44.44
C ASP C 103 18.68 -40.27 42.94
N MET C 104 17.51 -40.02 42.36
CA MET C 104 17.10 -40.55 41.08
C MET C 104 16.88 -39.40 40.09
N PHE C 105 17.04 -39.67 38.82
CA PHE C 105 17.00 -38.60 37.85
C PHE C 105 16.08 -39.01 36.74
N THR C 106 15.25 -38.05 36.32
CA THR C 106 14.49 -38.16 35.11
C THR C 106 15.34 -37.30 34.20
N LEU C 107 14.97 -37.22 32.93
CA LEU C 107 15.70 -36.44 31.94
C LEU C 107 15.64 -34.97 32.32
N GLU C 108 14.51 -34.53 32.87
CA GLU C 108 14.35 -33.13 33.26
C GLU C 108 15.10 -32.72 34.47
N ASP C 109 15.74 -33.68 35.14
CA ASP C 109 16.65 -33.40 36.22
C ASP C 109 18.14 -33.14 35.76
N THR C 110 18.40 -33.37 34.45
CA THR C 110 19.67 -33.09 33.85
C THR C 110 19.70 -31.63 33.32
N LEU C 111 20.87 -31.09 33.02
CA LEU C 111 20.83 -29.67 32.67
C LEU C 111 19.94 -29.48 31.41
N LEU C 112 20.04 -30.37 30.42
CA LEU C 112 19.40 -30.09 29.10
C LEU C 112 17.90 -30.38 29.11
N GLY C 113 17.49 -31.49 29.75
CA GLY C 113 16.09 -31.70 30.05
C GLY C 113 15.46 -30.50 30.76
N TYR C 114 16.16 -29.98 31.77
CA TYR C 114 15.67 -28.91 32.61
C TYR C 114 15.52 -27.59 31.76
N LEU C 115 16.45 -27.30 30.84
CA LEU C 115 16.33 -26.04 30.08
C LEU C 115 15.07 -26.12 29.24
N ALA C 116 14.75 -27.30 28.68
CA ALA C 116 13.73 -27.33 27.60
C ALA C 116 12.33 -27.74 28.08
N ASP C 117 12.22 -28.28 29.30
CA ASP C 117 10.95 -28.85 29.78
C ASP C 117 9.76 -27.92 29.60
N ASP C 118 8.71 -28.38 28.93
CA ASP C 118 7.48 -27.59 28.72
C ASP C 118 7.71 -26.38 27.80
N LEU C 119 8.86 -26.22 27.13
CA LEU C 119 8.95 -25.04 26.21
C LEU C 119 8.69 -25.47 24.73
N THR C 120 8.52 -24.53 23.81
CA THR C 120 8.46 -24.89 22.40
C THR C 120 9.31 -23.81 21.77
N TRP C 121 9.91 -24.11 20.63
CA TRP C 121 10.81 -23.18 19.96
C TRP C 121 10.94 -23.61 18.52
N CYS C 122 11.23 -22.65 17.61
CA CYS C 122 11.53 -22.92 16.25
C CYS C 122 11.98 -21.58 15.60
N GLY C 123 12.64 -21.67 14.44
CA GLY C 123 13.25 -20.54 13.80
C GLY C 123 12.56 -20.52 12.47
N GLU C 124 13.23 -19.99 11.46
CA GLU C 124 12.69 -19.86 10.11
C GLU C 124 13.82 -19.98 9.17
N PHE C 125 13.62 -20.65 8.04
CA PHE C 125 14.73 -20.79 7.10
C PHE C 125 15.28 -19.41 6.69
N ASP C 126 14.38 -18.52 6.33
CA ASP C 126 14.90 -17.32 5.65
C ASP C 126 15.63 -16.25 6.50
N THR C 127 15.91 -16.56 7.76
CA THR C 127 16.06 -15.45 8.66
C THR C 127 16.66 -15.87 9.98
N SER C 128 17.22 -14.96 10.76
CA SER C 128 17.72 -15.48 12.05
C SER C 128 16.68 -15.25 13.15
N LYS C 129 15.43 -14.99 12.79
CA LYS C 129 14.45 -14.61 13.82
C LYS C 129 13.85 -15.89 14.46
N ILE C 130 13.61 -15.84 15.77
CA ILE C 130 12.76 -16.82 16.49
C ILE C 130 11.30 -16.67 16.10
N ASN C 131 10.58 -17.78 15.83
CA ASN C 131 9.20 -17.72 15.41
C ASN C 131 8.33 -17.82 16.65
N TYR C 132 7.77 -16.67 17.04
CA TYR C 132 6.98 -16.65 18.22
C TYR C 132 5.53 -16.85 17.87
N GLN C 133 5.18 -16.90 16.57
CA GLN C 133 3.77 -17.01 16.20
C GLN C 133 3.27 -18.44 16.20
N SER C 134 4.04 -19.35 15.55
CA SER C 134 3.66 -20.76 15.41
C SER C 134 4.93 -21.56 15.15
N CYS C 135 4.80 -22.88 15.34
CA CYS C 135 5.86 -23.86 15.10
C CYS C 135 5.17 -25.13 14.62
N PRO C 136 5.93 -26.01 13.98
CA PRO C 136 5.36 -27.20 13.28
C PRO C 136 4.74 -28.17 14.28
N ASP C 137 3.49 -28.56 14.00
CA ASP C 137 2.83 -29.58 14.76
C ASP C 137 3.36 -30.93 14.28
N TRP C 138 3.87 -31.74 15.18
CA TRP C 138 4.50 -32.98 14.86
C TRP C 138 3.65 -33.80 13.89
N ARG C 139 2.35 -33.80 14.14
CA ARG C 139 1.42 -34.57 13.36
C ARG C 139 0.92 -33.84 12.14
N LYS C 140 0.53 -32.58 12.23
CA LYS C 140 -0.08 -31.95 10.98
C LYS C 140 0.96 -31.36 10.03
N ASP C 141 2.14 -31.08 10.57
CA ASP C 141 3.09 -30.29 9.78
C ASP C 141 4.24 -31.24 9.46
N CYS C 142 5.09 -31.51 10.44
CA CYS C 142 6.23 -32.39 10.13
C CYS C 142 6.79 -32.87 11.44
N SER C 143 7.28 -34.11 11.44
CA SER C 143 7.81 -34.73 12.66
C SER C 143 9.26 -34.42 12.91
N ASN C 144 10.04 -33.99 11.93
CA ASN C 144 11.39 -33.47 12.26
C ASN C 144 11.55 -31.98 12.54
N ASN C 145 10.93 -31.56 13.61
CA ASN C 145 10.95 -30.21 14.00
C ASN C 145 11.91 -29.99 15.21
N PRO C 146 12.18 -28.73 15.50
CA PRO C 146 13.23 -28.47 16.47
C PRO C 146 12.95 -29.12 17.85
N VAL C 147 11.72 -29.09 18.34
CA VAL C 147 11.37 -29.67 19.61
C VAL C 147 11.43 -31.19 19.57
N SER C 148 10.76 -31.85 18.60
CA SER C 148 10.75 -33.33 18.55
C SER C 148 12.16 -33.87 18.33
N VAL C 149 12.93 -33.23 17.46
CA VAL C 149 14.32 -33.62 17.31
C VAL C 149 15.17 -33.42 18.54
N PHE C 150 14.99 -32.30 19.25
CA PHE C 150 15.69 -32.13 20.51
C PHE C 150 15.44 -33.33 21.44
N TRP C 151 14.19 -33.66 21.72
CA TRP C 151 13.82 -34.70 22.71
C TRP C 151 14.26 -36.07 22.27
N LYS C 152 14.10 -36.38 20.97
CA LYS C 152 14.52 -37.68 20.47
C LYS C 152 16.02 -37.82 20.77
N THR C 153 16.76 -36.73 20.63
CA THR C 153 18.22 -36.81 20.62
C THR C 153 18.71 -36.85 22.06
N VAL C 154 18.16 -36.01 22.93
CA VAL C 154 18.57 -36.06 24.35
C VAL C 154 18.09 -37.33 25.03
N SER C 155 16.91 -37.80 24.63
CA SER C 155 16.27 -39.04 25.09
C SER C 155 17.10 -40.26 24.84
N ARG C 156 17.48 -40.44 23.56
CA ARG C 156 18.28 -41.55 23.12
C ARG C 156 19.59 -41.61 23.93
N ARG C 157 20.24 -40.45 24.09
CA ARG C 157 21.50 -40.43 24.82
C ARG C 157 21.30 -40.66 26.30
N PHE C 158 20.16 -40.19 26.82
CA PHE C 158 19.84 -40.48 28.23
C PHE C 158 19.65 -42.03 28.43
N ALA C 159 18.76 -42.63 27.65
CA ALA C 159 18.58 -44.10 27.66
C ALA C 159 19.87 -44.92 27.38
N GLU C 160 20.71 -44.45 26.44
CA GLU C 160 21.97 -45.15 26.17
C GLU C 160 22.89 -45.16 27.37
N ALA C 161 22.87 -44.09 28.15
CA ALA C 161 23.78 -44.04 29.30
C ALA C 161 23.26 -44.82 30.52
N ALA C 162 22.06 -45.38 30.44
CA ALA C 162 21.44 -45.97 31.61
C ALA C 162 22.06 -47.34 31.84
N CYS C 163 21.94 -47.87 33.04
CA CYS C 163 22.51 -49.15 33.40
C CYS C 163 21.80 -49.74 34.60
N ASP C 164 22.12 -50.99 34.91
CA ASP C 164 21.54 -51.74 36.05
C ASP C 164 20.01 -51.91 35.92
N VAL C 165 19.25 -51.53 36.95
CA VAL C 165 17.80 -51.61 36.89
C VAL C 165 17.35 -50.23 36.42
N VAL C 166 16.58 -50.20 35.34
CA VAL C 166 16.08 -48.92 34.90
C VAL C 166 14.61 -48.90 35.30
N HIS C 167 14.14 -47.80 35.90
CA HIS C 167 12.72 -47.71 36.16
C HIS C 167 11.95 -46.85 35.15
N VAL C 168 10.72 -47.25 34.88
CA VAL C 168 9.84 -46.42 34.05
C VAL C 168 8.47 -46.20 34.69
N MET C 169 8.07 -44.96 34.85
CA MET C 169 6.69 -44.75 35.29
C MET C 169 5.68 -44.75 34.12
N LEU C 170 4.62 -45.53 34.22
CA LEU C 170 3.56 -45.56 33.20
C LEU C 170 2.20 -45.11 33.76
N ASP C 171 1.39 -44.43 32.96
CA ASP C 171 0.06 -44.10 33.47
C ASP C 171 -0.95 -45.21 33.27
N GLY C 172 -1.24 -45.94 34.33
CA GLY C 172 -2.24 -46.98 34.26
C GLY C 172 -3.66 -46.50 34.00
N SER C 173 -3.91 -45.22 33.90
CA SER C 173 -5.29 -44.90 33.53
C SER C 173 -5.40 -44.59 32.03
N ARG C 174 -4.33 -44.79 31.28
CA ARG C 174 -4.34 -44.36 29.86
C ARG C 174 -5.08 -45.40 29.02
N SER C 175 -5.28 -45.12 27.74
CA SER C 175 -5.86 -46.13 26.88
C SER C 175 -4.80 -47.17 26.59
N LYS C 176 -3.61 -46.70 26.25
CA LYS C 176 -2.48 -47.60 26.07
C LYS C 176 -1.47 -47.27 27.18
N ILE C 177 -1.46 -48.04 28.24
CA ILE C 177 -0.55 -47.74 29.35
C ILE C 177 0.92 -47.67 28.84
N PHE C 178 1.30 -48.67 28.06
CA PHE C 178 2.45 -48.55 27.20
C PHE C 178 2.00 -48.22 25.74
N ASP C 179 2.51 -47.14 25.14
CA ASP C 179 2.13 -46.79 23.78
C ASP C 179 3.36 -46.91 22.96
N LYS C 180 3.42 -47.90 22.08
CA LYS C 180 4.60 -48.18 21.25
C LYS C 180 4.94 -46.97 20.35
N ASP C 181 4.01 -46.07 20.18
CA ASP C 181 4.32 -44.87 19.42
C ASP C 181 4.63 -43.62 20.21
N SER C 182 4.76 -43.71 21.53
CA SER C 182 5.17 -42.50 22.28
C SER C 182 6.66 -42.29 22.12
N THR C 183 7.24 -41.25 22.74
CA THR C 183 8.67 -41.07 22.67
C THR C 183 9.30 -42.17 23.50
N PHE C 184 8.64 -42.52 24.60
CA PHE C 184 9.20 -43.66 25.34
C PHE C 184 9.21 -44.91 24.51
N GLY C 185 8.06 -45.27 23.93
CA GLY C 185 7.89 -46.53 23.17
C GLY C 185 8.76 -46.62 21.92
N SER C 186 9.11 -45.48 21.32
CA SER C 186 9.84 -45.54 20.10
C SER C 186 11.32 -45.07 20.13
N VAL C 187 11.72 -44.29 21.13
CA VAL C 187 13.10 -43.83 21.25
C VAL C 187 13.77 -44.50 22.47
N GLU C 188 13.33 -44.16 23.68
CA GLU C 188 14.06 -44.56 24.89
C GLU C 188 14.19 -46.09 25.02
N VAL C 189 13.07 -46.77 24.87
CA VAL C 189 13.01 -48.21 25.12
C VAL C 189 13.96 -48.92 24.17
N HIS C 190 14.05 -48.45 22.94
CA HIS C 190 14.91 -49.16 21.99
C HIS C 190 16.37 -48.74 22.06
N ASN C 191 16.72 -47.87 23.00
CA ASN C 191 18.14 -47.56 23.20
C ASN C 191 18.71 -47.97 24.56
N LEU C 192 17.99 -48.86 25.24
CA LEU C 192 18.47 -49.47 26.47
C LEU C 192 19.43 -50.57 26.07
N GLN C 193 20.66 -50.51 26.55
CA GLN C 193 21.68 -51.49 26.14
C GLN C 193 21.62 -52.72 27.02
N PRO C 194 21.51 -53.93 26.43
CA PRO C 194 21.46 -55.14 27.29
C PRO C 194 22.80 -55.39 28.01
N GLU C 195 23.87 -54.78 27.49
CA GLU C 195 25.23 -54.93 28.06
C GLU C 195 25.37 -54.26 29.44
N LYS C 196 24.59 -53.18 29.63
CA LYS C 196 24.62 -52.31 30.79
C LYS C 196 23.34 -52.42 31.60
N VAL C 197 22.16 -52.47 30.91
CA VAL C 197 20.86 -52.63 31.58
C VAL C 197 20.51 -54.09 31.74
N GLN C 198 20.24 -54.54 32.98
CA GLN C 198 19.77 -55.91 33.16
C GLN C 198 18.26 -56.06 33.24
N THR C 199 17.59 -54.98 33.66
CA THR C 199 16.18 -55.08 34.05
C THR C 199 15.48 -53.73 33.84
N LEU C 200 14.34 -53.75 33.15
CA LEU C 200 13.45 -52.58 33.05
C LEU C 200 12.31 -52.84 34.01
N GLU C 201 12.21 -52.03 35.07
CA GLU C 201 11.11 -52.27 35.98
C GLU C 201 10.06 -51.19 35.78
N ALA C 202 8.86 -51.58 35.32
CA ALA C 202 7.76 -50.59 35.10
C ALA C 202 6.93 -50.33 36.36
N TRP C 203 6.66 -49.06 36.62
CA TRP C 203 5.72 -48.76 37.70
C TRP C 203 4.41 -48.30 37.08
N VAL C 204 3.40 -49.14 37.09
CA VAL C 204 2.10 -48.79 36.55
C VAL C 204 1.21 -48.06 37.56
N ILE C 205 1.26 -46.75 37.54
CA ILE C 205 0.47 -45.85 38.38
C ILE C 205 -1.03 -45.87 38.14
N HIS C 206 -1.78 -46.34 39.12
CA HIS C 206 -3.24 -46.25 39.13
C HIS C 206 -3.80 -44.84 39.45
N GLY C 207 -4.21 -44.09 38.43
CA GLY C 207 -4.91 -42.80 38.65
C GLY C 207 -6.42 -42.77 38.95
N GLY C 208 -7.22 -43.60 38.28
CA GLY C 208 -8.69 -43.40 38.27
C GLY C 208 -9.68 -44.21 39.10
N ARG C 209 -9.22 -44.78 40.21
CA ARG C 209 -10.15 -45.19 41.26
C ARG C 209 -9.82 -46.48 42.03
N GLU C 210 -8.66 -46.39 42.69
CA GLU C 210 -8.21 -47.17 43.88
C GLU C 210 -7.63 -48.58 43.72
N ASP C 211 -8.38 -49.53 44.27
CA ASP C 211 -8.08 -50.97 44.33
C ASP C 211 -8.25 -51.74 42.99
N SER C 212 -8.05 -51.05 41.85
CA SER C 212 -8.31 -51.60 40.53
C SER C 212 -7.76 -53.04 40.33
N ARG C 213 -7.62 -53.44 39.08
CA ARG C 213 -7.07 -54.74 38.77
C ARG C 213 -5.56 -54.69 38.70
N ASP C 214 -4.98 -55.81 38.30
CA ASP C 214 -3.56 -55.92 38.17
C ASP C 214 -3.22 -55.52 36.74
N LEU C 215 -2.79 -54.30 36.57
CA LEU C 215 -2.61 -53.73 35.25
C LEU C 215 -1.28 -54.17 34.64
N CYS C 216 -0.51 -54.90 35.42
CA CYS C 216 0.70 -55.52 34.89
C CYS C 216 0.28 -56.62 33.94
N GLN C 217 -1.00 -56.98 33.99
CA GLN C 217 -1.61 -57.93 33.04
C GLN C 217 -2.21 -57.32 31.77
N ASP C 218 -2.21 -56.00 31.67
CA ASP C 218 -2.69 -55.35 30.47
C ASP C 218 -1.84 -55.74 29.26
N PRO C 219 -2.53 -55.93 28.12
CA PRO C 219 -2.03 -56.16 26.77
C PRO C 219 -0.88 -55.24 26.33
N THR C 220 -0.95 -53.96 26.55
CA THR C 220 0.13 -53.14 26.11
C THR C 220 1.37 -53.45 26.93
N ILE C 221 1.19 -54.09 28.09
CA ILE C 221 2.29 -54.24 29.06
C ILE C 221 3.07 -55.51 28.70
N LYS C 222 2.33 -56.55 28.31
CA LYS C 222 2.91 -57.68 27.62
C LYS C 222 3.73 -57.27 26.41
N GLU C 223 3.27 -56.26 25.71
CA GLU C 223 3.93 -55.90 24.49
C GLU C 223 5.26 -55.32 24.95
N LEU C 224 5.20 -54.38 25.88
CA LEU C 224 6.43 -53.79 26.45
C LEU C 224 7.38 -54.92 26.78
N GLU C 225 6.84 -55.99 27.36
CA GLU C 225 7.68 -57.01 27.92
C GLU C 225 8.36 -57.75 26.79
N SER C 226 7.60 -57.92 25.72
CA SER C 226 8.04 -58.67 24.57
C SER C 226 9.18 -57.91 23.99
N ILE C 227 8.95 -56.63 23.79
CA ILE C 227 9.89 -55.76 23.19
C ILE C 227 11.19 -55.81 23.94
N ILE C 228 11.12 -55.84 25.27
CA ILE C 228 12.35 -55.73 26.03
C ILE C 228 12.98 -57.11 26.26
N SER C 229 12.16 -58.14 26.32
CA SER C 229 12.66 -59.48 26.25
C SER C 229 13.43 -59.75 24.96
N LYS C 230 12.82 -59.53 23.81
CA LYS C 230 13.55 -59.53 22.55
C LYS C 230 14.86 -58.75 22.66
N ARG C 231 14.92 -57.76 23.54
CA ARG C 231 16.17 -57.01 23.71
C ARG C 231 17.22 -57.69 24.59
N ASN C 232 16.88 -58.90 25.05
CA ASN C 232 17.58 -59.62 26.14
C ASN C 232 17.76 -58.80 27.41
N ILE C 233 16.81 -57.89 27.66
CA ILE C 233 16.71 -57.27 28.98
C ILE C 233 15.58 -57.94 29.77
N GLN C 234 15.76 -58.00 31.09
CA GLN C 234 14.75 -58.50 32.03
C GLN C 234 13.61 -57.49 32.25
N PHE C 235 12.38 -57.97 32.30
CA PHE C 235 11.29 -57.07 32.49
C PHE C 235 10.61 -57.35 33.80
N SER C 236 10.22 -56.29 34.48
CA SER C 236 9.41 -56.54 35.66
C SER C 236 8.45 -55.41 35.80
N CYS C 237 7.33 -55.70 36.45
CA CYS C 237 6.23 -54.78 36.50
C CYS C 237 5.66 -54.72 37.89
N LYS C 238 5.53 -53.52 38.42
CA LYS C 238 4.86 -53.37 39.72
C LYS C 238 3.70 -52.34 39.60
N ASN C 239 2.51 -52.70 40.10
CA ASN C 239 1.38 -51.76 40.32
C ASN C 239 1.53 -50.80 41.50
N ILE C 240 1.38 -49.51 41.26
CA ILE C 240 1.23 -48.51 42.33
C ILE C 240 -0.25 -48.09 42.51
N TYR C 241 -0.99 -48.83 43.32
CA TYR C 241 -2.41 -48.51 43.58
C TYR C 241 -2.66 -47.10 44.14
N ARG C 242 -2.04 -46.75 45.25
CA ARG C 242 -2.17 -45.40 45.80
C ARG C 242 -0.92 -44.57 45.57
N PRO C 243 -0.87 -43.81 44.47
CA PRO C 243 0.32 -42.95 44.30
C PRO C 243 0.48 -41.86 45.39
N ASP C 244 -0.63 -41.52 46.03
CA ASP C 244 -0.66 -40.55 47.14
C ASP C 244 0.18 -41.08 48.31
N LYS C 245 -0.16 -42.28 48.75
CA LYS C 245 0.58 -42.95 49.81
C LYS C 245 2.01 -43.24 49.35
N PHE C 246 2.14 -43.69 48.11
CA PHE C 246 3.45 -43.99 47.57
C PHE C 246 4.43 -42.83 47.87
N LEU C 247 4.19 -41.68 47.28
CA LEU C 247 5.07 -40.53 47.50
C LEU C 247 5.28 -40.23 48.97
N GLN C 248 4.27 -40.53 49.75
CA GLN C 248 4.30 -40.26 51.19
C GLN C 248 5.25 -41.24 51.90
N CYS C 249 5.18 -42.52 51.54
CA CYS C 249 6.20 -43.47 51.98
C CYS C 249 7.63 -43.13 51.49
N VAL C 250 7.77 -42.81 50.22
CA VAL C 250 9.07 -42.36 49.75
C VAL C 250 9.52 -41.16 50.60
N LYS C 251 8.58 -40.33 51.03
CA LYS C 251 8.86 -39.14 51.85
C LYS C 251 9.29 -39.64 53.22
N ASN C 252 8.35 -40.21 53.96
CA ASN C 252 8.63 -40.79 55.28
C ASN C 252 8.34 -42.28 55.26
N PRO C 253 9.39 -43.09 55.12
CA PRO C 253 9.42 -44.56 55.14
C PRO C 253 8.82 -45.16 56.42
N GLU C 254 8.21 -46.34 56.29
CA GLU C 254 7.67 -47.11 57.44
C GLU C 254 6.40 -46.59 58.13
N ASP C 255 6.19 -47.12 59.34
CA ASP C 255 5.10 -46.70 60.24
C ASP C 255 3.71 -46.94 59.64
N SER C 256 3.23 -45.93 58.90
CA SER C 256 2.00 -45.97 58.12
C SER C 256 2.03 -47.13 57.12
N SER C 257 1.87 -48.34 57.69
CA SER C 257 2.46 -49.58 57.15
C SER C 257 2.52 -49.70 55.62
N CYS C 258 3.49 -48.98 55.09
CA CYS C 258 3.85 -49.03 53.71
C CYS C 258 4.53 -50.37 53.40
N ARG D 7 5.30 40.14 -41.81
CA ARG D 7 5.05 38.78 -42.43
C ARG D 7 4.26 37.69 -41.66
N TRP D 8 3.36 37.06 -42.39
CA TRP D 8 2.21 36.37 -41.83
C TRP D 8 2.33 34.85 -41.78
N ARG D 9 3.39 34.29 -42.35
CA ARG D 9 3.51 32.85 -42.36
C ARG D 9 4.74 32.41 -41.61
N GLN D 10 4.65 31.26 -40.96
CA GLN D 10 5.74 30.74 -40.17
C GLN D 10 6.34 29.51 -40.93
N THR D 11 7.64 29.31 -40.80
CA THR D 11 8.26 28.29 -41.62
C THR D 11 7.86 26.90 -41.14
N TRP D 12 7.63 26.71 -39.83
CA TRP D 12 7.59 25.35 -39.26
C TRP D 12 6.34 25.21 -38.39
N SER D 13 6.08 23.98 -37.98
CA SER D 13 4.94 23.64 -37.14
C SER D 13 5.15 23.63 -35.69
N GLY D 14 6.37 23.45 -35.22
CA GLY D 14 6.56 23.37 -33.78
C GLY D 14 6.78 24.73 -33.17
N PRO D 15 6.81 24.78 -31.83
CA PRO D 15 7.18 25.96 -31.07
C PRO D 15 8.60 26.44 -31.54
N GLY D 16 8.86 27.74 -31.45
CA GLY D 16 10.18 28.27 -31.83
C GLY D 16 11.12 28.22 -30.68
N THR D 17 12.26 28.88 -30.90
CA THR D 17 13.26 29.02 -29.92
C THR D 17 12.71 29.66 -28.67
N THR D 18 12.92 28.97 -27.54
CA THR D 18 12.58 29.53 -26.24
C THR D 18 13.12 30.98 -26.12
N LYS D 19 12.35 31.89 -25.54
CA LYS D 19 12.74 33.29 -25.52
C LYS D 19 14.02 33.49 -24.74
N ARG D 20 14.89 34.45 -25.13
CA ARG D 20 16.14 34.67 -24.41
C ARG D 20 16.96 33.34 -24.27
N PHE D 21 16.85 32.49 -25.28
CA PHE D 21 17.56 31.21 -25.29
C PHE D 21 19.07 31.45 -25.07
N PRO D 22 19.67 32.38 -25.81
CA PRO D 22 21.08 32.74 -25.57
C PRO D 22 21.37 33.14 -24.13
N GLU D 23 20.66 34.13 -23.59
CA GLU D 23 20.77 34.51 -22.17
C GLU D 23 20.59 33.34 -21.16
N THR D 24 19.74 32.41 -21.52
CA THR D 24 19.38 31.30 -20.63
C THR D 24 20.44 30.24 -20.50
N VAL D 25 21.04 29.90 -21.65
CA VAL D 25 22.02 28.80 -21.72
C VAL D 25 23.27 29.23 -21.04
N LEU D 26 23.64 30.49 -21.28
CA LEU D 26 24.76 31.07 -20.59
C LEU D 26 24.53 31.06 -19.11
N ALA D 27 23.39 31.55 -18.63
CA ALA D 27 23.15 31.67 -17.18
C ALA D 27 23.08 30.28 -16.55
N ARG D 28 22.50 29.30 -17.27
CA ARG D 28 22.49 27.91 -16.79
C ARG D 28 23.90 27.39 -16.75
N CYS D 29 24.73 27.74 -17.73
CA CYS D 29 26.08 27.23 -17.70
C CYS D 29 26.77 27.73 -16.44
N VAL D 30 26.67 29.04 -16.17
CA VAL D 30 27.27 29.66 -14.98
C VAL D 30 26.74 29.05 -13.69
N LYS D 31 25.41 28.89 -13.62
CA LYS D 31 24.75 28.22 -12.49
C LYS D 31 25.33 26.82 -12.29
N TYR D 32 25.48 26.09 -13.38
CA TYR D 32 25.93 24.72 -13.30
C TYR D 32 27.32 24.67 -12.70
N THR D 33 28.22 25.54 -13.15
CA THR D 33 29.58 25.55 -12.66
C THR D 33 29.69 26.06 -11.20
N GLU D 34 28.70 26.82 -10.71
CA GLU D 34 28.64 27.20 -9.26
C GLU D 34 28.39 25.99 -8.34
N ILE D 35 27.33 25.25 -8.68
CA ILE D 35 26.96 23.99 -8.07
C ILE D 35 27.98 22.89 -8.31
N HIS D 36 28.72 22.89 -9.42
CA HIS D 36 29.61 21.77 -9.71
C HIS D 36 31.08 22.10 -9.85
N PRO D 37 31.75 22.34 -8.72
CA PRO D 37 33.16 22.76 -8.76
C PRO D 37 34.04 21.94 -9.76
N GLU D 38 33.70 20.68 -10.00
CA GLU D 38 34.48 19.84 -10.90
C GLU D 38 34.40 20.39 -12.35
N MET D 39 33.37 21.17 -12.62
CA MET D 39 33.14 21.65 -13.98
C MET D 39 33.53 23.13 -14.17
N ARG D 40 34.18 23.73 -13.18
CA ARG D 40 34.41 25.18 -13.22
C ARG D 40 35.50 25.63 -14.20
N HIS D 41 36.31 24.70 -14.68
CA HIS D 41 37.28 24.96 -15.76
C HIS D 41 36.55 25.43 -17.05
N VAL D 42 35.26 25.12 -17.14
CA VAL D 42 34.43 25.34 -18.35
C VAL D 42 34.26 26.82 -18.65
N ASP D 43 34.52 27.18 -19.89
CA ASP D 43 34.35 28.54 -20.30
C ASP D 43 32.95 28.71 -20.87
N CYS D 44 32.07 29.32 -20.11
CA CYS D 44 30.69 29.39 -20.54
C CYS D 44 30.45 30.15 -21.86
N GLN D 45 31.06 31.32 -22.04
CA GLN D 45 30.94 32.03 -23.31
C GLN D 45 31.27 31.07 -24.46
N SER D 46 32.38 30.34 -24.32
CA SER D 46 32.80 29.29 -25.28
C SER D 46 31.74 28.23 -25.51
N VAL D 47 31.20 27.71 -24.41
CA VAL D 47 30.18 26.70 -24.52
C VAL D 47 29.01 27.28 -25.33
N TRP D 48 28.61 28.51 -25.02
CA TRP D 48 27.52 29.09 -25.79
C TRP D 48 27.88 29.24 -27.31
N ASP D 49 29.12 29.62 -27.62
CA ASP D 49 29.47 29.84 -29.01
C ASP D 49 29.43 28.53 -29.79
N ALA D 50 29.73 27.41 -29.12
CA ALA D 50 29.73 26.08 -29.75
C ALA D 50 28.35 25.51 -29.88
N PHE D 51 27.50 25.78 -28.90
CA PHE D 51 26.06 25.43 -28.95
C PHE D 51 25.44 26.17 -30.14
N LYS D 52 25.49 27.51 -30.06
CA LYS D 52 25.11 28.37 -31.23
C LYS D 52 25.69 27.94 -32.61
N GLY D 53 26.98 27.65 -32.59
CA GLY D 53 27.67 27.29 -33.82
C GLY D 53 27.13 26.02 -34.46
N ALA D 54 26.69 25.07 -33.63
CA ALA D 54 26.08 23.85 -34.14
C ALA D 54 24.79 24.03 -35.02
N PHE D 55 23.99 25.11 -34.85
CA PHE D 55 22.71 25.12 -35.57
C PHE D 55 22.52 26.45 -36.28
N ILE D 56 23.27 27.45 -35.88
CA ILE D 56 23.14 28.75 -36.52
C ILE D 56 23.49 28.72 -38.06
N SER D 57 22.69 29.38 -38.86
CA SER D 57 22.93 29.48 -40.29
C SER D 57 22.70 28.19 -41.02
N LYS D 58 22.28 27.16 -40.33
CA LYS D 58 22.20 25.86 -40.91
C LYS D 58 20.72 25.57 -41.12
N HIS D 59 20.45 24.73 -42.10
CA HIS D 59 19.04 24.37 -42.41
C HIS D 59 18.60 23.42 -41.31
N PRO D 60 17.54 23.78 -40.61
CA PRO D 60 17.22 22.98 -39.48
C PRO D 60 16.66 21.55 -39.78
N CYS D 61 16.57 21.16 -41.03
CA CYS D 61 16.25 19.76 -41.32
C CYS D 61 17.51 18.94 -41.65
N ASP D 62 18.69 19.56 -41.60
CA ASP D 62 19.92 18.93 -42.08
C ASP D 62 21.05 18.85 -41.03
N ILE D 63 20.66 19.00 -39.79
CA ILE D 63 21.57 18.99 -38.66
C ILE D 63 22.03 17.53 -38.51
N THR D 64 23.30 17.33 -38.13
CA THR D 64 23.77 16.00 -37.90
C THR D 64 24.52 16.05 -36.56
N GLU D 65 24.69 14.88 -35.95
CA GLU D 65 25.54 14.77 -34.81
C GLU D 65 26.86 15.57 -34.94
N GLU D 66 27.55 15.40 -36.03
CA GLU D 66 28.81 16.11 -36.24
C GLU D 66 28.72 17.60 -35.92
N ASP D 67 27.59 18.22 -36.25
CA ASP D 67 27.42 19.62 -35.86
C ASP D 67 27.65 19.86 -34.36
N TYR D 68 27.29 18.89 -33.54
CA TYR D 68 27.41 19.17 -32.14
C TYR D 68 28.70 18.71 -31.50
N GLN D 69 29.61 18.23 -32.33
CA GLN D 69 30.86 17.73 -31.78
C GLN D 69 31.63 18.74 -30.95
N PRO D 70 31.85 19.97 -31.45
CA PRO D 70 32.52 20.97 -30.64
C PRO D 70 31.82 21.20 -29.29
N LEU D 71 30.51 21.36 -29.25
CA LEU D 71 29.76 21.35 -27.97
C LEU D 71 30.08 20.10 -27.07
N MET D 72 29.91 18.88 -27.58
CA MET D 72 30.25 17.65 -26.84
C MET D 72 31.71 17.64 -26.31
N LYS D 73 32.61 18.20 -27.11
CA LYS D 73 34.01 18.34 -26.67
C LYS D 73 34.03 19.24 -25.44
N LEU D 74 33.40 20.41 -25.53
CA LEU D 74 33.55 21.42 -24.50
C LEU D 74 32.90 20.95 -23.23
N GLY D 75 31.91 20.11 -23.37
CA GLY D 75 31.10 19.76 -22.23
C GLY D 75 31.33 18.34 -21.77
N THR D 76 32.44 17.74 -22.19
CA THR D 76 32.79 16.36 -21.75
C THR D 76 32.75 16.29 -20.23
N GLN D 77 32.21 15.20 -19.71
CA GLN D 77 32.01 15.06 -18.26
C GLN D 77 31.88 13.58 -17.96
N THR D 78 32.61 13.12 -16.94
CA THR D 78 32.55 11.74 -16.54
C THR D 78 31.62 11.66 -15.35
N VAL D 79 30.41 11.19 -15.58
CA VAL D 79 29.65 10.74 -14.43
C VAL D 79 29.87 9.25 -14.21
N PRO D 80 29.97 8.86 -12.94
CA PRO D 80 30.06 7.46 -12.52
C PRO D 80 29.12 6.57 -13.37
N CYS D 81 29.66 5.64 -14.16
CA CYS D 81 28.84 4.87 -15.08
C CYS D 81 27.75 4.05 -14.43
N ASN D 82 27.97 3.68 -13.16
CA ASN D 82 27.12 2.72 -12.52
C ASN D 82 25.96 3.37 -11.75
N LYS D 83 25.93 4.70 -11.76
CA LYS D 83 24.88 5.43 -11.05
C LYS D 83 23.93 6.18 -11.99
N ILE D 84 23.52 5.50 -13.06
CA ILE D 84 22.76 6.16 -14.10
C ILE D 84 21.28 5.78 -14.11
N LEU D 85 20.45 6.82 -14.28
CA LEU D 85 18.99 6.71 -14.30
C LEU D 85 18.54 7.35 -15.60
N LEU D 86 18.05 6.52 -16.52
CA LEU D 86 17.47 7.00 -17.73
C LEU D 86 15.97 7.05 -17.42
N TRP D 87 15.19 7.63 -18.32
CA TRP D 87 13.74 7.69 -18.16
C TRP D 87 13.12 7.79 -19.58
N SER D 88 11.79 7.67 -19.64
CA SER D 88 11.07 7.84 -20.93
C SER D 88 9.68 8.43 -20.71
N ARG D 89 9.48 9.71 -21.05
CA ARG D 89 8.17 10.36 -20.84
C ARG D 89 7.87 10.68 -19.35
N ILE D 90 8.86 10.60 -18.47
CA ILE D 90 8.54 10.85 -17.07
C ILE D 90 9.72 11.38 -16.32
N LYS D 91 10.21 12.48 -16.86
CA LYS D 91 11.42 13.07 -16.39
C LYS D 91 11.30 13.73 -15.04
N ASP D 92 10.10 14.22 -14.70
CA ASP D 92 9.90 14.94 -13.42
C ASP D 92 10.24 14.16 -12.19
N LEU D 93 9.69 12.94 -12.11
CA LEU D 93 9.96 12.01 -11.02
C LEU D 93 11.47 11.61 -10.99
N ALA D 94 11.98 11.29 -12.19
CA ALA D 94 13.38 10.99 -12.35
C ALA D 94 14.21 12.11 -11.73
N HIS D 95 13.88 13.37 -12.06
CA HIS D 95 14.65 14.49 -11.51
C HIS D 95 14.46 14.70 -10.02
N GLN D 96 13.23 14.50 -9.52
CA GLN D 96 13.00 14.59 -8.10
C GLN D 96 13.89 13.52 -7.40
N PHE D 97 13.94 12.34 -7.99
CA PHE D 97 14.69 11.24 -7.37
C PHE D 97 16.17 11.64 -7.27
N THR D 98 16.80 11.95 -8.40
CA THR D 98 18.19 12.38 -8.36
C THR D 98 18.42 13.64 -7.49
N GLN D 99 17.37 14.42 -7.22
CA GLN D 99 17.52 15.49 -6.22
C GLN D 99 17.60 14.93 -4.78
N VAL D 100 17.00 13.76 -4.54
CA VAL D 100 17.17 13.11 -3.25
C VAL D 100 18.33 12.12 -3.23
N GLN D 101 18.25 11.10 -4.06
CA GLN D 101 19.38 10.17 -4.14
C GLN D 101 20.47 10.89 -4.92
N ARG D 102 21.35 11.54 -4.17
CA ARG D 102 22.25 12.50 -4.82
C ARG D 102 23.46 11.90 -5.54
N ASP D 103 23.62 10.58 -5.48
CA ASP D 103 24.72 10.02 -6.25
C ASP D 103 24.21 9.38 -7.56
N MET D 104 22.92 9.53 -7.85
CA MET D 104 22.39 9.10 -9.16
C MET D 104 22.25 10.28 -10.11
N PHE D 105 22.39 10.04 -11.41
CA PHE D 105 22.33 11.12 -12.40
C PHE D 105 21.40 10.80 -13.53
N THR D 106 20.60 11.78 -13.93
CA THR D 106 19.92 11.62 -15.18
C THR D 106 20.78 12.43 -16.13
N LEU D 107 20.42 12.43 -17.40
CA LEU D 107 21.20 13.15 -18.36
C LEU D 107 21.19 14.66 -18.02
N GLU D 108 20.11 15.11 -17.41
CA GLU D 108 19.89 16.53 -17.12
C GLU D 108 20.62 17.00 -15.85
N ASP D 109 21.24 16.04 -15.18
CA ASP D 109 22.20 16.26 -14.11
C ASP D 109 23.65 16.48 -14.63
N THR D 110 23.87 16.27 -15.94
CA THR D 110 25.15 16.61 -16.58
C THR D 110 25.10 18.01 -17.21
N LEU D 111 26.26 18.64 -17.45
CA LEU D 111 26.27 20.03 -17.85
C LEU D 111 25.43 20.19 -19.13
N LEU D 112 25.71 19.39 -20.15
CA LEU D 112 25.03 19.54 -21.46
C LEU D 112 23.52 19.31 -21.40
N GLY D 113 23.09 18.28 -20.66
CA GLY D 113 21.67 18.02 -20.57
C GLY D 113 20.99 19.13 -19.74
N TYR D 114 21.66 19.58 -18.69
CA TYR D 114 21.20 20.67 -17.89
C TYR D 114 21.04 21.95 -18.73
N LEU D 115 21.96 22.25 -19.65
CA LEU D 115 21.81 23.47 -20.48
C LEU D 115 20.50 23.46 -21.27
N ALA D 116 20.14 22.28 -21.75
CA ALA D 116 19.18 22.19 -22.85
C ALA D 116 17.80 21.82 -22.35
N ASP D 117 17.74 21.30 -21.13
CA ASP D 117 16.48 20.69 -20.66
C ASP D 117 15.30 21.62 -20.81
N ASP D 118 14.24 21.15 -21.45
CA ASP D 118 12.99 21.94 -21.59
C ASP D 118 13.14 23.13 -22.59
N LEU D 119 14.25 23.24 -23.30
CA LEU D 119 14.33 24.38 -24.24
C LEU D 119 14.12 23.93 -25.68
N THR D 120 13.89 24.88 -26.58
CA THR D 120 13.78 24.58 -27.97
C THR D 120 14.63 25.61 -28.69
N TRP D 121 15.24 25.24 -29.82
CA TRP D 121 16.03 26.20 -30.52
C TRP D 121 16.16 25.76 -32.01
N CYS D 122 16.36 26.73 -32.91
CA CYS D 122 16.72 26.49 -34.28
C CYS D 122 17.11 27.79 -34.92
N GLY D 123 17.84 27.67 -36.05
CA GLY D 123 18.30 28.82 -36.78
C GLY D 123 17.59 28.79 -38.09
N GLU D 124 18.17 29.48 -39.09
CA GLU D 124 17.57 29.59 -40.41
C GLU D 124 18.69 29.41 -41.39
N PHE D 125 18.42 28.75 -42.53
CA PHE D 125 19.42 28.53 -43.51
C PHE D 125 19.91 29.88 -43.98
N ASP D 126 21.21 29.98 -43.92
CA ASP D 126 21.89 31.05 -44.51
C ASP D 126 21.38 32.45 -44.03
N THR D 127 21.08 32.51 -42.73
CA THR D 127 20.92 33.72 -41.95
C THR D 127 21.56 33.35 -40.64
N SER D 128 22.11 34.31 -39.91
CA SER D 128 22.67 33.98 -38.58
C SER D 128 21.62 34.24 -37.46
N LYS D 129 20.35 34.37 -37.80
CA LYS D 129 19.39 34.71 -36.75
C LYS D 129 18.86 33.42 -36.11
N ILE D 130 18.52 33.56 -34.85
CA ILE D 130 17.75 32.53 -34.18
C ILE D 130 16.29 32.60 -34.52
N ASN D 131 15.62 31.46 -34.75
CA ASN D 131 14.21 31.56 -35.16
C ASN D 131 13.37 31.44 -33.89
N TYR D 132 12.89 32.57 -33.46
CA TYR D 132 12.05 32.60 -32.29
C TYR D 132 10.60 32.41 -32.63
N GLN D 133 10.24 32.30 -33.91
CA GLN D 133 8.84 32.15 -34.28
C GLN D 133 8.36 30.68 -34.29
N SER D 134 9.15 29.77 -34.90
CA SER D 134 8.79 28.33 -35.03
C SER D 134 10.05 27.51 -35.31
N CYS D 135 9.99 26.17 -35.03
CA CYS D 135 11.08 25.25 -35.25
C CYS D 135 10.46 23.91 -35.69
N PRO D 136 11.22 23.09 -36.41
CA PRO D 136 10.63 21.85 -37.05
C PRO D 136 9.97 21.00 -36.04
N ASP D 137 8.74 20.61 -36.33
CA ASP D 137 8.09 19.53 -35.54
C ASP D 137 8.58 18.18 -36.07
N TRP D 138 9.05 17.36 -35.15
CA TRP D 138 9.73 16.11 -35.45
C TRP D 138 8.92 15.22 -36.38
N ARG D 139 7.60 15.28 -36.26
CA ARG D 139 6.70 14.42 -37.00
C ARG D 139 6.17 15.06 -38.24
N LYS D 140 5.84 16.32 -38.14
CA LYS D 140 5.14 16.99 -39.21
C LYS D 140 6.18 17.63 -40.16
N ASP D 141 7.35 17.98 -39.62
CA ASP D 141 8.31 18.76 -40.41
C ASP D 141 9.49 17.88 -40.79
N CYS D 142 10.39 17.54 -39.88
CA CYS D 142 11.49 16.66 -40.20
C CYS D 142 12.16 16.26 -38.91
N SER D 143 12.67 15.05 -38.89
CA SER D 143 13.19 14.55 -37.61
C SER D 143 14.62 14.93 -37.32
N ASN D 144 15.39 15.30 -38.34
CA ASN D 144 16.75 15.75 -38.10
C ASN D 144 16.88 17.24 -37.76
N ASN D 145 16.19 17.70 -36.73
CA ASN D 145 16.17 19.10 -36.42
C ASN D 145 17.11 19.43 -35.26
N PRO D 146 17.36 20.71 -35.02
CA PRO D 146 18.42 20.99 -34.05
C PRO D 146 18.18 20.39 -32.67
N VAL D 147 16.94 20.38 -32.18
CA VAL D 147 16.64 19.89 -30.87
C VAL D 147 16.74 18.33 -30.86
N SER D 148 16.05 17.68 -31.77
CA SER D 148 16.07 16.18 -31.81
C SER D 148 17.48 15.59 -32.01
N VAL D 149 18.30 16.24 -32.83
CA VAL D 149 19.68 15.79 -33.04
C VAL D 149 20.58 16.03 -31.86
N PHE D 150 20.31 17.10 -31.14
CA PHE D 150 21.04 17.35 -29.92
C PHE D 150 20.79 16.20 -28.95
N TRP D 151 19.55 15.90 -28.66
CA TRP D 151 19.23 14.86 -27.66
C TRP D 151 19.70 13.50 -28.13
N LYS D 152 19.59 13.23 -29.41
CA LYS D 152 20.06 11.98 -29.95
C LYS D 152 21.56 11.83 -29.66
N THR D 153 22.31 12.87 -29.95
CA THR D 153 23.73 12.79 -29.83
C THR D 153 24.14 12.69 -28.37
N VAL D 154 23.58 13.51 -27.49
CA VAL D 154 23.88 13.45 -26.02
C VAL D 154 23.36 12.18 -25.40
N SER D 155 22.11 11.83 -25.72
CA SER D 155 21.49 10.52 -25.38
C SER D 155 22.46 9.36 -25.54
N ARG D 156 22.91 9.24 -26.79
CA ARG D 156 23.69 8.15 -27.26
C ARG D 156 24.98 8.00 -26.45
N ARG D 157 25.74 9.11 -26.38
CA ARG D 157 27.02 9.12 -25.65
C ARG D 157 26.87 8.82 -24.14
N PHE D 158 25.82 9.37 -23.55
CA PHE D 158 25.46 9.11 -22.18
C PHE D 158 25.18 7.58 -21.94
N ALA D 159 24.32 6.98 -22.75
CA ALA D 159 24.06 5.56 -22.70
C ALA D 159 25.30 4.69 -22.99
N GLU D 160 26.14 5.12 -23.92
CA GLU D 160 27.38 4.36 -24.18
C GLU D 160 28.26 4.32 -22.94
N ALA D 161 28.24 5.43 -22.21
CA ALA D 161 29.06 5.56 -21.00
C ALA D 161 28.55 4.71 -19.82
N ALA D 162 27.30 4.23 -19.92
CA ALA D 162 26.64 3.60 -18.79
C ALA D 162 27.11 2.14 -18.56
N CYS D 163 26.99 1.71 -17.33
CA CYS D 163 27.50 0.43 -16.92
C CYS D 163 26.80 -0.12 -15.72
N ASP D 164 27.12 -1.39 -15.44
CA ASP D 164 26.60 -2.14 -14.35
C ASP D 164 25.08 -2.24 -14.46
N VAL D 165 24.32 -1.72 -13.44
CA VAL D 165 22.92 -1.68 -13.54
C VAL D 165 22.50 -0.31 -13.94
N VAL D 166 21.74 -0.37 -15.04
CA VAL D 166 21.13 0.84 -15.56
C VAL D 166 19.68 0.76 -15.16
N HIS D 167 19.19 1.86 -14.57
CA HIS D 167 17.77 1.94 -14.27
C HIS D 167 17.05 2.84 -15.28
N VAL D 168 15.84 2.46 -15.62
CA VAL D 168 15.04 3.39 -16.41
C VAL D 168 13.65 3.58 -15.80
N MET D 169 13.24 4.82 -15.66
CA MET D 169 11.88 5.09 -15.21
C MET D 169 10.93 5.18 -16.44
N LEU D 170 9.83 4.42 -16.40
CA LEU D 170 8.76 4.50 -17.39
C LEU D 170 7.40 5.00 -16.86
N ASP D 171 6.64 5.77 -17.66
CA ASP D 171 5.27 6.09 -17.21
C ASP D 171 4.23 4.99 -17.50
N GLY D 172 3.92 4.17 -16.50
CA GLY D 172 2.97 3.10 -16.66
C GLY D 172 1.53 3.54 -16.84
N SER D 173 1.31 4.85 -16.97
CA SER D 173 -0.05 5.33 -17.30
C SER D 173 -0.22 5.52 -18.82
N ARG D 174 0.89 5.68 -19.54
CA ARG D 174 0.90 5.73 -21.02
C ARG D 174 0.26 4.45 -21.57
N SER D 175 -0.29 4.53 -22.78
CA SER D 175 -0.87 3.36 -23.43
C SER D 175 0.27 2.39 -23.75
N LYS D 176 1.31 2.95 -24.36
CA LYS D 176 2.54 2.22 -24.55
C LYS D 176 3.45 2.64 -23.42
N ILE D 177 3.68 1.75 -22.46
CA ILE D 177 4.61 2.05 -21.37
C ILE D 177 6.02 2.07 -21.92
N PHE D 178 6.33 1.07 -22.75
CA PHE D 178 7.51 1.20 -23.61
C PHE D 178 7.18 1.53 -25.07
N ASP D 179 7.58 2.71 -25.49
CA ASP D 179 7.34 3.16 -26.86
C ASP D 179 8.65 3.05 -27.64
N LYS D 180 8.70 2.07 -28.54
CA LYS D 180 9.89 1.80 -29.34
C LYS D 180 10.23 2.97 -30.24
N ASP D 181 9.30 3.92 -30.36
CA ASP D 181 9.50 5.04 -31.26
C ASP D 181 9.79 6.31 -30.48
N SER D 182 10.10 6.14 -29.20
CA SER D 182 10.52 7.26 -28.35
C SER D 182 12.04 7.39 -28.41
N THR D 183 12.58 8.50 -27.89
CA THR D 183 14.02 8.66 -27.89
C THR D 183 14.67 7.58 -27.07
N PHE D 184 14.01 7.14 -26.00
CA PHE D 184 14.52 6.01 -25.28
C PHE D 184 14.45 4.73 -26.13
N GLY D 185 13.26 4.44 -26.68
CA GLY D 185 13.10 3.20 -27.50
C GLY D 185 13.97 3.12 -28.76
N SER D 186 14.25 4.25 -29.38
CA SER D 186 15.06 4.22 -30.60
C SER D 186 16.57 4.48 -30.43
N VAL D 187 16.96 5.26 -29.42
CA VAL D 187 18.34 5.68 -29.26
C VAL D 187 19.03 5.10 -28.03
N GLU D 188 18.63 5.53 -26.84
CA GLU D 188 19.40 5.22 -25.63
C GLU D 188 19.49 3.70 -25.39
N VAL D 189 18.37 3.00 -25.58
CA VAL D 189 18.32 1.57 -25.34
C VAL D 189 19.18 0.80 -26.32
N HIS D 190 19.48 1.40 -27.48
CA HIS D 190 20.33 0.68 -28.45
C HIS D 190 21.81 1.04 -28.35
N ASN D 191 22.20 1.77 -27.31
CA ASN D 191 23.62 2.03 -27.02
C ASN D 191 24.08 1.57 -25.63
N LEU D 192 23.21 0.83 -24.98
CA LEU D 192 23.65 0.10 -23.82
C LEU D 192 24.57 -0.96 -24.36
N GLN D 193 25.82 -0.96 -23.88
CA GLN D 193 26.84 -1.89 -24.34
C GLN D 193 26.93 -3.06 -23.36
N PRO D 194 26.54 -4.28 -23.80
CA PRO D 194 26.51 -5.49 -22.94
C PRO D 194 27.87 -5.82 -22.28
N GLU D 195 28.91 -5.12 -22.70
CA GLU D 195 30.26 -5.27 -22.10
C GLU D 195 30.45 -4.47 -20.80
N LYS D 196 29.52 -3.55 -20.59
CA LYS D 196 29.55 -2.60 -19.48
C LYS D 196 28.31 -2.74 -18.64
N VAL D 197 27.17 -3.01 -19.29
CA VAL D 197 25.88 -3.25 -18.65
C VAL D 197 25.43 -4.73 -18.58
N GLN D 198 25.19 -5.28 -17.39
CA GLN D 198 24.62 -6.65 -17.31
C GLN D 198 23.10 -6.58 -17.25
N THR D 199 22.61 -5.48 -16.65
CA THR D 199 21.19 -5.30 -16.32
C THR D 199 20.57 -3.92 -16.59
N LEU D 200 19.42 -3.98 -17.25
CA LEU D 200 18.53 -2.85 -17.33
C LEU D 200 17.33 -3.14 -16.43
N GLU D 201 17.17 -2.27 -15.43
CA GLU D 201 16.09 -2.38 -14.50
C GLU D 201 15.12 -1.25 -14.74
N ALA D 202 13.91 -1.59 -15.15
CA ALA D 202 12.84 -0.62 -15.39
C ALA D 202 11.97 -0.39 -14.15
N TRP D 203 11.74 0.87 -13.84
CA TRP D 203 10.80 1.17 -12.77
C TRP D 203 9.58 1.74 -13.46
N VAL D 204 8.50 0.97 -13.51
CA VAL D 204 7.23 1.44 -14.08
C VAL D 204 6.35 2.25 -13.09
N ILE D 205 6.39 3.57 -13.18
CA ILE D 205 5.59 4.46 -12.36
C ILE D 205 4.06 4.35 -12.54
N HIS D 206 3.33 4.17 -11.45
CA HIS D 206 1.87 4.16 -11.53
C HIS D 206 1.18 5.53 -11.39
N GLY D 207 1.11 6.25 -12.49
CA GLY D 207 0.32 7.47 -12.53
C GLY D 207 -1.13 7.11 -12.85
N GLY D 208 -1.68 6.18 -12.09
CA GLY D 208 -3.02 5.70 -12.36
C GLY D 208 -3.66 5.33 -11.05
N ARG D 209 -4.96 5.04 -11.09
CA ARG D 209 -5.77 4.74 -9.93
C ARG D 209 -5.19 3.56 -9.14
N GLU D 210 -5.08 3.74 -7.83
CA GLU D 210 -4.46 2.70 -6.99
C GLU D 210 -5.31 1.44 -6.96
N ASP D 211 -4.65 0.28 -6.95
CA ASP D 211 -5.30 -0.97 -7.30
C ASP D 211 -5.09 -1.23 -8.81
N SER D 212 -3.99 -0.73 -9.34
CA SER D 212 -3.58 -1.07 -10.69
C SER D 212 -2.83 -2.40 -10.69
N ARG D 213 -2.41 -2.82 -11.87
CA ARG D 213 -2.02 -4.20 -12.06
C ARG D 213 -0.52 -4.40 -11.93
N ASP D 214 -0.08 -5.54 -12.45
CA ASP D 214 1.31 -5.85 -12.61
C ASP D 214 1.72 -5.34 -13.98
N LEU D 215 2.07 -4.06 -14.03
CA LEU D 215 2.38 -3.41 -15.31
C LEU D 215 3.66 -3.93 -15.95
N CYS D 216 4.42 -4.74 -15.20
CA CYS D 216 5.55 -5.46 -15.77
C CYS D 216 5.08 -6.49 -16.80
N GLN D 217 3.78 -6.77 -16.81
CA GLN D 217 3.24 -7.76 -17.74
C GLN D 217 2.58 -7.12 -18.97
N ASP D 218 2.93 -5.86 -19.23
CA ASP D 218 2.50 -5.21 -20.45
C ASP D 218 3.29 -5.77 -21.62
N PRO D 219 2.61 -5.93 -22.77
CA PRO D 219 3.23 -6.19 -24.05
C PRO D 219 4.35 -5.22 -24.40
N THR D 220 4.12 -3.92 -24.26
CA THR D 220 5.18 -2.96 -24.58
C THR D 220 6.45 -3.28 -23.79
N ILE D 221 6.25 -3.93 -22.63
CA ILE D 221 7.30 -4.23 -21.68
C ILE D 221 8.03 -5.51 -22.09
N LYS D 222 7.26 -6.56 -22.36
CA LYS D 222 7.80 -7.75 -22.97
C LYS D 222 8.66 -7.33 -24.19
N GLU D 223 8.09 -6.48 -25.02
CA GLU D 223 8.83 -5.98 -26.17
C GLU D 223 10.20 -5.41 -25.71
N LEU D 224 10.18 -4.41 -24.83
CA LEU D 224 11.43 -3.94 -24.23
C LEU D 224 12.29 -5.11 -23.78
N GLU D 225 11.66 -6.15 -23.23
CA GLU D 225 12.43 -7.27 -22.71
C GLU D 225 13.22 -7.98 -23.79
N SER D 226 12.57 -8.24 -24.91
CA SER D 226 13.24 -8.95 -25.98
C SER D 226 14.32 -8.04 -26.57
N ILE D 227 13.98 -6.79 -26.87
CA ILE D 227 15.02 -5.88 -27.35
C ILE D 227 16.30 -6.02 -26.53
N ILE D 228 16.24 -5.73 -25.24
CA ILE D 228 17.46 -5.74 -24.43
C ILE D 228 18.08 -7.16 -24.27
N SER D 229 17.25 -8.20 -24.24
CA SER D 229 17.78 -9.56 -24.21
C SER D 229 18.47 -9.91 -25.52
N LYS D 230 17.92 -9.42 -26.63
CA LYS D 230 18.62 -9.50 -27.90
C LYS D 230 20.02 -8.89 -27.73
N ARG D 231 20.11 -7.74 -27.06
CA ARG D 231 21.41 -7.14 -26.76
C ARG D 231 22.31 -7.93 -25.76
N ASN D 232 21.81 -9.07 -25.27
CA ASN D 232 22.51 -9.82 -24.27
C ASN D 232 22.69 -9.06 -22.92
N ILE D 233 21.71 -8.23 -22.55
CA ILE D 233 21.69 -7.62 -21.22
C ILE D 233 20.62 -8.29 -20.36
N GLN D 234 20.74 -8.21 -19.04
CA GLN D 234 19.67 -8.66 -18.16
C GLN D 234 18.53 -7.66 -18.02
N PHE D 235 17.32 -8.13 -18.24
CA PHE D 235 16.18 -7.26 -18.01
C PHE D 235 15.59 -7.45 -16.61
N SER D 236 15.29 -6.34 -15.94
CA SER D 236 14.58 -6.37 -14.69
C SER D 236 13.55 -5.27 -14.70
N CYS D 237 12.33 -5.62 -14.32
CA CYS D 237 11.26 -4.64 -14.34
C CYS D 237 10.70 -4.53 -12.93
N LYS D 238 10.42 -3.31 -12.49
CA LYS D 238 9.84 -3.10 -11.16
C LYS D 238 8.66 -2.11 -11.20
N ASN D 239 7.53 -2.48 -10.60
CA ASN D 239 6.34 -1.62 -10.43
C ASN D 239 6.57 -0.57 -9.36
N ILE D 240 6.30 0.69 -9.65
CA ILE D 240 6.22 1.69 -8.56
C ILE D 240 4.78 2.19 -8.34
N TYR D 241 4.07 1.57 -7.41
CA TYR D 241 2.65 1.85 -7.18
C TYR D 241 2.38 3.23 -6.65
N ARG D 242 3.05 3.62 -5.57
CA ARG D 242 2.89 4.98 -5.06
C ARG D 242 4.16 5.82 -5.25
N PRO D 243 4.33 6.46 -6.44
CA PRO D 243 5.55 7.27 -6.59
C PRO D 243 5.65 8.34 -5.48
N ASP D 244 4.51 8.74 -4.92
CA ASP D 244 4.46 9.68 -3.79
C ASP D 244 5.24 9.13 -2.56
N LYS D 245 4.87 7.94 -2.14
CA LYS D 245 5.54 7.24 -1.07
C LYS D 245 6.99 6.86 -1.44
N PHE D 246 7.18 6.37 -2.66
CA PHE D 246 8.49 6.01 -3.13
C PHE D 246 9.48 7.14 -2.90
N LEU D 247 9.20 8.32 -3.44
CA LEU D 247 10.06 9.49 -3.22
C LEU D 247 10.29 9.74 -1.73
N GLN D 248 9.33 9.35 -0.93
CA GLN D 248 9.44 9.59 0.50
C GLN D 248 10.43 8.62 1.17
N CYS D 249 10.35 7.33 0.85
CA CYS D 249 11.32 6.34 1.34
C CYS D 249 12.74 6.62 0.86
N VAL D 250 12.88 7.13 -0.37
CA VAL D 250 14.20 7.54 -0.82
C VAL D 250 14.77 8.65 0.10
N LYS D 251 13.90 9.62 0.43
CA LYS D 251 14.17 10.68 1.42
C LYS D 251 14.34 10.02 2.77
N ASN D 252 13.23 9.67 3.42
CA ASN D 252 13.27 8.99 4.72
C ASN D 252 13.16 7.49 4.64
N PRO D 253 14.28 6.80 4.52
CA PRO D 253 14.23 5.34 4.48
C PRO D 253 13.86 4.72 5.83
N GLU D 254 14.05 3.40 5.93
CA GLU D 254 14.04 2.64 7.20
C GLU D 254 12.68 2.63 7.91
N ASP D 255 11.95 3.74 7.85
CA ASP D 255 10.70 3.83 8.61
C ASP D 255 9.45 4.41 7.93
N SER D 256 8.34 3.80 8.37
CA SER D 256 6.94 3.91 7.91
C SER D 256 6.49 2.58 7.34
N SER D 257 5.98 2.64 6.11
CA SER D 257 5.40 1.46 5.44
C SER D 257 6.37 0.81 4.47
N CYS D 258 7.41 1.55 4.07
CA CYS D 258 8.42 1.10 3.11
C CYS D 258 8.81 -0.36 3.32
N ARG E 7 -43.44 44.33 -24.41
CA ARG E 7 -43.24 45.57 -23.62
C ARG E 7 -42.57 46.64 -24.49
N TRP E 8 -42.61 47.88 -24.01
CA TRP E 8 -42.00 49.03 -24.67
C TRP E 8 -40.90 49.51 -23.73
N ARG E 9 -40.40 48.56 -22.94
CA ARG E 9 -39.21 48.75 -22.09
C ARG E 9 -38.85 47.42 -21.41
N GLN E 10 -37.67 46.93 -21.74
CA GLN E 10 -37.18 45.62 -21.26
C GLN E 10 -36.59 45.63 -19.85
N THR E 11 -36.44 44.46 -19.25
CA THR E 11 -35.77 44.36 -17.95
C THR E 11 -34.39 44.96 -18.06
N TRP E 12 -33.62 44.52 -19.06
CA TRP E 12 -32.24 44.95 -19.24
C TRP E 12 -32.12 45.74 -20.53
N SER E 13 -30.94 46.31 -20.76
CA SER E 13 -30.66 47.18 -21.92
C SER E 13 -29.93 46.39 -23.02
N GLY E 14 -29.58 45.13 -22.74
CA GLY E 14 -28.86 44.33 -23.71
C GLY E 14 -29.89 43.60 -24.54
N PRO E 15 -29.52 43.26 -25.78
CA PRO E 15 -30.37 42.40 -26.58
C PRO E 15 -30.54 41.09 -25.80
N GLY E 16 -31.65 40.41 -26.02
CA GLY E 16 -31.89 39.11 -25.37
C GLY E 16 -31.08 37.94 -25.94
N THR E 17 -31.15 36.78 -25.29
CA THR E 17 -30.44 35.60 -25.74
C THR E 17 -30.75 35.39 -27.19
N THR E 18 -29.73 35.17 -28.03
CA THR E 18 -29.88 35.00 -29.47
C THR E 18 -30.98 33.98 -29.81
N LYS E 19 -31.88 34.32 -30.71
CA LYS E 19 -32.86 33.32 -31.17
C LYS E 19 -32.17 31.96 -31.44
N ARG E 20 -32.73 30.89 -30.91
CA ARG E 20 -32.20 29.55 -31.20
C ARG E 20 -30.85 29.24 -30.55
N PHE E 21 -30.49 29.96 -29.53
CA PHE E 21 -29.20 29.77 -28.89
C PHE E 21 -28.85 28.34 -28.53
N PRO E 22 -29.80 27.57 -27.92
CA PRO E 22 -29.42 26.16 -27.61
C PRO E 22 -29.11 25.29 -28.85
N GLU E 23 -29.98 25.33 -29.84
CA GLU E 23 -29.86 24.61 -31.06
C GLU E 23 -28.53 25.04 -31.76
N THR E 24 -28.29 26.32 -31.86
CA THR E 24 -27.02 26.79 -32.46
C THR E 24 -25.74 26.37 -31.76
N VAL E 25 -25.71 26.60 -30.47
CA VAL E 25 -24.57 26.13 -29.71
C VAL E 25 -24.32 24.61 -29.88
N LEU E 26 -25.37 23.82 -29.84
CA LEU E 26 -25.22 22.40 -30.08
C LEU E 26 -24.72 22.15 -31.50
N ALA E 27 -25.28 22.83 -32.50
CA ALA E 27 -24.90 22.55 -33.86
C ALA E 27 -23.43 22.99 -34.11
N ARG E 28 -23.00 24.08 -33.48
CA ARG E 28 -21.65 24.56 -33.69
C ARG E 28 -20.70 23.56 -33.03
N CYS E 29 -21.07 23.06 -31.86
CA CYS E 29 -20.27 22.02 -31.22
C CYS E 29 -20.14 20.77 -32.10
N VAL E 30 -21.25 20.24 -32.61
CA VAL E 30 -21.18 19.11 -33.56
C VAL E 30 -20.25 19.36 -34.75
N LYS E 31 -20.52 20.47 -35.46
CA LYS E 31 -19.73 20.80 -36.62
C LYS E 31 -18.25 20.92 -36.21
N TYR E 32 -17.96 21.64 -35.17
CA TYR E 32 -16.57 21.82 -34.81
C TYR E 32 -15.89 20.52 -34.49
N THR E 33 -16.56 19.65 -33.74
CA THR E 33 -15.91 18.43 -33.29
C THR E 33 -15.80 17.41 -34.41
N GLU E 34 -16.48 17.68 -35.51
CA GLU E 34 -16.38 16.82 -36.68
C GLU E 34 -15.21 17.25 -37.55
N ILE E 35 -14.96 18.53 -37.59
CA ILE E 35 -13.85 19.05 -38.34
C ILE E 35 -12.49 18.87 -37.66
N HIS E 36 -12.42 19.14 -36.35
CA HIS E 36 -11.13 19.04 -35.65
C HIS E 36 -10.97 17.77 -34.87
N PRO E 37 -10.14 16.89 -35.37
CA PRO E 37 -10.06 15.56 -34.83
C PRO E 37 -9.57 15.58 -33.43
N GLU E 38 -8.90 16.66 -33.07
CA GLU E 38 -8.34 16.83 -31.73
C GLU E 38 -9.49 16.88 -30.70
N MET E 39 -10.63 17.47 -31.08
CA MET E 39 -11.84 17.53 -30.26
C MET E 39 -12.96 16.51 -30.57
N ARG E 40 -12.61 15.36 -31.13
CA ARG E 40 -13.59 14.35 -31.48
C ARG E 40 -14.19 13.66 -30.25
N HIS E 41 -13.41 13.63 -29.18
CA HIS E 41 -13.75 12.96 -27.92
C HIS E 41 -14.81 13.76 -27.18
N VAL E 42 -15.12 14.95 -27.68
CA VAL E 42 -16.03 15.82 -26.97
C VAL E 42 -17.50 15.36 -27.17
N ASP E 43 -18.22 15.26 -26.05
CA ASP E 43 -19.66 14.99 -26.03
C ASP E 43 -20.45 16.29 -26.09
N CYS E 44 -21.12 16.58 -27.20
CA CYS E 44 -21.67 17.92 -27.38
C CYS E 44 -22.87 18.17 -26.50
N GLN E 45 -23.61 17.12 -26.14
CA GLN E 45 -24.73 17.38 -25.24
C GLN E 45 -24.19 17.75 -23.86
N SER E 46 -23.04 17.21 -23.55
CA SER E 46 -22.42 17.44 -22.28
C SER E 46 -21.88 18.85 -22.23
N VAL E 47 -21.29 19.28 -23.36
CA VAL E 47 -20.85 20.70 -23.51
C VAL E 47 -22.05 21.64 -23.31
N TRP E 48 -23.17 21.32 -23.94
CA TRP E 48 -24.31 22.21 -23.79
C TRP E 48 -24.79 22.23 -22.31
N ASP E 49 -24.86 21.10 -21.63
CA ASP E 49 -25.41 21.17 -20.24
C ASP E 49 -24.39 21.83 -19.31
N ALA E 50 -23.09 21.71 -19.61
CA ALA E 50 -22.09 22.49 -18.86
C ALA E 50 -22.30 24.00 -19.11
N PHE E 51 -22.55 24.37 -20.37
CA PHE E 51 -22.81 25.75 -20.80
C PHE E 51 -24.02 26.34 -20.09
N LYS E 52 -25.20 25.76 -20.35
CA LYS E 52 -26.41 26.18 -19.62
C LYS E 52 -26.23 26.24 -18.11
N GLY E 53 -25.58 25.23 -17.56
CA GLY E 53 -25.29 25.15 -16.12
C GLY E 53 -24.65 26.42 -15.61
N ALA E 54 -23.91 27.13 -16.48
CA ALA E 54 -23.15 28.33 -16.04
C ALA E 54 -24.03 29.52 -15.71
N PHE E 55 -25.17 29.63 -16.40
CA PHE E 55 -25.98 30.82 -16.23
C PHE E 55 -27.48 30.52 -15.99
N ILE E 56 -27.98 29.30 -16.21
CA ILE E 56 -29.41 29.03 -15.96
C ILE E 56 -29.68 29.05 -14.47
N SER E 57 -30.85 29.63 -14.10
CA SER E 57 -31.32 29.79 -12.70
C SER E 57 -30.33 30.56 -11.87
N LYS E 58 -29.57 31.41 -12.55
CA LYS E 58 -28.59 32.28 -11.91
C LYS E 58 -28.95 33.76 -12.22
N HIS E 59 -28.78 34.60 -11.22
CA HIS E 59 -28.91 36.02 -11.49
C HIS E 59 -27.84 36.42 -12.56
N PRO E 60 -28.26 37.14 -13.62
CA PRO E 60 -27.37 37.52 -14.73
C PRO E 60 -26.41 38.71 -14.50
N CYS E 61 -26.37 39.24 -13.28
CA CYS E 61 -25.43 40.25 -12.89
C CYS E 61 -24.62 39.66 -11.77
N ASP E 62 -24.73 38.36 -11.61
CA ASP E 62 -23.94 37.72 -10.56
C ASP E 62 -23.28 36.45 -11.09
N ILE E 63 -22.75 36.50 -12.30
CA ILE E 63 -22.04 35.35 -12.89
C ILE E 63 -20.55 35.40 -12.53
N THR E 64 -19.95 34.22 -12.29
CA THR E 64 -18.53 34.14 -11.83
C THR E 64 -17.75 33.29 -12.81
N GLU E 65 -16.42 33.40 -12.79
CA GLU E 65 -15.62 32.52 -13.61
C GLU E 65 -15.88 31.09 -13.15
N GLU E 66 -16.08 30.92 -11.83
CA GLU E 66 -16.36 29.62 -11.30
C GLU E 66 -17.51 28.96 -12.02
N ASP E 67 -18.49 29.76 -12.46
CA ASP E 67 -19.71 29.19 -13.04
C ASP E 67 -19.37 28.50 -14.31
N TYR E 68 -18.33 28.99 -14.98
CA TYR E 68 -17.90 28.42 -16.28
C TYR E 68 -16.85 27.32 -16.19
N GLN E 69 -16.48 26.90 -14.96
CA GLN E 69 -15.42 25.92 -14.84
C GLN E 69 -15.83 24.57 -15.39
N PRO E 70 -17.08 24.14 -15.19
CA PRO E 70 -17.43 22.86 -15.86
C PRO E 70 -17.32 22.91 -17.41
N LEU E 71 -17.69 24.04 -18.02
CA LEU E 71 -17.60 24.11 -19.45
C LEU E 71 -16.09 24.26 -19.91
N MET E 72 -15.30 24.97 -19.13
CA MET E 72 -13.90 25.20 -19.49
C MET E 72 -13.23 23.86 -19.43
N LYS E 73 -13.63 23.02 -18.47
CA LYS E 73 -12.98 21.73 -18.32
C LYS E 73 -13.31 20.92 -19.55
N LEU E 74 -14.58 20.93 -19.94
CA LEU E 74 -14.97 20.12 -21.09
C LEU E 74 -14.38 20.64 -22.42
N GLY E 75 -14.13 21.93 -22.51
CA GLY E 75 -13.72 22.49 -23.80
C GLY E 75 -12.22 22.71 -23.78
N THR E 76 -11.57 22.00 -22.87
CA THR E 76 -10.10 22.09 -22.70
C THR E 76 -9.46 21.76 -24.03
N GLN E 77 -8.48 22.53 -24.46
CA GLN E 77 -7.95 22.29 -25.80
C GLN E 77 -6.48 22.73 -25.99
N THR E 78 -5.71 21.91 -26.71
CA THR E 78 -4.38 22.32 -27.24
C THR E 78 -4.40 23.16 -28.54
N VAL E 79 -4.03 24.44 -28.53
CA VAL E 79 -3.77 25.10 -29.83
C VAL E 79 -2.27 25.47 -29.89
N PRO E 80 -1.67 25.46 -31.07
CA PRO E 80 -0.21 25.71 -31.09
C PRO E 80 0.12 27.08 -30.49
N CYS E 81 0.91 27.10 -29.43
CA CYS E 81 1.08 28.28 -28.57
C CYS E 81 1.82 29.44 -29.30
N ASN E 82 2.64 29.03 -30.30
CA ASN E 82 3.40 29.98 -31.10
C ASN E 82 2.67 30.54 -32.34
N LYS E 83 1.38 30.21 -32.52
CA LYS E 83 0.62 30.64 -33.66
C LYS E 83 -0.66 31.37 -33.33
N ILE E 84 -0.65 32.07 -32.20
CA ILE E 84 -1.88 32.76 -31.78
C ILE E 84 -1.99 34.15 -32.43
N LEU E 85 -3.13 34.40 -33.05
CA LEU E 85 -3.48 35.74 -33.44
C LEU E 85 -4.60 36.33 -32.49
N LEU E 86 -4.25 37.40 -31.78
CA LEU E 86 -5.22 38.17 -30.99
C LEU E 86 -5.77 39.30 -31.90
N TRP E 87 -6.91 39.86 -31.56
CA TRP E 87 -7.38 41.04 -32.28
C TRP E 87 -8.09 41.94 -31.29
N SER E 88 -8.24 43.21 -31.63
CA SER E 88 -8.96 44.09 -30.76
C SER E 88 -9.84 44.92 -31.67
N ARG E 89 -11.13 44.91 -31.37
CA ARG E 89 -12.10 45.61 -32.19
C ARG E 89 -12.34 45.03 -33.57
N ILE E 90 -11.28 44.56 -34.20
CA ILE E 90 -11.25 44.20 -35.62
C ILE E 90 -11.24 42.68 -36.05
N LYS E 91 -12.32 41.97 -35.75
CA LYS E 91 -12.28 40.52 -35.93
C LYS E 91 -12.48 39.97 -37.31
N ASP E 92 -13.29 40.60 -38.17
CA ASP E 92 -13.54 40.10 -39.52
C ASP E 92 -12.29 39.73 -40.29
N LEU E 93 -11.39 40.70 -40.44
CA LEU E 93 -10.12 40.44 -41.10
C LEU E 93 -9.28 39.36 -40.38
N ALA E 94 -9.17 39.42 -39.06
CA ALA E 94 -8.44 38.33 -38.37
C ALA E 94 -9.01 36.92 -38.78
N HIS E 95 -10.32 36.74 -38.72
CA HIS E 95 -10.95 35.49 -39.14
C HIS E 95 -10.77 35.20 -40.61
N GLN E 96 -10.96 36.22 -41.45
CA GLN E 96 -10.66 35.97 -42.85
C GLN E 96 -9.28 35.46 -43.07
N PHE E 97 -8.34 36.07 -42.38
CA PHE E 97 -6.92 35.75 -42.50
C PHE E 97 -6.72 34.30 -42.06
N THR E 98 -7.14 33.96 -40.83
CA THR E 98 -7.02 32.55 -40.35
C THR E 98 -7.68 31.43 -41.19
N GLN E 99 -8.79 31.75 -41.85
CA GLN E 99 -9.47 30.83 -42.73
C GLN E 99 -8.68 30.47 -43.96
N VAL E 100 -7.67 31.28 -44.30
CA VAL E 100 -6.90 31.02 -45.51
C VAL E 100 -5.94 29.80 -45.52
N GLN E 101 -5.03 29.70 -44.56
CA GLN E 101 -4.30 28.44 -44.49
C GLN E 101 -3.81 28.04 -43.09
N ARG E 102 -4.59 28.44 -42.08
CA ARG E 102 -4.31 28.13 -40.71
C ARG E 102 -2.87 28.44 -40.43
N ASP E 103 -2.46 29.61 -40.94
CA ASP E 103 -1.18 30.23 -40.57
C ASP E 103 -1.21 30.56 -39.03
N MET E 104 -2.39 30.57 -38.39
CA MET E 104 -2.52 31.12 -37.08
C MET E 104 -3.95 30.78 -36.56
N PHE E 105 -4.16 30.98 -35.26
CA PHE E 105 -5.41 30.68 -34.50
C PHE E 105 -5.95 31.89 -33.71
N THR E 106 -7.16 32.35 -33.98
CA THR E 106 -7.79 33.23 -33.05
C THR E 106 -8.58 32.47 -32.01
N LEU E 107 -9.13 33.21 -31.05
CA LEU E 107 -9.83 32.55 -29.97
C LEU E 107 -11.04 31.78 -30.58
N GLU E 108 -11.53 32.36 -31.67
CA GLU E 108 -12.73 31.79 -32.32
C GLU E 108 -12.46 30.52 -33.14
N ASP E 109 -11.19 30.14 -33.25
CA ASP E 109 -10.86 28.93 -33.90
C ASP E 109 -10.68 27.86 -32.85
N THR E 110 -10.86 28.18 -31.57
CA THR E 110 -10.91 27.19 -30.48
C THR E 110 -12.38 26.74 -30.36
N LEU E 111 -12.66 25.50 -29.99
CA LEU E 111 -14.07 25.14 -29.79
C LEU E 111 -14.84 26.25 -29.01
N LEU E 112 -14.39 26.65 -27.83
CA LEU E 112 -15.28 27.47 -26.97
C LEU E 112 -15.49 28.84 -27.57
N GLY E 113 -14.42 29.41 -28.15
CA GLY E 113 -14.60 30.69 -28.83
C GLY E 113 -15.55 30.51 -30.00
N TYR E 114 -15.42 29.38 -30.64
CA TYR E 114 -16.26 29.11 -31.78
C TYR E 114 -17.73 29.00 -31.44
N LEU E 115 -18.06 28.30 -30.35
CA LEU E 115 -19.51 28.01 -29.97
C LEU E 115 -20.13 29.34 -29.69
N ALA E 116 -19.38 30.24 -29.07
CA ALA E 116 -19.90 31.54 -28.50
C ALA E 116 -19.89 32.76 -29.43
N ASP E 117 -19.06 32.74 -30.46
CA ASP E 117 -18.84 33.99 -31.23
C ASP E 117 -20.16 34.53 -31.73
N ASP E 118 -20.43 35.81 -31.42
CA ASP E 118 -21.52 36.58 -32.02
C ASP E 118 -22.82 36.29 -31.39
N LEU E 119 -22.79 35.47 -30.35
CA LEU E 119 -24.01 35.12 -29.62
C LEU E 119 -24.14 35.93 -28.31
N THR E 120 -25.38 35.99 -27.82
CA THR E 120 -25.74 36.59 -26.55
C THR E 120 -26.62 35.60 -25.77
N TRP E 121 -26.59 35.66 -24.45
CA TRP E 121 -27.40 34.71 -23.67
C TRP E 121 -27.37 35.11 -22.20
N CYS E 122 -28.48 34.82 -21.53
CA CYS E 122 -28.60 35.04 -20.12
C CYS E 122 -29.83 34.29 -19.61
N GLY E 123 -29.83 34.03 -18.32
CA GLY E 123 -30.94 33.36 -17.65
C GLY E 123 -31.56 34.37 -16.69
N GLU E 124 -32.34 33.81 -15.73
CA GLU E 124 -33.13 34.54 -14.76
C GLU E 124 -32.85 33.95 -13.39
N PHE E 125 -33.01 34.75 -12.35
CA PHE E 125 -32.60 34.30 -11.03
C PHE E 125 -33.63 33.47 -10.33
N ASP E 126 -34.84 33.48 -10.87
CA ASP E 126 -36.03 33.06 -10.12
C ASP E 126 -36.78 32.00 -10.92
N THR E 127 -36.14 31.63 -12.01
CA THR E 127 -36.70 30.82 -13.06
C THR E 127 -35.64 29.89 -13.67
N SER E 128 -36.03 28.74 -14.21
CA SER E 128 -35.04 27.93 -14.89
C SER E 128 -34.99 28.20 -16.40
N LYS E 129 -35.55 29.33 -16.86
CA LYS E 129 -35.60 29.59 -18.34
C LYS E 129 -34.49 30.56 -18.82
N ILE E 130 -34.27 30.49 -20.13
CA ILE E 130 -33.43 31.37 -20.87
C ILE E 130 -34.20 32.64 -21.17
N ASN E 131 -33.53 33.79 -21.03
CA ASN E 131 -34.14 35.12 -21.28
C ASN E 131 -33.83 35.51 -22.72
N TYR E 132 -34.81 35.27 -23.58
CA TYR E 132 -34.77 35.66 -25.00
C TYR E 132 -35.18 37.12 -25.23
N GLN E 133 -35.62 37.79 -24.18
CA GLN E 133 -36.14 39.17 -24.28
C GLN E 133 -35.13 40.34 -24.06
N SER E 134 -34.27 40.24 -23.04
CA SER E 134 -33.15 41.19 -22.91
C SER E 134 -32.12 40.60 -22.02
N CYS E 135 -30.87 41.04 -22.13
CA CYS E 135 -29.76 40.62 -21.25
C CYS E 135 -28.93 41.79 -20.77
N PRO E 136 -28.29 41.68 -19.60
CA PRO E 136 -27.61 42.88 -19.06
C PRO E 136 -26.57 43.40 -20.04
N ASP E 137 -26.56 44.71 -20.22
CA ASP E 137 -25.49 45.39 -20.92
C ASP E 137 -24.27 45.58 -19.96
N TRP E 138 -23.05 45.27 -20.40
CA TRP E 138 -21.87 45.43 -19.57
C TRP E 138 -21.78 46.84 -19.02
N ARG E 139 -22.12 47.85 -19.82
CA ARG E 139 -22.04 49.22 -19.38
C ARG E 139 -23.22 49.65 -18.56
N LYS E 140 -24.43 49.57 -19.14
CA LYS E 140 -25.60 50.17 -18.47
C LYS E 140 -26.07 49.29 -17.37
N ASP E 141 -25.79 47.99 -17.42
CA ASP E 141 -26.39 47.13 -16.39
C ASP E 141 -25.42 46.59 -15.37
N CYS E 142 -24.54 45.69 -15.82
CA CYS E 142 -23.61 45.10 -14.90
C CYS E 142 -22.52 44.45 -15.69
N SER E 143 -21.33 44.38 -15.11
CA SER E 143 -20.25 43.77 -15.84
C SER E 143 -20.20 42.26 -15.64
N ASN E 144 -20.78 41.75 -14.55
CA ASN E 144 -20.65 40.33 -14.20
C ASN E 144 -21.77 39.51 -14.83
N ASN E 145 -22.01 39.73 -16.09
CA ASN E 145 -23.10 39.03 -16.75
C ASN E 145 -22.60 37.78 -17.54
N PRO E 146 -23.53 36.94 -18.07
CA PRO E 146 -23.03 35.69 -18.58
C PRO E 146 -21.98 35.80 -19.72
N VAL E 147 -22.26 36.69 -20.66
CA VAL E 147 -21.47 36.89 -21.85
C VAL E 147 -20.14 37.53 -21.47
N SER E 148 -20.19 38.68 -20.80
CA SER E 148 -18.94 39.32 -20.41
C SER E 148 -18.00 38.41 -19.64
N VAL E 149 -18.53 37.68 -18.66
CA VAL E 149 -17.76 36.80 -17.84
C VAL E 149 -17.20 35.58 -18.64
N PHE E 150 -18.01 35.02 -19.53
CA PHE E 150 -17.51 33.97 -20.37
C PHE E 150 -16.26 34.46 -21.17
N TRP E 151 -16.37 35.58 -21.89
CA TRP E 151 -15.24 35.99 -22.74
C TRP E 151 -13.97 36.32 -21.96
N LYS E 152 -14.16 36.96 -20.81
CA LYS E 152 -13.07 37.28 -19.91
C LYS E 152 -12.43 36.02 -19.47
N THR E 153 -13.24 35.00 -19.15
CA THR E 153 -12.67 33.75 -18.65
C THR E 153 -11.91 33.01 -19.71
N VAL E 154 -12.53 32.83 -20.87
CA VAL E 154 -11.93 32.06 -21.94
C VAL E 154 -10.79 32.80 -22.57
N SER E 155 -10.87 34.14 -22.69
CA SER E 155 -9.77 34.92 -23.28
C SER E 155 -8.52 35.00 -22.39
N ARG E 156 -8.72 35.06 -21.07
CA ARG E 156 -7.64 35.05 -20.14
C ARG E 156 -6.89 33.70 -20.28
N ARG E 157 -7.63 32.59 -20.36
CA ARG E 157 -6.99 31.29 -20.56
C ARG E 157 -6.24 31.16 -21.89
N PHE E 158 -6.82 31.69 -22.96
CA PHE E 158 -6.21 31.70 -24.29
C PHE E 158 -4.87 32.45 -24.26
N ALA E 159 -4.84 33.61 -23.58
CA ALA E 159 -3.72 34.50 -23.61
C ALA E 159 -2.62 33.83 -22.79
N GLU E 160 -3.01 33.21 -21.69
CA GLU E 160 -2.08 32.56 -20.80
C GLU E 160 -1.42 31.40 -21.52
N ALA E 161 -2.08 30.87 -22.52
CA ALA E 161 -1.55 29.70 -23.23
C ALA E 161 -0.48 30.17 -24.30
N ALA E 162 -0.43 31.45 -24.70
CA ALA E 162 0.41 31.88 -25.80
C ALA E 162 1.88 31.87 -25.47
N CYS E 163 2.71 31.63 -26.51
CA CYS E 163 4.16 31.66 -26.38
C CYS E 163 4.84 32.16 -27.62
N ASP E 164 6.14 32.43 -27.47
CA ASP E 164 6.96 32.77 -28.56
C ASP E 164 6.51 34.13 -29.14
N VAL E 165 6.20 34.18 -30.42
CA VAL E 165 5.71 35.47 -31.02
C VAL E 165 4.19 35.40 -31.09
N VAL E 166 3.52 36.32 -30.36
CA VAL E 166 2.10 36.42 -30.38
C VAL E 166 1.80 37.61 -31.32
N HIS E 167 0.77 37.49 -32.14
CA HIS E 167 0.40 38.61 -33.04
C HIS E 167 -0.90 39.27 -32.59
N VAL E 168 -1.09 40.54 -32.95
CA VAL E 168 -2.38 41.09 -32.70
C VAL E 168 -2.74 41.99 -33.87
N MET E 169 -3.95 41.84 -34.34
CA MET E 169 -4.54 42.85 -35.25
C MET E 169 -5.28 44.01 -34.59
N LEU E 170 -4.95 45.27 -34.95
CA LEU E 170 -5.59 46.45 -34.37
C LEU E 170 -6.23 47.30 -35.45
N ASP E 171 -7.31 47.98 -35.08
CA ASP E 171 -8.10 48.84 -35.99
C ASP E 171 -7.42 50.18 -36.11
N GLY E 172 -6.61 50.37 -37.14
CA GLY E 172 -5.92 51.66 -37.34
C GLY E 172 -6.85 52.84 -37.60
N SER E 173 -8.14 52.60 -37.76
CA SER E 173 -9.06 53.68 -38.01
C SER E 173 -9.62 54.24 -36.72
N ARG E 174 -9.49 53.54 -35.61
CA ARG E 174 -10.02 54.00 -34.32
C ARG E 174 -9.22 55.15 -33.78
N SER E 175 -9.87 56.02 -32.98
CA SER E 175 -9.21 57.12 -32.24
C SER E 175 -8.15 56.56 -31.34
N LYS E 176 -8.35 55.36 -30.83
CA LYS E 176 -7.37 54.69 -29.97
C LYS E 176 -7.02 53.40 -30.66
N ILE E 177 -5.91 53.36 -31.39
CA ILE E 177 -5.56 52.18 -32.17
C ILE E 177 -5.37 51.02 -31.19
N PHE E 178 -4.60 51.28 -30.14
CA PHE E 178 -4.60 50.41 -28.95
C PHE E 178 -5.46 51.13 -27.87
N ASP E 179 -6.44 50.40 -27.38
CA ASP E 179 -7.35 50.89 -26.35
C ASP E 179 -7.16 50.13 -25.04
N LYS E 180 -6.58 50.80 -24.05
CA LYS E 180 -6.35 50.18 -22.72
C LYS E 180 -7.64 49.67 -22.10
N ASP E 181 -8.76 50.18 -22.55
CA ASP E 181 -10.04 49.78 -21.95
C ASP E 181 -10.80 48.71 -22.72
N SER E 182 -10.26 48.19 -23.81
CA SER E 182 -10.82 47.06 -24.51
C SER E 182 -10.49 45.78 -23.74
N THR E 183 -11.10 44.69 -24.13
CA THR E 183 -10.82 43.43 -23.51
C THR E 183 -9.35 43.08 -23.76
N PHE E 184 -8.88 43.35 -24.99
CA PHE E 184 -7.53 43.00 -25.36
C PHE E 184 -6.69 43.79 -24.38
N GLY E 185 -6.98 45.08 -24.29
CA GLY E 185 -6.21 46.01 -23.47
C GLY E 185 -6.29 45.72 -21.99
N SER E 186 -7.39 45.20 -21.50
CA SER E 186 -7.55 45.03 -20.08
C SER E 186 -7.48 43.58 -19.60
N VAL E 187 -7.64 42.61 -20.48
CA VAL E 187 -7.52 41.23 -20.07
C VAL E 187 -6.29 40.58 -20.79
N GLU E 188 -6.35 40.51 -22.11
CA GLU E 188 -5.40 39.62 -22.78
C GLU E 188 -3.98 40.08 -22.61
N VAL E 189 -3.77 41.38 -22.71
CA VAL E 189 -2.40 41.84 -22.69
C VAL E 189 -1.79 41.64 -21.34
N HIS E 190 -2.63 41.64 -20.31
CA HIS E 190 -2.13 41.44 -18.96
C HIS E 190 -2.10 39.98 -18.50
N ASN E 191 -2.45 39.11 -19.40
CA ASN E 191 -2.28 37.65 -19.20
C ASN E 191 -1.27 36.93 -20.12
N LEU E 192 -0.53 37.68 -20.91
CA LEU E 192 0.59 37.11 -21.64
C LEU E 192 1.69 36.82 -20.69
N GLN E 193 2.19 35.58 -20.67
CA GLN E 193 3.19 35.24 -19.64
C GLN E 193 4.62 35.63 -20.01
N PRO E 194 5.27 36.43 -19.16
CA PRO E 194 6.65 36.94 -19.26
C PRO E 194 7.64 35.82 -19.50
N GLU E 195 7.35 34.65 -18.92
CA GLU E 195 8.25 33.52 -19.07
C GLU E 195 8.19 32.87 -20.47
N LYS E 196 7.08 33.01 -21.20
CA LYS E 196 6.81 32.28 -22.43
C LYS E 196 6.81 33.14 -23.69
N VAL E 197 6.29 34.35 -23.56
CA VAL E 197 6.02 35.17 -24.76
C VAL E 197 7.27 36.04 -25.01
N GLN E 198 7.85 35.85 -26.20
CA GLN E 198 9.03 36.58 -26.61
C GLN E 198 8.66 37.98 -27.18
N THR E 199 7.64 38.07 -28.05
CA THR E 199 7.33 39.33 -28.75
C THR E 199 5.88 39.40 -28.94
N LEU E 200 5.35 40.63 -28.87
CA LEU E 200 4.02 40.91 -29.33
C LEU E 200 4.17 41.75 -30.54
N GLU E 201 3.65 41.22 -31.66
CA GLU E 201 3.72 41.96 -32.86
C GLU E 201 2.36 42.41 -33.21
N ALA E 202 2.20 43.71 -33.36
CA ALA E 202 0.90 44.27 -33.73
C ALA E 202 0.85 44.48 -35.21
N TRP E 203 -0.28 44.16 -35.81
CA TRP E 203 -0.53 44.54 -37.19
C TRP E 203 -1.64 45.58 -37.19
N VAL E 204 -1.29 46.79 -37.62
CA VAL E 204 -2.20 47.91 -37.58
C VAL E 204 -2.86 47.97 -38.92
N ILE E 205 -4.14 47.68 -38.94
CA ILE E 205 -4.87 47.62 -40.22
C ILE E 205 -5.44 48.98 -40.59
N HIS E 206 -4.98 49.52 -41.71
CA HIS E 206 -5.50 50.79 -42.18
C HIS E 206 -6.83 50.62 -42.91
N GLY E 207 -7.83 51.40 -42.48
CA GLY E 207 -9.04 51.67 -43.28
C GLY E 207 -8.67 52.80 -44.22
N GLY E 208 -7.77 53.66 -43.75
CA GLY E 208 -7.32 54.83 -44.50
C GLY E 208 -7.07 54.61 -45.97
N ARG E 209 -7.42 55.64 -46.76
CA ARG E 209 -7.35 55.66 -48.23
C ARG E 209 -5.92 55.76 -48.73
N GLU E 210 -5.40 54.66 -49.29
CA GLU E 210 -4.01 54.61 -49.83
C GLU E 210 -2.87 55.09 -48.90
N ASP E 211 -2.37 56.30 -49.21
CA ASP E 211 -1.13 56.86 -48.59
C ASP E 211 -1.32 57.47 -47.17
N SER E 212 -1.58 56.58 -46.21
CA SER E 212 -1.79 56.92 -44.82
C SER E 212 -0.43 57.04 -44.06
N ARG E 213 -0.51 57.53 -42.84
CA ARG E 213 0.65 57.69 -42.02
C ARG E 213 1.19 56.33 -41.57
N ASP E 214 2.37 56.36 -40.98
CA ASP E 214 2.93 55.23 -40.33
C ASP E 214 2.30 55.15 -38.96
N LEU E 215 1.17 54.45 -38.87
CA LEU E 215 0.43 54.35 -37.64
C LEU E 215 1.17 53.57 -36.54
N CYS E 216 2.28 52.93 -36.87
CA CYS E 216 3.04 52.28 -35.84
C CYS E 216 3.70 53.26 -34.88
N GLN E 217 3.81 54.55 -35.27
CA GLN E 217 4.33 55.57 -34.37
C GLN E 217 3.22 56.26 -33.57
N ASP E 218 1.98 55.82 -33.73
CA ASP E 218 0.90 56.44 -32.98
C ASP E 218 1.12 56.34 -31.47
N PRO E 219 0.77 57.40 -30.73
CA PRO E 219 1.01 57.42 -29.27
C PRO E 219 0.42 56.24 -28.49
N THR E 220 -0.79 55.77 -28.81
CA THR E 220 -1.34 54.59 -28.12
C THR E 220 -0.63 53.29 -28.47
N ILE E 221 0.05 53.30 -29.61
CA ILE E 221 0.93 52.20 -29.95
C ILE E 221 2.22 52.27 -29.12
N LYS E 222 2.78 53.45 -28.96
CA LYS E 222 3.84 53.60 -27.95
C LYS E 222 3.37 53.21 -26.52
N GLU E 223 2.16 53.58 -26.13
CA GLU E 223 1.63 53.12 -24.85
C GLU E 223 1.65 51.55 -24.76
N LEU E 224 1.09 50.86 -25.77
CA LEU E 224 1.14 49.38 -25.79
C LEU E 224 2.56 48.86 -25.65
N GLU E 225 3.50 49.42 -26.43
CA GLU E 225 4.88 48.91 -26.43
C GLU E 225 5.44 49.01 -25.03
N SER E 226 5.19 50.17 -24.43
CA SER E 226 5.66 50.38 -23.08
C SER E 226 5.00 49.52 -22.00
N ILE E 227 3.71 49.28 -22.08
CA ILE E 227 3.09 48.41 -21.13
C ILE E 227 3.73 47.01 -21.28
N ILE E 228 3.84 46.51 -22.52
CA ILE E 228 4.45 45.20 -22.64
C ILE E 228 5.93 45.05 -22.25
N SER E 229 6.77 46.08 -22.49
CA SER E 229 8.15 45.99 -22.14
C SER E 229 8.27 45.75 -20.67
N LYS E 230 7.50 46.57 -19.96
CA LYS E 230 7.50 46.52 -18.54
C LYS E 230 6.90 45.25 -18.03
N ARG E 231 6.54 44.33 -18.96
CA ARG E 231 6.31 42.88 -18.68
C ARG E 231 7.42 41.96 -19.23
N ASN E 232 8.56 42.50 -19.69
CA ASN E 232 9.60 41.66 -20.31
C ASN E 232 9.33 41.04 -21.70
N ILE E 233 8.41 41.65 -22.45
CA ILE E 233 8.12 41.21 -23.78
C ILE E 233 8.53 42.26 -24.83
N GLN E 234 9.17 41.82 -25.89
CA GLN E 234 9.54 42.70 -26.97
C GLN E 234 8.31 43.07 -27.79
N PHE E 235 8.42 44.18 -28.50
CA PHE E 235 7.29 44.70 -29.27
C PHE E 235 7.74 44.92 -30.69
N SER E 236 6.86 44.59 -31.63
CA SER E 236 7.14 44.81 -33.01
C SER E 236 5.81 45.29 -33.61
N CYS E 237 5.89 46.08 -34.67
CA CYS E 237 4.65 46.59 -35.25
C CYS E 237 4.79 46.74 -36.75
N LYS E 238 3.68 46.58 -37.44
CA LYS E 238 3.69 46.61 -38.88
C LYS E 238 2.38 47.25 -39.29
N ASN E 239 2.47 48.11 -40.29
CA ASN E 239 1.29 48.60 -40.94
C ASN E 239 0.75 47.63 -41.97
N ILE E 240 -0.54 47.39 -41.94
CA ILE E 240 -1.13 46.84 -43.12
C ILE E 240 -1.93 47.96 -43.81
N TYR E 241 -1.27 48.64 -44.71
CA TYR E 241 -1.84 49.74 -45.46
C TYR E 241 -3.00 49.32 -46.33
N ARG E 242 -2.97 48.08 -46.83
CA ARG E 242 -3.92 47.65 -47.83
C ARG E 242 -4.41 46.30 -47.48
N PRO E 243 -5.47 46.21 -46.69
CA PRO E 243 -5.78 44.89 -46.18
C PRO E 243 -6.28 44.02 -47.31
N ASP E 244 -6.72 44.64 -48.41
CA ASP E 244 -7.32 43.91 -49.49
C ASP E 244 -6.18 43.18 -50.15
N LYS E 245 -5.12 43.91 -50.46
CA LYS E 245 -3.90 43.31 -50.99
C LYS E 245 -3.26 42.28 -49.99
N PHE E 246 -3.34 42.54 -48.68
CA PHE E 246 -2.87 41.62 -47.65
C PHE E 246 -3.58 40.28 -47.78
N LEU E 247 -4.90 40.26 -47.80
CA LEU E 247 -5.60 38.99 -47.95
C LEU E 247 -5.22 38.29 -49.27
N GLN E 248 -5.05 39.07 -50.33
CA GLN E 248 -4.81 38.51 -51.64
C GLN E 248 -3.52 37.74 -51.58
N CYS E 249 -2.54 38.35 -50.94
CA CYS E 249 -1.21 37.80 -50.79
C CYS E 249 -1.20 36.58 -49.89
N VAL E 250 -1.91 36.69 -48.77
CA VAL E 250 -2.12 35.50 -47.98
C VAL E 250 -2.58 34.36 -48.91
N LYS E 251 -3.66 34.57 -49.68
CA LYS E 251 -4.17 33.55 -50.62
C LYS E 251 -3.20 33.13 -51.73
N ASN E 252 -2.51 34.08 -52.33
CA ASN E 252 -1.61 33.80 -53.43
C ASN E 252 -0.18 34.19 -53.07
N PRO E 253 0.39 33.42 -52.14
CA PRO E 253 1.56 33.82 -51.40
C PRO E 253 2.63 34.34 -52.30
N GLU E 254 2.95 35.59 -52.02
CA GLU E 254 4.08 36.40 -52.57
C GLU E 254 4.55 36.20 -53.99
N ASP E 255 3.63 35.81 -54.88
CA ASP E 255 4.04 35.30 -56.14
C ASP E 255 4.70 36.44 -56.91
N SER E 256 4.43 37.67 -56.50
CA SER E 256 5.01 38.78 -57.26
C SER E 256 5.06 40.02 -56.45
N SER E 257 3.92 40.71 -56.50
CA SER E 257 3.66 41.90 -55.72
C SER E 257 3.73 41.69 -54.22
N CYS E 258 3.75 40.43 -53.80
CA CYS E 258 3.44 40.11 -52.38
C CYS E 258 4.61 40.03 -51.41
N ARG F 7 -38.57 14.64 -39.02
CA ARG F 7 -38.80 13.32 -39.75
C ARG F 7 -39.70 12.32 -38.99
N TRP F 8 -40.58 11.73 -39.75
CA TRP F 8 -41.77 11.12 -39.16
C TRP F 8 -41.75 9.60 -39.23
N ARG F 9 -40.63 8.99 -39.67
CA ARG F 9 -40.49 7.54 -39.56
C ARG F 9 -39.33 7.00 -38.77
N GLN F 10 -39.49 5.78 -38.34
CA GLN F 10 -38.46 5.16 -37.55
C GLN F 10 -37.86 4.05 -38.32
N THR F 11 -36.59 3.80 -38.07
CA THR F 11 -35.91 2.78 -38.84
C THR F 11 -36.47 1.43 -38.48
N TRP F 12 -36.73 1.17 -37.17
CA TRP F 12 -36.89 -0.20 -36.67
C TRP F 12 -38.21 -0.32 -35.84
N SER F 13 -38.54 -1.56 -35.51
CA SER F 13 -39.76 -1.93 -34.79
C SER F 13 -39.57 -1.91 -33.30
N GLY F 14 -38.34 -2.01 -32.80
CA GLY F 14 -38.20 -2.27 -31.33
C GLY F 14 -37.85 -0.93 -30.64
N PRO F 15 -37.86 -0.92 -29.28
CA PRO F 15 -37.44 0.17 -28.50
C PRO F 15 -36.02 0.58 -28.91
N GLY F 16 -35.78 1.88 -28.86
CA GLY F 16 -34.41 2.42 -29.04
C GLY F 16 -33.52 2.24 -27.82
N THR F 17 -32.25 2.62 -27.98
CA THR F 17 -31.30 2.54 -26.88
C THR F 17 -31.85 3.24 -25.61
N THR F 18 -31.59 2.63 -24.46
CA THR F 18 -32.12 3.12 -23.24
C THR F 18 -31.50 4.48 -23.02
N LYS F 19 -32.26 5.42 -22.46
CA LYS F 19 -31.72 6.79 -22.47
C LYS F 19 -30.55 6.76 -21.51
N ARG F 20 -29.51 7.55 -21.78
CA ARG F 20 -28.34 7.65 -20.94
C ARG F 20 -27.61 6.36 -20.80
N PHE F 21 -27.89 5.46 -21.77
CA PHE F 21 -27.08 4.27 -22.02
C PHE F 21 -25.57 4.48 -21.67
N PRO F 22 -24.87 5.43 -22.33
CA PRO F 22 -23.45 5.62 -22.01
C PRO F 22 -23.18 5.83 -20.49
N GLU F 23 -23.93 6.72 -19.85
CA GLU F 23 -23.65 7.06 -18.47
C GLU F 23 -23.95 5.84 -17.66
N THR F 24 -24.99 5.14 -18.07
CA THR F 24 -25.39 4.02 -17.27
C THR F 24 -24.36 2.88 -17.24
N VAL F 25 -23.84 2.52 -18.43
CA VAL F 25 -22.92 1.42 -18.54
C VAL F 25 -21.65 1.77 -17.82
N LEU F 26 -21.17 3.01 -18.01
CA LEU F 26 -20.06 3.46 -17.21
C LEU F 26 -20.34 3.29 -15.70
N ALA F 27 -21.48 3.81 -15.22
CA ALA F 27 -21.75 3.84 -13.78
C ALA F 27 -21.87 2.41 -13.26
N ARG F 28 -22.46 1.54 -14.06
CA ARG F 28 -22.58 0.16 -13.65
C ARG F 28 -21.20 -0.47 -13.56
N CYS F 29 -20.31 -0.09 -14.46
CA CYS F 29 -18.97 -0.68 -14.47
C CYS F 29 -18.23 -0.26 -13.20
N VAL F 30 -18.28 1.04 -12.93
CA VAL F 30 -17.73 1.55 -11.66
C VAL F 30 -18.23 0.80 -10.43
N LYS F 31 -19.54 0.88 -10.21
CA LYS F 31 -20.15 0.21 -9.06
C LYS F 31 -19.77 -1.28 -9.01
N TYR F 32 -19.70 -1.97 -10.15
CA TYR F 32 -19.39 -3.43 -10.15
C TYR F 32 -18.02 -3.68 -9.51
N THR F 33 -17.05 -2.85 -9.87
CA THR F 33 -15.65 -3.04 -9.49
C THR F 33 -15.42 -2.72 -8.03
N GLU F 34 -16.31 -1.86 -7.51
CA GLU F 34 -16.31 -1.41 -6.12
C GLU F 34 -16.96 -2.46 -5.28
N ILE F 35 -17.68 -3.35 -5.91
CA ILE F 35 -18.31 -4.39 -5.18
C ILE F 35 -17.48 -5.67 -5.32
N HIS F 36 -16.75 -5.77 -6.44
CA HIS F 36 -16.00 -6.97 -6.76
C HIS F 36 -14.53 -6.74 -6.84
N PRO F 37 -13.86 -6.62 -5.68
CA PRO F 37 -12.48 -6.14 -5.74
C PRO F 37 -11.61 -6.95 -6.71
N GLU F 38 -12.00 -8.20 -6.98
CA GLU F 38 -11.21 -9.05 -7.89
C GLU F 38 -11.20 -8.49 -9.32
N MET F 39 -12.08 -7.52 -9.58
CA MET F 39 -12.21 -6.93 -10.93
C MET F 39 -11.70 -5.48 -11.02
N ARG F 40 -10.99 -5.00 -10.01
CA ARG F 40 -10.60 -3.58 -9.98
C ARG F 40 -9.50 -3.25 -10.98
N HIS F 41 -8.85 -4.31 -11.47
CA HIS F 41 -7.91 -4.24 -12.61
C HIS F 41 -8.59 -3.75 -13.89
N VAL F 42 -9.92 -3.81 -13.90
CA VAL F 42 -10.70 -3.30 -15.04
C VAL F 42 -10.72 -1.76 -15.13
N ASP F 43 -10.60 -1.19 -16.32
CA ASP F 43 -10.69 0.26 -16.44
C ASP F 43 -11.99 0.48 -17.13
N CYS F 44 -12.89 1.17 -16.44
CA CYS F 44 -14.28 1.26 -16.89
C CYS F 44 -14.42 2.09 -18.20
N GLN F 45 -13.54 3.09 -18.40
CA GLN F 45 -13.52 3.80 -19.68
C GLN F 45 -13.13 2.90 -20.87
N SER F 46 -12.09 2.09 -20.68
CA SER F 46 -11.70 1.15 -21.75
C SER F 46 -12.83 0.12 -22.01
N VAL F 47 -13.49 -0.23 -20.91
CA VAL F 47 -14.61 -1.14 -21.00
C VAL F 47 -15.75 -0.51 -21.84
N TRP F 48 -16.15 0.73 -21.51
CA TRP F 48 -17.21 1.42 -22.29
C TRP F 48 -16.76 1.52 -23.73
N ASP F 49 -15.56 2.01 -23.91
CA ASP F 49 -14.98 2.07 -25.25
C ASP F 49 -15.14 0.84 -26.16
N ALA F 50 -14.73 -0.31 -25.64
CA ALA F 50 -14.85 -1.60 -26.32
C ALA F 50 -16.32 -1.96 -26.57
N PHE F 51 -17.19 -1.59 -25.64
CA PHE F 51 -18.64 -1.85 -25.79
C PHE F 51 -19.24 -1.09 -26.99
N LYS F 52 -19.19 0.24 -26.85
CA LYS F 52 -19.61 1.18 -27.91
C LYS F 52 -19.02 0.83 -29.31
N GLY F 53 -17.72 0.54 -29.38
CA GLY F 53 -17.16 0.26 -30.70
C GLY F 53 -17.56 -1.10 -31.24
N ALA F 54 -18.16 -1.97 -30.42
CA ALA F 54 -18.82 -3.21 -30.89
C ALA F 54 -19.99 -2.88 -31.87
N PHE F 55 -20.68 -1.78 -31.63
CA PHE F 55 -21.89 -1.57 -32.43
C PHE F 55 -22.05 -0.13 -33.07
N ILE F 56 -21.17 0.78 -32.72
CA ILE F 56 -21.29 2.15 -33.31
C ILE F 56 -20.79 2.17 -34.70
N SER F 57 -21.40 3.01 -35.53
CA SER F 57 -21.04 3.11 -36.91
C SER F 57 -21.07 1.73 -37.61
N LYS F 58 -22.09 0.94 -37.32
CA LYS F 58 -22.15 -0.43 -37.78
C LYS F 58 -23.64 -0.70 -38.04
N HIS F 59 -23.97 -1.44 -39.10
CA HIS F 59 -25.41 -1.75 -39.40
C HIS F 59 -25.90 -2.67 -38.34
N PRO F 60 -26.93 -2.26 -37.62
CA PRO F 60 -27.47 -3.08 -36.54
C PRO F 60 -28.02 -4.46 -36.95
N CYS F 61 -27.99 -4.80 -38.21
CA CYS F 61 -28.39 -6.17 -38.61
C CYS F 61 -27.14 -7.00 -38.93
N ASP F 62 -25.97 -6.34 -38.88
CA ASP F 62 -24.76 -6.97 -39.35
C ASP F 62 -23.69 -7.24 -38.21
N ILE F 63 -24.12 -7.35 -37.00
CA ILE F 63 -23.17 -7.45 -35.89
C ILE F 63 -22.79 -8.89 -35.72
N THR F 64 -21.53 -9.15 -35.34
CA THR F 64 -21.08 -10.54 -35.17
C THR F 64 -20.45 -10.70 -33.77
N GLU F 65 -20.36 -11.91 -33.26
CA GLU F 65 -19.57 -12.11 -32.03
C GLU F 65 -18.19 -11.45 -32.14
N GLU F 66 -17.57 -11.41 -33.32
CA GLU F 66 -16.28 -10.71 -33.48
C GLU F 66 -16.35 -9.29 -33.05
N ASP F 67 -17.46 -8.62 -33.35
CA ASP F 67 -17.61 -7.25 -32.95
C ASP F 67 -17.40 -7.06 -31.42
N TYR F 68 -17.77 -8.07 -30.65
CA TYR F 68 -17.74 -7.99 -29.15
C TYR F 68 -16.47 -8.58 -28.54
N GLN F 69 -15.60 -9.11 -29.38
CA GLN F 69 -14.32 -9.65 -28.91
C GLN F 69 -13.55 -8.65 -28.03
N PRO F 70 -13.40 -7.36 -28.46
CA PRO F 70 -12.60 -6.52 -27.58
C PRO F 70 -13.25 -6.45 -26.17
N LEU F 71 -14.55 -6.17 -26.12
CA LEU F 71 -15.31 -6.23 -24.89
C LEU F 71 -15.06 -7.56 -24.14
N MET F 72 -15.25 -8.71 -24.78
CA MET F 72 -15.09 -9.99 -24.06
C MET F 72 -13.73 -10.07 -23.35
N LYS F 73 -12.72 -9.61 -24.06
CA LYS F 73 -11.38 -9.63 -23.55
C LYS F 73 -11.18 -8.68 -22.35
N LEU F 74 -11.75 -7.47 -22.38
CA LEU F 74 -11.65 -6.62 -21.15
C LEU F 74 -12.44 -7.16 -19.92
N GLY F 75 -13.64 -7.71 -20.13
CA GLY F 75 -14.42 -8.29 -19.04
C GLY F 75 -14.17 -9.78 -18.76
N THR F 76 -13.03 -10.33 -19.19
CA THR F 76 -12.55 -11.64 -18.67
C THR F 76 -12.77 -11.71 -17.17
N GLN F 77 -13.39 -12.77 -16.72
CA GLN F 77 -13.59 -12.98 -15.31
C GLN F 77 -13.73 -14.46 -15.04
N THR F 78 -12.93 -14.99 -14.13
CA THR F 78 -13.10 -16.38 -13.71
C THR F 78 -14.03 -16.42 -12.50
N VAL F 79 -15.16 -17.08 -12.65
CA VAL F 79 -15.97 -17.36 -11.49
C VAL F 79 -15.89 -18.88 -11.20
N PRO F 80 -16.07 -19.26 -9.94
CA PRO F 80 -15.82 -20.71 -9.76
C PRO F 80 -16.81 -21.48 -10.61
N CYS F 81 -16.31 -22.41 -11.45
CA CYS F 81 -17.14 -22.99 -12.49
C CYS F 81 -18.18 -23.97 -11.94
N ASN F 82 -18.08 -24.26 -10.63
CA ASN F 82 -19.01 -25.17 -9.93
C ASN F 82 -20.17 -24.49 -9.22
N LYS F 83 -20.25 -23.18 -9.40
CA LYS F 83 -21.23 -22.38 -8.66
C LYS F 83 -22.01 -21.55 -9.67
N ILE F 84 -22.41 -22.18 -10.75
CA ILE F 84 -23.14 -21.42 -11.77
C ILE F 84 -24.62 -21.80 -11.77
N LEU F 85 -25.42 -20.74 -11.90
CA LEU F 85 -26.87 -20.86 -11.89
C LEU F 85 -27.33 -20.24 -13.17
N LEU F 86 -27.83 -21.09 -14.05
CA LEU F 86 -28.53 -20.56 -15.23
C LEU F 86 -30.03 -20.39 -14.90
N TRP F 87 -30.78 -19.78 -15.84
CA TRP F 87 -32.25 -19.57 -15.68
C TRP F 87 -32.77 -19.38 -17.09
N SER F 88 -34.04 -19.71 -17.29
CA SER F 88 -34.68 -19.41 -18.56
C SER F 88 -36.04 -18.78 -18.20
N ARG F 89 -36.24 -17.52 -18.57
CA ARG F 89 -37.55 -16.89 -18.44
C ARG F 89 -38.03 -16.70 -17.00
N ILE F 90 -37.10 -16.57 -16.06
CA ILE F 90 -37.47 -16.46 -14.64
C ILE F 90 -36.29 -15.87 -13.88
N LYS F 91 -35.79 -14.80 -14.46
CA LYS F 91 -34.61 -14.10 -13.99
C LYS F 91 -34.69 -13.49 -12.60
N ASP F 92 -35.86 -13.04 -12.17
CA ASP F 92 -35.91 -12.35 -10.87
C ASP F 92 -35.64 -13.26 -9.71
N LEU F 93 -36.26 -14.44 -9.70
CA LEU F 93 -36.03 -15.42 -8.63
C LEU F 93 -34.59 -15.89 -8.67
N ALA F 94 -34.01 -16.14 -9.85
CA ALA F 94 -32.61 -16.53 -9.93
C ALA F 94 -31.71 -15.44 -9.32
N HIS F 95 -31.92 -14.17 -9.70
CA HIS F 95 -31.12 -13.11 -9.08
C HIS F 95 -31.44 -12.89 -7.63
N GLN F 96 -32.67 -13.13 -7.20
CA GLN F 96 -32.90 -12.94 -5.77
C GLN F 96 -32.08 -14.00 -5.04
N PHE F 97 -31.98 -15.19 -5.65
CA PHE F 97 -31.28 -16.31 -5.03
C PHE F 97 -29.81 -15.99 -4.86
N THR F 98 -29.17 -15.52 -5.93
CA THR F 98 -27.76 -15.25 -5.82
C THR F 98 -27.48 -14.01 -4.94
N GLN F 99 -28.45 -13.14 -4.69
CA GLN F 99 -28.24 -12.00 -3.77
C GLN F 99 -27.99 -12.46 -2.32
N VAL F 100 -28.77 -13.47 -1.92
CA VAL F 100 -28.60 -14.14 -0.65
C VAL F 100 -27.37 -15.09 -0.67
N GLN F 101 -27.37 -16.12 -1.53
CA GLN F 101 -26.20 -16.99 -1.61
C GLN F 101 -25.20 -16.32 -2.48
N ARG F 102 -24.55 -15.32 -1.85
CA ARG F 102 -23.74 -14.34 -2.56
C ARG F 102 -22.55 -15.14 -3.09
N ASP F 103 -22.80 -16.44 -3.12
CA ASP F 103 -21.83 -17.48 -3.47
C ASP F 103 -21.89 -17.99 -4.95
N MET F 104 -23.12 -18.15 -5.42
CA MET F 104 -23.49 -18.68 -6.69
C MET F 104 -23.56 -17.47 -7.63
N PHE F 105 -23.51 -17.73 -8.93
CA PHE F 105 -23.42 -16.69 -9.95
C PHE F 105 -24.36 -16.94 -11.14
N THR F 106 -25.23 -15.99 -11.44
CA THR F 106 -25.92 -16.01 -12.70
C THR F 106 -25.08 -15.19 -13.66
N LEU F 107 -25.46 -15.19 -14.94
CA LEU F 107 -24.70 -14.41 -15.90
C LEU F 107 -24.63 -12.93 -15.49
N GLU F 108 -25.70 -12.43 -14.91
CA GLU F 108 -25.81 -10.99 -14.67
C GLU F 108 -25.10 -10.63 -13.34
N ASP F 109 -24.57 -11.67 -12.65
CA ASP F 109 -23.69 -11.49 -11.54
C ASP F 109 -22.25 -11.33 -11.99
N THR F 110 -21.99 -11.57 -13.28
CA THR F 110 -20.65 -11.29 -13.84
C THR F 110 -20.61 -9.83 -14.34
N LEU F 111 -19.42 -9.23 -14.47
CA LEU F 111 -19.33 -7.80 -14.84
C LEU F 111 -20.10 -7.49 -16.12
N LEU F 112 -19.89 -8.27 -17.17
CA LEU F 112 -20.51 -7.88 -18.48
C LEU F 112 -22.01 -8.12 -18.52
N GLY F 113 -22.50 -9.19 -17.87
CA GLY F 113 -23.94 -9.46 -17.83
C GLY F 113 -24.53 -8.39 -16.96
N TYR F 114 -23.78 -7.97 -15.96
CA TYR F 114 -24.24 -6.95 -15.03
C TYR F 114 -24.29 -5.55 -15.76
N LEU F 115 -23.31 -5.27 -16.64
CA LEU F 115 -23.32 -3.97 -17.36
C LEU F 115 -24.54 -3.88 -18.31
N ALA F 116 -24.98 -5.03 -18.85
CA ALA F 116 -25.99 -5.05 -19.92
C ALA F 116 -27.43 -5.30 -19.49
N ASP F 117 -27.59 -5.82 -18.28
CA ASP F 117 -28.87 -6.36 -17.91
C ASP F 117 -29.96 -5.31 -18.08
N ASP F 118 -31.08 -5.69 -18.69
CA ASP F 118 -32.25 -4.77 -18.87
C ASP F 118 -32.02 -3.57 -19.83
N LEU F 119 -30.86 -3.47 -20.47
CA LEU F 119 -30.69 -2.34 -21.39
C LEU F 119 -30.87 -2.80 -22.87
N THR F 120 -31.13 -1.81 -23.75
CA THR F 120 -31.18 -1.92 -25.19
C THR F 120 -30.25 -0.87 -25.73
N TRP F 121 -29.61 -1.19 -26.86
CA TRP F 121 -28.73 -0.24 -27.60
C TRP F 121 -28.61 -0.71 -29.07
N CYS F 122 -28.37 0.23 -30.01
CA CYS F 122 -27.94 -0.08 -31.33
C CYS F 122 -27.39 1.26 -31.86
N GLY F 123 -26.64 1.23 -32.95
CA GLY F 123 -26.14 2.48 -33.59
C GLY F 123 -26.75 2.53 -34.97
N GLU F 124 -26.02 3.14 -35.91
CA GLU F 124 -26.45 3.25 -37.30
C GLU F 124 -25.29 2.97 -38.15
N PHE F 125 -25.53 2.42 -39.33
CA PHE F 125 -24.43 2.27 -40.30
C PHE F 125 -23.82 3.56 -40.79
N ASP F 126 -24.59 4.57 -41.08
CA ASP F 126 -23.91 5.76 -41.66
C ASP F 126 -23.53 6.91 -40.72
N THR F 127 -23.34 6.64 -39.43
CA THR F 127 -23.20 7.74 -38.52
C THR F 127 -22.57 7.14 -37.31
N SER F 128 -21.94 7.96 -36.47
CA SER F 128 -21.42 7.45 -35.20
C SER F 128 -22.43 7.57 -34.07
N LYS F 129 -23.66 7.94 -34.36
CA LYS F 129 -24.64 8.20 -33.28
C LYS F 129 -25.24 6.87 -32.76
N ILE F 130 -25.62 6.92 -31.48
CA ILE F 130 -26.43 5.87 -30.84
C ILE F 130 -27.85 6.17 -31.24
N ASN F 131 -28.62 5.13 -31.63
CA ASN F 131 -30.00 5.36 -32.02
C ASN F 131 -30.91 5.23 -30.80
N TYR F 132 -31.42 6.36 -30.27
CA TYR F 132 -32.26 6.45 -29.08
C TYR F 132 -33.72 6.36 -29.47
N GLN F 133 -33.99 6.33 -30.76
CA GLN F 133 -35.36 6.23 -31.27
C GLN F 133 -35.97 4.81 -31.43
N SER F 134 -35.23 3.92 -32.09
CA SER F 134 -35.64 2.49 -32.24
C SER F 134 -34.40 1.63 -32.58
N CYS F 135 -34.52 0.32 -32.34
CA CYS F 135 -33.50 -0.68 -32.59
C CYS F 135 -34.25 -1.89 -33.11
N PRO F 136 -33.52 -2.75 -33.77
CA PRO F 136 -34.13 -3.86 -34.48
C PRO F 136 -34.85 -4.72 -33.53
N ASP F 137 -36.05 -5.16 -33.93
CA ASP F 137 -36.75 -6.16 -33.14
C ASP F 137 -36.20 -7.51 -33.64
N TRP F 138 -35.72 -8.33 -32.74
CA TRP F 138 -35.18 -9.65 -33.07
C TRP F 138 -36.06 -10.41 -34.02
N ARG F 139 -37.38 -10.39 -33.82
CA ARG F 139 -38.30 -11.09 -34.72
C ARG F 139 -38.74 -10.33 -35.91
N LYS F 140 -39.14 -9.08 -35.71
CA LYS F 140 -39.69 -8.39 -36.89
C LYS F 140 -38.62 -7.79 -37.84
N ASP F 141 -37.43 -7.52 -37.30
CA ASP F 141 -36.39 -6.85 -38.08
C ASP F 141 -35.31 -7.82 -38.41
N CYS F 142 -34.45 -8.10 -37.46
CA CYS F 142 -33.31 -8.95 -37.70
C CYS F 142 -32.72 -9.50 -36.38
N SER F 143 -32.30 -10.76 -36.43
CA SER F 143 -31.80 -11.38 -35.19
C SER F 143 -30.33 -11.08 -34.91
N ASN F 144 -29.59 -10.64 -35.91
CA ASN F 144 -28.17 -10.25 -35.69
C ASN F 144 -27.94 -8.76 -35.33
N ASN F 145 -28.68 -8.32 -34.31
CA ASN F 145 -28.77 -6.94 -33.83
C ASN F 145 -27.79 -6.84 -32.59
N PRO F 146 -27.36 -5.64 -32.24
CA PRO F 146 -26.36 -5.53 -31.11
C PRO F 146 -26.72 -6.24 -29.77
N VAL F 147 -27.99 -6.15 -29.35
CA VAL F 147 -28.40 -6.78 -28.12
C VAL F 147 -28.38 -8.29 -28.20
N SER F 148 -29.16 -8.88 -29.13
CA SER F 148 -29.17 -10.32 -29.26
C SER F 148 -27.76 -10.89 -29.37
N VAL F 149 -26.91 -10.22 -30.15
CA VAL F 149 -25.62 -10.85 -30.50
C VAL F 149 -24.73 -10.81 -29.27
N PHE F 150 -24.80 -9.71 -28.58
CA PHE F 150 -24.20 -9.61 -27.21
C PHE F 150 -24.53 -10.80 -26.29
N TRP F 151 -25.80 -11.10 -26.07
CA TRP F 151 -26.16 -12.08 -25.03
C TRP F 151 -25.78 -13.46 -25.51
N LYS F 152 -25.97 -13.72 -26.82
CA LYS F 152 -25.65 -15.02 -27.39
C LYS F 152 -24.16 -15.27 -27.09
N THR F 153 -23.39 -14.19 -27.25
CA THR F 153 -21.95 -14.21 -27.17
C THR F 153 -21.50 -14.44 -25.74
N VAL F 154 -21.97 -13.64 -24.82
CA VAL F 154 -21.52 -13.84 -23.46
C VAL F 154 -22.12 -15.12 -22.85
N SER F 155 -23.37 -15.45 -23.21
CA SER F 155 -24.03 -16.68 -22.73
C SER F 155 -23.28 -18.00 -23.03
N ARG F 156 -22.81 -18.11 -24.26
CA ARG F 156 -22.00 -19.19 -24.80
C ARG F 156 -20.68 -19.34 -24.00
N ARG F 157 -19.99 -18.24 -23.78
CA ARG F 157 -18.78 -18.24 -22.99
C ARG F 157 -19.11 -18.68 -21.59
N PHE F 158 -20.20 -18.13 -21.04
CA PHE F 158 -20.53 -18.46 -19.67
C PHE F 158 -20.77 -19.97 -19.57
N ALA F 159 -21.63 -20.51 -20.44
CA ALA F 159 -21.94 -21.95 -20.45
C ALA F 159 -20.68 -22.86 -20.58
N GLU F 160 -19.78 -22.48 -21.50
CA GLU F 160 -18.55 -23.20 -21.76
C GLU F 160 -17.63 -23.22 -20.53
N ALA F 161 -17.60 -22.16 -19.73
CA ALA F 161 -16.73 -22.19 -18.55
C ALA F 161 -17.33 -22.98 -17.37
N ALA F 162 -18.53 -23.48 -17.50
CA ALA F 162 -19.14 -24.20 -16.36
C ALA F 162 -18.62 -25.64 -16.12
N CYS F 163 -18.79 -26.14 -14.88
CA CYS F 163 -18.25 -27.45 -14.52
C CYS F 163 -18.99 -28.07 -13.32
N ASP F 164 -18.76 -29.37 -13.13
CA ASP F 164 -19.42 -30.14 -12.05
C ASP F 164 -20.91 -30.06 -12.13
N VAL F 165 -21.50 -29.52 -11.07
CA VAL F 165 -22.95 -29.38 -11.06
C VAL F 165 -23.36 -27.97 -11.50
N VAL F 166 -24.03 -27.90 -12.66
CA VAL F 166 -24.68 -26.72 -13.07
C VAL F 166 -26.20 -26.77 -12.79
N HIS F 167 -26.72 -25.73 -12.16
CA HIS F 167 -28.15 -25.63 -11.84
C HIS F 167 -28.84 -24.67 -12.82
N VAL F 168 -30.10 -24.95 -13.16
CA VAL F 168 -30.83 -23.97 -13.99
C VAL F 168 -32.20 -23.82 -13.36
N MET F 169 -32.59 -22.55 -13.11
CA MET F 169 -33.97 -22.31 -12.69
C MET F 169 -34.87 -22.13 -13.91
N LEU F 170 -35.98 -22.87 -13.92
CA LEU F 170 -37.00 -22.87 -15.01
C LEU F 170 -38.39 -22.45 -14.45
N ASP F 171 -39.18 -21.74 -15.24
CA ASP F 171 -40.46 -21.27 -14.74
C ASP F 171 -41.54 -22.30 -14.98
N GLY F 172 -42.01 -22.89 -13.89
CA GLY F 172 -42.95 -23.97 -13.99
C GLY F 172 -44.31 -23.45 -14.40
N SER F 173 -44.50 -22.15 -14.43
CA SER F 173 -45.85 -21.70 -14.67
C SER F 173 -45.99 -21.34 -16.16
N ARG F 174 -44.87 -21.44 -16.87
CA ARG F 174 -44.84 -21.09 -18.29
C ARG F 174 -45.39 -22.19 -19.18
N SER F 175 -45.34 -21.91 -20.48
CA SER F 175 -46.05 -22.73 -21.45
C SER F 175 -45.20 -23.92 -21.77
N LYS F 176 -43.95 -23.61 -22.06
CA LYS F 176 -42.88 -24.56 -22.24
C LYS F 176 -41.99 -24.29 -21.05
N ILE F 177 -41.93 -25.21 -20.09
CA ILE F 177 -41.10 -24.94 -18.93
C ILE F 177 -39.66 -24.81 -19.47
N PHE F 178 -39.25 -25.83 -20.21
CA PHE F 178 -38.06 -25.76 -21.03
C PHE F 178 -38.45 -25.47 -22.45
N ASP F 179 -37.89 -24.40 -23.01
CA ASP F 179 -38.14 -24.02 -24.38
C ASP F 179 -36.84 -24.16 -25.19
N LYS F 180 -36.78 -25.16 -26.07
CA LYS F 180 -35.58 -25.42 -26.86
C LYS F 180 -35.10 -24.20 -27.62
N ASP F 181 -36.01 -23.26 -27.85
CA ASP F 181 -35.74 -22.11 -28.68
C ASP F 181 -35.36 -20.89 -27.92
N SER F 182 -35.49 -20.87 -26.59
CA SER F 182 -34.99 -19.72 -25.82
C SER F 182 -33.45 -19.74 -25.89
N THR F 183 -32.80 -18.83 -25.18
CA THR F 183 -31.34 -18.78 -25.22
C THR F 183 -30.82 -19.92 -24.41
N PHE F 184 -31.41 -20.15 -23.25
CA PHE F 184 -30.97 -21.31 -22.51
C PHE F 184 -31.12 -22.56 -23.40
N GLY F 185 -32.24 -22.69 -24.10
CA GLY F 185 -32.48 -23.88 -24.91
C GLY F 185 -31.59 -23.98 -26.15
N SER F 186 -31.14 -22.87 -26.70
CA SER F 186 -30.46 -22.94 -27.98
C SER F 186 -28.98 -22.56 -27.96
N VAL F 187 -28.52 -21.94 -26.88
CA VAL F 187 -27.15 -21.56 -26.78
C VAL F 187 -26.54 -22.24 -25.56
N GLU F 188 -27.07 -21.92 -24.37
CA GLU F 188 -26.38 -22.21 -23.15
C GLU F 188 -26.34 -23.72 -23.02
N VAL F 189 -27.49 -24.35 -23.21
CA VAL F 189 -27.60 -25.78 -22.94
C VAL F 189 -26.62 -26.57 -23.80
N HIS F 190 -26.26 -26.00 -24.93
CA HIS F 190 -25.52 -26.77 -25.94
C HIS F 190 -24.03 -26.59 -25.74
N ASN F 191 -23.69 -25.65 -24.85
CA ASN F 191 -22.30 -25.28 -24.57
C ASN F 191 -21.74 -25.75 -23.22
N LEU F 192 -22.55 -26.53 -22.51
CA LEU F 192 -22.14 -27.25 -21.32
C LEU F 192 -21.25 -28.45 -21.70
N GLN F 193 -19.98 -28.43 -21.29
CA GLN F 193 -19.03 -29.39 -21.82
C GLN F 193 -19.00 -30.67 -21.04
N PRO F 194 -19.30 -31.80 -21.71
CA PRO F 194 -19.31 -33.09 -21.03
C PRO F 194 -18.03 -33.32 -20.23
N GLU F 195 -16.93 -32.73 -20.68
CA GLU F 195 -15.64 -32.98 -20.06
C GLU F 195 -15.50 -32.23 -18.73
N LYS F 196 -16.45 -31.38 -18.42
CA LYS F 196 -16.36 -30.52 -17.23
C LYS F 196 -17.60 -30.58 -16.34
N VAL F 197 -18.74 -30.67 -17.00
CA VAL F 197 -20.01 -30.70 -16.31
C VAL F 197 -20.37 -32.16 -16.13
N GLN F 198 -20.52 -32.57 -14.87
CA GLN F 198 -20.95 -33.90 -14.62
C GLN F 198 -22.46 -33.96 -14.51
N THR F 199 -23.10 -32.86 -14.16
CA THR F 199 -24.54 -32.88 -13.90
C THR F 199 -25.19 -31.53 -14.27
N LEU F 200 -26.36 -31.58 -14.93
CA LEU F 200 -27.26 -30.40 -14.96
C LEU F 200 -28.49 -30.64 -14.10
N GLU F 201 -28.74 -29.75 -13.16
CA GLU F 201 -29.87 -29.96 -12.29
C GLU F 201 -30.85 -28.81 -12.49
N ALA F 202 -32.10 -29.18 -12.81
CA ALA F 202 -33.15 -28.17 -13.03
C ALA F 202 -33.93 -27.99 -11.73
N TRP F 203 -34.23 -26.72 -11.44
CA TRP F 203 -35.11 -26.33 -10.36
C TRP F 203 -36.35 -25.76 -11.05
N VAL F 204 -37.42 -26.55 -11.10
CA VAL F 204 -38.65 -26.09 -11.73
C VAL F 204 -39.47 -25.27 -10.72
N ILE F 205 -39.40 -23.96 -10.85
CA ILE F 205 -40.18 -23.05 -9.96
C ILE F 205 -41.68 -23.08 -10.19
N HIS F 206 -42.45 -23.53 -9.21
CA HIS F 206 -43.89 -23.39 -9.34
C HIS F 206 -44.29 -21.98 -8.89
N GLY F 207 -43.89 -20.95 -9.59
CA GLY F 207 -44.15 -19.58 -9.11
C GLY F 207 -45.56 -19.05 -9.40
N GLY F 208 -46.52 -19.92 -9.67
CA GLY F 208 -47.84 -19.46 -10.05
C GLY F 208 -48.82 -19.77 -8.96
N ARG F 209 -49.89 -20.50 -9.28
CA ARG F 209 -50.87 -20.84 -8.29
C ARG F 209 -50.55 -22.22 -7.72
N GLU F 210 -51.13 -22.57 -6.58
CA GLU F 210 -50.83 -23.86 -6.01
C GLU F 210 -50.91 -24.92 -7.09
N ASP F 211 -49.77 -25.48 -7.43
CA ASP F 211 -49.72 -26.50 -8.44
C ASP F 211 -49.47 -27.85 -7.73
N SER F 212 -48.23 -28.17 -7.40
CA SER F 212 -48.05 -29.46 -6.70
C SER F 212 -48.20 -30.73 -7.55
N ARG F 213 -48.30 -30.56 -8.87
CA ARG F 213 -47.90 -31.62 -9.79
C ARG F 213 -46.38 -31.80 -9.83
N ASP F 214 -45.92 -33.05 -10.02
CA ASP F 214 -44.51 -33.29 -10.27
C ASP F 214 -44.23 -32.80 -11.69
N LEU F 215 -43.75 -31.58 -11.80
CA LEU F 215 -43.55 -30.93 -13.09
C LEU F 215 -42.30 -31.43 -13.78
N CYS F 216 -41.52 -32.23 -13.05
CA CYS F 216 -40.31 -32.79 -13.61
C CYS F 216 -40.73 -33.86 -14.61
N GLN F 217 -42.00 -34.26 -14.55
CA GLN F 217 -42.57 -35.17 -15.55
C GLN F 217 -43.08 -34.42 -16.80
N ASP F 218 -42.95 -33.09 -16.81
CA ASP F 218 -43.45 -32.33 -17.97
C ASP F 218 -42.78 -32.81 -19.25
N PRO F 219 -43.53 -32.85 -20.38
CA PRO F 219 -43.01 -33.25 -21.67
C PRO F 219 -41.74 -32.48 -22.08
N THR F 220 -41.70 -31.15 -21.88
CA THR F 220 -40.44 -30.40 -22.16
C THR F 220 -39.28 -30.78 -21.23
N ILE F 221 -39.59 -31.14 -19.99
CA ILE F 221 -38.54 -31.39 -19.08
C ILE F 221 -37.95 -32.74 -19.50
N LYS F 222 -38.80 -33.69 -19.85
CA LYS F 222 -38.31 -34.99 -20.31
C LYS F 222 -37.51 -34.74 -21.60
N GLU F 223 -37.90 -33.72 -22.36
CA GLU F 223 -37.12 -33.43 -23.51
C GLU F 223 -35.71 -32.90 -23.12
N LEU F 224 -35.60 -31.99 -22.18
CA LEU F 224 -34.29 -31.45 -21.84
C LEU F 224 -33.42 -32.55 -21.27
N GLU F 225 -34.03 -33.46 -20.53
CA GLU F 225 -33.26 -34.53 -19.97
C GLU F 225 -32.64 -35.38 -21.09
N SER F 226 -33.35 -35.46 -22.22
CA SER F 226 -32.89 -36.31 -23.33
C SER F 226 -31.67 -35.66 -23.95
N ILE F 227 -31.66 -34.34 -23.95
CA ILE F 227 -30.56 -33.57 -24.51
C ILE F 227 -29.26 -33.71 -23.71
N ILE F 228 -29.31 -33.49 -22.41
CA ILE F 228 -28.06 -33.53 -21.72
C ILE F 228 -27.60 -35.00 -21.50
N SER F 229 -28.54 -35.95 -21.45
CA SER F 229 -28.17 -37.37 -21.45
C SER F 229 -27.34 -37.65 -22.72
N LYS F 230 -27.80 -37.10 -23.83
CA LYS F 230 -27.08 -37.21 -25.10
C LYS F 230 -25.70 -36.57 -25.07
N ARG F 231 -25.56 -35.48 -24.32
CA ARG F 231 -24.25 -34.83 -24.14
C ARG F 231 -23.38 -35.59 -23.14
N ASN F 232 -23.90 -36.68 -22.61
CA ASN F 232 -23.13 -37.53 -21.69
C ASN F 232 -23.08 -36.82 -20.35
N ILE F 233 -24.17 -36.18 -19.98
CA ILE F 233 -24.23 -35.40 -18.73
C ILE F 233 -25.38 -35.91 -17.87
N GLN F 234 -25.13 -36.01 -16.56
CA GLN F 234 -26.17 -36.31 -15.55
C GLN F 234 -27.24 -35.21 -15.44
N PHE F 235 -28.48 -35.60 -15.70
CA PHE F 235 -29.61 -34.76 -15.52
C PHE F 235 -30.32 -35.06 -14.17
N SER F 236 -30.68 -34.00 -13.47
CA SER F 236 -31.38 -34.10 -12.21
C SER F 236 -32.45 -32.98 -12.22
N CYS F 237 -33.58 -33.20 -11.54
CA CYS F 237 -34.66 -32.19 -11.56
C CYS F 237 -35.32 -32.16 -10.21
N LYS F 238 -35.68 -30.96 -9.78
CA LYS F 238 -36.31 -30.75 -8.46
C LYS F 238 -37.48 -29.77 -8.59
N ASN F 239 -38.65 -30.12 -8.07
CA ASN F 239 -39.75 -29.15 -8.01
C ASN F 239 -39.50 -28.20 -6.85
N ILE F 240 -39.60 -26.89 -7.10
CA ILE F 240 -39.72 -25.93 -6.00
C ILE F 240 -41.21 -25.52 -5.83
N TYR F 241 -41.90 -26.22 -4.95
CA TYR F 241 -43.34 -26.07 -4.87
C TYR F 241 -43.78 -24.71 -4.34
N ARG F 242 -42.96 -24.14 -3.46
CA ARG F 242 -43.31 -22.95 -2.67
C ARG F 242 -42.13 -21.96 -2.69
N PRO F 243 -41.95 -21.26 -3.80
CA PRO F 243 -40.78 -20.40 -4.00
C PRO F 243 -40.58 -19.29 -2.94
N ASP F 244 -41.66 -18.84 -2.30
CA ASP F 244 -41.56 -17.78 -1.27
C ASP F 244 -40.91 -18.30 0.02
N LYS F 245 -41.45 -19.39 0.57
CA LYS F 245 -40.73 -20.13 1.62
C LYS F 245 -39.34 -20.66 1.16
N PHE F 246 -39.19 -21.03 -0.12
CA PHE F 246 -37.89 -21.48 -0.60
C PHE F 246 -36.88 -20.38 -0.31
N LEU F 247 -37.19 -19.17 -0.74
CA LEU F 247 -36.28 -18.05 -0.57
C LEU F 247 -36.09 -17.65 0.91
N GLN F 248 -37.08 -17.97 1.74
CA GLN F 248 -36.98 -17.74 3.19
C GLN F 248 -35.94 -18.70 3.73
N CYS F 249 -36.06 -19.95 3.32
CA CYS F 249 -35.11 -20.94 3.70
C CYS F 249 -33.73 -20.56 3.22
N VAL F 250 -33.62 -19.96 2.05
CA VAL F 250 -32.29 -19.62 1.53
C VAL F 250 -31.61 -18.53 2.38
N LYS F 251 -32.41 -17.63 2.94
CA LYS F 251 -31.90 -16.47 3.70
C LYS F 251 -31.72 -16.80 5.15
N ASN F 252 -32.36 -17.88 5.58
CA ASN F 252 -32.36 -18.30 6.95
C ASN F 252 -32.43 -19.80 7.00
N PRO F 253 -31.30 -20.42 6.75
CA PRO F 253 -31.19 -21.87 6.70
C PRO F 253 -31.09 -22.41 8.11
N GLU F 254 -31.12 -23.75 8.24
CA GLU F 254 -31.24 -24.38 9.57
C GLU F 254 -32.54 -23.90 10.21
N ASP F 255 -32.77 -22.60 10.11
CA ASP F 255 -33.94 -21.97 10.70
C ASP F 255 -35.25 -22.35 9.98
N SER F 256 -36.11 -23.03 10.75
CA SER F 256 -37.47 -23.45 10.35
C SER F 256 -37.53 -24.97 10.13
N SER F 257 -38.31 -25.37 9.13
CA SER F 257 -38.18 -26.70 8.53
C SER F 257 -37.85 -26.39 7.08
N CYS F 258 -36.55 -26.37 6.78
CA CYS F 258 -36.07 -25.92 5.48
C CYS F 258 -35.33 -27.02 4.69
P RF5 G . -16.54 -4.70 22.44
C1 RF5 G . -15.31 -9.50 24.42
C2 RF5 G . -16.60 -10.11 23.92
F2 RF5 G . -17.29 -10.43 25.04
C3 RF5 G . -17.25 -9.04 23.07
O3 RF5 G . -17.96 -9.73 22.07
C4 RF5 G . -15.97 -8.44 22.50
O4 RF5 G . -15.22 -8.30 23.72
C5 RF5 G . -16.15 -7.13 21.77
O5 RF5 G . -16.72 -6.22 22.73
OP1 RF5 G . -15.05 -4.54 22.63
OP2 RF5 G . -17.03 -4.47 21.01
OP3 RF5 G . -17.52 -4.09 23.41
P RF5 H . 28.37 19.68 20.71
C1 RF5 H . 29.95 14.66 22.39
C2 RF5 H . 28.48 14.22 22.15
F2 RF5 H . 27.83 13.94 23.33
C3 RF5 H . 27.80 15.32 21.37
O3 RF5 H . 26.95 14.60 20.47
C4 RF5 H . 29.09 15.93 20.83
O4 RF5 H . 29.93 16.01 22.03
C5 RF5 H . 28.98 17.25 20.07
O5 RF5 H . 28.22 18.12 20.90
OP1 RF5 H . 29.85 19.92 20.93
OP2 RF5 H . 27.95 20.00 19.29
OP3 RF5 H . 27.51 20.15 21.79
P RF5 I . 6.32 -40.06 25.99
C1 RF5 I . 11.20 -39.62 26.05
C2 RF5 I . 11.53 -38.26 26.61
F2 RF5 I . 11.63 -37.38 25.58
C3 RF5 I . 10.47 -37.92 27.66
O3 RF5 I . 11.11 -37.73 28.96
C4 RF5 I . 9.64 -39.20 27.73
O4 RF5 I . 10.10 -40.10 26.76
C5 RF5 I . 8.16 -38.97 27.50
O5 RF5 I . 7.79 -39.51 26.26
OP1 RF5 I . 6.38 -41.55 26.11
OP2 RF5 I . 5.49 -39.43 27.08
OP3 RF5 I . 6.15 -39.62 24.57
P RF5 J . 11.65 9.69 -24.64
C1 RF5 J . 16.71 10.21 -24.45
C2 RF5 J . 16.94 11.63 -23.96
F2 RF5 J . 17.41 12.38 -25.00
C3 RF5 J . 15.57 12.02 -23.48
O3 RF5 J . 15.58 13.07 -22.50
C4 RF5 J . 15.02 10.73 -22.90
O4 RF5 J . 15.62 9.70 -23.68
C5 RF5 J . 13.50 10.65 -23.02
O5 RF5 J . 13.16 10.05 -24.27
OP1 RF5 J . 11.52 8.19 -24.57
OP2 RF5 J . 10.81 10.40 -23.60
OP3 RF5 J . 11.45 10.23 -26.05
P RF5 K . -11.78 43.78 -27.63
C1 RF5 K . -10.32 39.28 -25.62
C2 RF5 K . -11.58 38.51 -25.97
F2 RF5 K . -12.27 38.11 -24.84
C3 RF5 K . -12.33 39.40 -26.96
O3 RF5 K . -13.00 38.50 -27.83
C4 RF5 K . -11.11 40.05 -27.66
O4 RF5 K . -10.21 40.31 -26.60
C5 RF5 K . -11.25 41.35 -28.40
O5 RF5 K . -11.89 42.20 -27.45
OP1 RF5 K . -10.30 44.08 -27.57
OP2 RF5 K . -12.23 44.05 -29.02
OP3 RF5 K . -12.58 44.29 -26.48
P RF5 L . -33.84 -17.31 -21.93
C1 RF5 L . -29.00 -16.87 -21.74
C2 RF5 L . -28.73 -15.38 -21.52
F2 RF5 L . -28.32 -14.69 -22.61
C3 RF5 L . -30.07 -14.80 -21.20
O3 RF5 L . -29.94 -13.51 -20.56
C4 RF5 L . -30.64 -15.96 -20.38
O4 RF5 L . -30.17 -17.20 -21.00
C5 RF5 L . -32.14 -15.94 -20.48
O5 RF5 L . -32.38 -16.83 -21.54
OP1 RF5 L . -33.62 -18.80 -21.89
OP2 RF5 L . -34.82 -16.70 -20.96
OP3 RF5 L . -33.94 -16.74 -23.34
#